data_5LDZ
#
_entry.id   5LDZ
#
_cell.length_a   121.519
_cell.length_b   121.519
_cell.length_c   316.580
_cell.angle_alpha   90.000
_cell.angle_beta   90.000
_cell.angle_gamma   90.000
#
_symmetry.space_group_name_H-M   'P 41 21 2'
#
loop_
_entity.id
_entity.type
_entity.pdbx_description
1 polymer 'Fructose-1,6-bisphosphatase 1'
2 non-polymer 'ZINC ION'
3 non-polymer 'SULFATE ION'
4 non-polymer 'CHLORIDE ION'
5 water water
#
_entity_poly.entity_id   1
_entity_poly.type   'polypeptide(L)'
_entity_poly.pdbx_seq_one_letter_code
;MADQAPFDTDVNTLTRFVMEEGRKARGTGELTQLLNSLCTAVKAISSAVRKAGIAHLYGIAGSTNVTGDQVKKLDVLSND
LVMNMLKSSFATCVLVSEEDKHAIIVEPEKRGKYVVCFDPLDGSSNIDCLVSVGTIFGIYRKKSTDEPSEKDALQPGRNL
VAAGYALYGSATMLVLAMDCGVNCFMLDPAIGEFILVDKDVKIKKKGKIYSLNEGYARDFDPAVTEYIQRKKFPPDNSAP
YGARYVGSMVADVHRTLVYGGIFLYPANKKSPNGKLRLLYECNPMAYVMEKAGGMATTGKEAVLDVIPTDIHQRAPVILG
SPDDVLEFLKVYEKHSAQ
;
_entity_poly.pdbx_strand_id   A,B,C,D,E,F
#
loop_
_chem_comp.id
_chem_comp.type
_chem_comp.name
_chem_comp.formula
CL non-polymer 'CHLORIDE ION' 'Cl -1'
SO4 non-polymer 'SULFATE ION' 'O4 S -2'
ZN non-polymer 'ZINC ION' 'Zn 2'
#
# COMPACT_ATOMS: atom_id res chain seq x y z
N PRO A 6 1.58 16.31 32.14
CA PRO A 6 1.75 15.02 31.44
C PRO A 6 1.68 15.17 29.92
N PHE A 7 0.67 14.55 29.27
CA PHE A 7 0.47 14.57 27.82
C PHE A 7 -0.68 15.50 27.42
N ASP A 8 -0.58 16.15 26.24
CA ASP A 8 -1.64 17.04 25.74
C ASP A 8 -2.78 16.23 25.17
N THR A 9 -4.00 16.51 25.64
CA THR A 9 -5.19 15.77 25.26
C THR A 9 -5.91 16.33 24.04
N ASP A 10 -5.71 17.63 23.71
CA ASP A 10 -6.35 18.26 22.56
C ASP A 10 -5.31 18.54 21.46
N VAL A 11 -4.85 17.44 20.83
CA VAL A 11 -3.84 17.38 19.77
C VAL A 11 -4.26 18.23 18.52
N ASN A 12 -3.54 19.35 18.26
CA ASN A 12 -3.78 20.24 17.12
C ASN A 12 -3.02 19.80 15.86
N THR A 13 -3.63 18.92 15.08
CA THR A 13 -3.02 18.32 13.89
C THR A 13 -3.27 19.15 12.66
N LEU A 14 -2.50 18.86 11.58
CA LEU A 14 -2.67 19.51 10.29
C LEU A 14 -4.10 19.26 9.79
N THR A 15 -4.59 18.01 9.94
CA THR A 15 -5.95 17.59 9.55
C THR A 15 -7.01 18.48 10.21
N ARG A 16 -6.95 18.64 11.55
CA ARG A 16 -7.89 19.47 12.30
C ARG A 16 -7.90 20.88 11.79
N PHE A 17 -6.71 21.44 11.54
CA PHE A 17 -6.52 22.78 11.03
C PHE A 17 -7.20 22.99 9.67
N VAL A 18 -6.95 22.07 8.70
CA VAL A 18 -7.53 22.15 7.36
C VAL A 18 -9.07 22.06 7.41
N MET A 19 -9.61 21.09 8.20
CA MET A 19 -11.05 20.89 8.42
C MET A 19 -11.71 22.14 8.99
N GLU A 20 -11.06 22.81 9.95
CA GLU A 20 -11.55 24.04 10.54
C GLU A 20 -11.63 25.18 9.50
N GLU A 21 -10.73 25.20 8.49
CA GLU A 21 -10.75 26.18 7.41
C GLU A 21 -11.86 25.80 6.40
N GLY A 22 -13.12 26.06 6.76
CA GLY A 22 -14.29 25.74 5.95
C GLY A 22 -15.25 24.80 6.64
N THR A 28 -17.12 20.19 0.44
CA THR A 28 -17.13 18.72 0.30
C THR A 28 -16.15 18.00 1.25
N GLY A 29 -14.94 18.56 1.42
CA GLY A 29 -13.91 17.99 2.26
C GLY A 29 -12.74 17.41 1.48
N GLU A 30 -12.74 17.60 0.13
CA GLU A 30 -11.67 17.09 -0.73
C GLU A 30 -10.29 17.66 -0.41
N LEU A 31 -10.19 18.93 0.00
CA LEU A 31 -8.84 19.50 0.32
C LEU A 31 -8.20 18.81 1.50
N THR A 32 -9.00 18.49 2.54
CA THR A 32 -8.56 17.74 3.72
C THR A 32 -8.05 16.35 3.33
N GLN A 33 -8.82 15.63 2.49
CA GLN A 33 -8.47 14.29 1.99
C GLN A 33 -7.13 14.40 1.26
N LEU A 34 -7.00 15.39 0.36
CA LEU A 34 -5.79 15.63 -0.42
C LEU A 34 -4.58 15.86 0.50
N LEU A 35 -4.68 16.80 1.43
CA LEU A 35 -3.54 17.12 2.31
C LEU A 35 -3.21 15.97 3.28
N ASN A 36 -4.22 15.18 3.67
CA ASN A 36 -4.01 14.00 4.53
C ASN A 36 -3.20 12.91 3.79
N SER A 37 -3.54 12.64 2.52
CA SER A 37 -2.82 11.69 1.65
C SER A 37 -1.37 12.16 1.44
N LEU A 38 -1.20 13.47 1.22
CA LEU A 38 0.10 14.06 1.03
C LEU A 38 0.95 13.88 2.29
N CYS A 39 0.36 14.09 3.47
CA CYS A 39 1.07 13.87 4.74
C CYS A 39 1.55 12.44 4.90
N THR A 40 0.76 11.45 4.40
CA THR A 40 1.16 10.04 4.46
C THR A 40 2.44 9.86 3.65
N ALA A 41 2.47 10.41 2.42
CA ALA A 41 3.64 10.34 1.56
C ALA A 41 4.87 11.00 2.21
N VAL A 42 4.68 12.20 2.82
CA VAL A 42 5.72 12.95 3.51
C VAL A 42 6.35 12.15 4.66
N LYS A 43 5.53 11.51 5.48
CA LYS A 43 6.00 10.71 6.62
C LYS A 43 6.83 9.53 6.17
N ALA A 44 6.42 8.90 5.05
CA ALA A 44 7.14 7.77 4.47
C ALA A 44 8.46 8.25 3.87
N ILE A 45 8.47 9.43 3.20
CA ILE A 45 9.69 9.97 2.64
C ILE A 45 10.66 10.31 3.80
N SER A 46 10.17 10.99 4.85
CA SER A 46 10.96 11.35 6.03
C SER A 46 11.68 10.16 6.61
N SER A 47 10.95 9.03 6.79
CA SER A 47 11.45 7.78 7.33
C SER A 47 12.55 7.19 6.45
N ALA A 48 12.31 7.14 5.13
CA ALA A 48 13.28 6.62 4.16
C ALA A 48 14.57 7.48 4.18
N VAL A 49 14.43 8.80 4.29
CA VAL A 49 15.58 9.71 4.32
C VAL A 49 16.37 9.50 5.61
N ARG A 50 15.69 9.31 6.75
CA ARG A 50 16.30 9.10 8.05
C ARG A 50 17.11 7.79 8.12
N LYS A 51 16.77 6.82 7.26
CA LYS A 51 17.40 5.49 7.24
C LYS A 51 18.21 5.24 5.95
N ALA A 52 18.27 6.23 5.04
CA ALA A 52 18.91 6.19 3.71
C ALA A 52 20.16 5.31 3.61
N GLY A 53 21.12 5.51 4.50
CA GLY A 53 22.38 4.77 4.50
C GLY A 53 22.28 3.30 4.87
N ILE A 54 21.41 2.97 5.83
CA ILE A 54 21.19 1.60 6.32
C ILE A 54 20.44 0.77 5.26
N ALA A 55 19.49 1.42 4.53
CA ALA A 55 18.68 0.81 3.46
C ALA A 55 19.45 0.76 2.11
N HIS A 56 19.88 1.90 1.53
CA HIS A 56 20.70 1.91 0.31
C HIS A 56 21.40 3.24 0.05
N LYS A 72 19.47 8.32 -6.78
CA LYS A 72 18.37 8.40 -7.77
C LYS A 72 17.20 7.52 -7.30
N LYS A 73 17.52 6.40 -6.62
CA LYS A 73 16.54 5.47 -6.06
C LYS A 73 15.51 6.22 -5.22
N LEU A 74 15.98 7.12 -4.35
CA LEU A 74 15.12 7.92 -3.47
C LEU A 74 14.18 8.87 -4.23
N ASP A 75 14.66 9.47 -5.35
CA ASP A 75 13.87 10.37 -6.20
C ASP A 75 12.67 9.61 -6.76
N VAL A 76 12.93 8.41 -7.28
CA VAL A 76 11.94 7.51 -7.88
C VAL A 76 10.92 7.06 -6.83
N LEU A 77 11.40 6.59 -5.68
CA LEU A 77 10.56 6.12 -4.58
C LEU A 77 9.65 7.23 -4.10
N SER A 78 10.21 8.41 -3.86
CA SER A 78 9.46 9.57 -3.39
C SER A 78 8.40 9.96 -4.41
N ASN A 79 8.74 9.94 -5.70
CA ASN A 79 7.81 10.31 -6.77
C ASN A 79 6.66 9.33 -6.81
N ASP A 80 6.96 8.05 -6.74
CA ASP A 80 5.95 6.99 -6.71
C ASP A 80 5.01 7.11 -5.49
N LEU A 81 5.57 7.32 -4.27
CA LEU A 81 4.81 7.53 -3.05
C LEU A 81 3.85 8.71 -3.21
N VAL A 82 4.36 9.89 -3.65
CA VAL A 82 3.52 11.09 -3.80
C VAL A 82 2.40 10.84 -4.85
N MET A 83 2.72 10.26 -6.02
CA MET A 83 1.73 9.99 -7.07
C MET A 83 0.63 9.06 -6.58
N ASN A 84 1.02 7.93 -5.97
CA ASN A 84 0.09 6.94 -5.48
C ASN A 84 -0.83 7.48 -4.41
N MET A 85 -0.26 8.22 -3.43
CA MET A 85 -1.07 8.80 -2.36
C MET A 85 -2.07 9.85 -2.89
N LEU A 86 -1.63 10.70 -3.84
CA LEU A 86 -2.48 11.73 -4.42
C LEU A 86 -3.63 11.14 -5.21
N LYS A 87 -3.36 10.13 -6.07
CA LYS A 87 -4.38 9.46 -6.85
C LYS A 87 -5.43 8.82 -5.91
N SER A 88 -4.95 8.19 -4.81
CA SER A 88 -5.81 7.50 -3.84
C SER A 88 -6.66 8.42 -2.96
N SER A 89 -6.36 9.72 -2.94
CA SER A 89 -7.10 10.68 -2.14
C SER A 89 -8.53 10.93 -2.66
N PHE A 90 -8.80 10.63 -3.97
CA PHE A 90 -10.07 10.93 -4.66
C PHE A 90 -10.27 12.45 -4.82
N ALA A 91 -9.19 13.23 -4.71
CA ALA A 91 -9.27 14.68 -4.72
C ALA A 91 -8.63 15.35 -5.94
N THR A 92 -7.82 14.59 -6.71
CA THR A 92 -7.07 15.14 -7.82
C THR A 92 -7.52 14.61 -9.20
N CYS A 93 -7.17 15.35 -10.25
CA CYS A 93 -7.50 14.95 -11.64
C CYS A 93 -6.27 15.11 -12.55
N VAL A 94 -5.37 16.06 -12.21
CA VAL A 94 -4.16 16.33 -12.97
C VAL A 94 -2.94 16.46 -12.02
N LEU A 95 -1.90 15.65 -12.28
CA LEU A 95 -0.69 15.66 -11.47
C LEU A 95 0.52 15.94 -12.30
N VAL A 96 1.26 16.98 -11.92
CA VAL A 96 2.49 17.39 -12.58
C VAL A 96 3.59 17.22 -11.57
N SER A 97 4.64 16.49 -11.98
CA SER A 97 5.82 16.24 -11.18
C SER A 97 7.07 16.65 -11.92
N GLU A 98 8.10 17.06 -11.16
CA GLU A 98 9.43 17.39 -11.68
C GLU A 98 10.04 16.17 -12.39
N GLU A 99 9.70 14.95 -11.90
CA GLU A 99 10.21 13.66 -12.37
C GLU A 99 9.50 13.08 -13.60
N ASP A 100 8.41 13.69 -14.07
CA ASP A 100 7.69 13.14 -15.22
C ASP A 100 7.60 14.14 -16.35
N LYS A 101 7.93 13.72 -17.58
CA LYS A 101 7.89 14.58 -18.76
C LYS A 101 6.49 15.17 -18.98
N HIS A 102 5.45 14.35 -18.90
CA HIS A 102 4.07 14.82 -19.09
C HIS A 102 3.25 14.80 -17.84
N ALA A 103 2.11 15.50 -17.87
CA ALA A 103 1.19 15.48 -16.74
C ALA A 103 0.53 14.09 -16.68
N ILE A 104 0.22 13.66 -15.47
CA ILE A 104 -0.46 12.40 -15.20
C ILE A 104 -1.94 12.73 -15.02
N ILE A 105 -2.80 12.06 -15.81
CA ILE A 105 -4.26 12.23 -15.72
C ILE A 105 -4.80 11.05 -14.88
N VAL A 106 -5.46 11.40 -13.78
CA VAL A 106 -6.01 10.47 -12.81
C VAL A 106 -7.22 9.72 -13.44
N GLU A 107 -7.28 8.39 -13.22
CA GLU A 107 -8.33 7.53 -13.75
C GLU A 107 -9.73 7.97 -13.26
N PRO A 108 -10.80 7.85 -14.10
CA PRO A 108 -12.11 8.40 -13.73
C PRO A 108 -12.63 8.02 -12.36
N GLU A 109 -12.40 6.76 -11.95
CA GLU A 109 -12.80 6.18 -10.68
C GLU A 109 -12.25 6.99 -9.49
N LYS A 110 -10.98 7.39 -9.55
CA LYS A 110 -10.31 8.12 -8.47
C LYS A 110 -10.24 9.66 -8.63
N ARG A 111 -10.94 10.21 -9.63
CA ARG A 111 -10.92 11.64 -10.03
C ARG A 111 -11.64 12.61 -9.05
N GLY A 112 -10.98 13.75 -8.79
CA GLY A 112 -11.43 14.87 -7.97
C GLY A 112 -11.22 16.21 -8.67
N LYS A 113 -11.43 17.34 -7.96
CA LYS A 113 -11.39 18.65 -8.60
C LYS A 113 -10.02 19.40 -8.53
N TYR A 114 -8.98 18.84 -7.89
CA TYR A 114 -7.73 19.56 -7.79
C TYR A 114 -6.62 19.13 -8.76
N VAL A 115 -5.77 20.12 -9.09
CA VAL A 115 -4.58 20.02 -9.92
C VAL A 115 -3.40 20.21 -8.97
N VAL A 116 -2.47 19.21 -8.93
CA VAL A 116 -1.31 19.26 -8.05
C VAL A 116 -0.01 19.24 -8.82
N CYS A 117 0.86 20.26 -8.56
CA CYS A 117 2.22 20.39 -9.09
C CYS A 117 3.12 20.11 -7.91
N PHE A 118 4.08 19.18 -8.08
CA PHE A 118 4.95 18.86 -6.97
C PHE A 118 6.36 18.53 -7.37
N ASP A 119 7.27 18.68 -6.41
CA ASP A 119 8.69 18.40 -6.52
C ASP A 119 8.93 17.40 -5.39
N PRO A 120 9.00 16.08 -5.70
CA PRO A 120 8.97 15.08 -4.62
C PRO A 120 10.19 15.05 -3.71
N LEU A 121 11.39 15.27 -4.23
CA LEU A 121 12.57 15.25 -3.36
C LEU A 121 13.61 16.25 -3.81
N ASP A 122 13.24 17.53 -3.70
CA ASP A 122 14.10 18.65 -4.03
C ASP A 122 15.38 18.63 -3.13
N GLY A 123 16.54 18.85 -3.74
CA GLY A 123 17.84 18.82 -3.06
C GLY A 123 18.48 17.45 -2.96
N SER A 124 17.84 16.40 -3.55
CA SER A 124 18.29 14.99 -3.48
C SER A 124 19.68 14.71 -4.08
N SER A 125 20.15 15.54 -5.01
CA SER A 125 21.47 15.35 -5.61
C SER A 125 22.57 15.42 -4.53
N ASN A 126 22.29 16.13 -3.41
CA ASN A 126 23.26 16.26 -2.34
C ASN A 126 22.85 15.51 -1.04
N ILE A 127 21.92 14.53 -1.16
CA ILE A 127 21.40 13.75 -0.04
C ILE A 127 22.49 13.14 0.85
N ASP A 128 23.58 12.61 0.27
CA ASP A 128 24.68 11.94 0.98
C ASP A 128 25.40 12.80 2.04
N CYS A 129 25.22 14.13 2.06
CA CYS A 129 25.89 14.97 3.05
C CYS A 129 24.99 15.36 4.21
N LEU A 130 23.79 14.75 4.24
CA LEU A 130 22.75 14.90 5.27
C LEU A 130 22.17 16.30 5.35
N VAL A 131 22.31 17.00 4.23
CA VAL A 131 21.73 18.32 3.96
C VAL A 131 20.20 18.13 4.01
N SER A 132 19.47 19.15 4.44
CA SER A 132 18.02 19.06 4.44
C SER A 132 17.52 18.93 3.00
N VAL A 133 16.59 18.01 2.75
CA VAL A 133 15.94 17.83 1.45
C VAL A 133 14.46 18.16 1.66
N GLY A 134 13.64 18.17 0.62
CA GLY A 134 12.24 18.50 0.81
C GLY A 134 11.31 18.17 -0.32
N THR A 135 10.01 18.20 -0.02
CA THR A 135 8.94 17.98 -0.97
C THR A 135 8.22 19.34 -1.11
N ILE A 136 8.06 19.85 -2.32
CA ILE A 136 7.38 21.12 -2.57
C ILE A 136 6.10 20.79 -3.30
N PHE A 137 5.01 21.52 -3.01
CA PHE A 137 3.73 21.27 -3.66
C PHE A 137 2.91 22.55 -3.85
N GLY A 138 2.13 22.55 -4.92
CA GLY A 138 1.19 23.59 -5.29
C GLY A 138 -0.14 22.98 -5.71
N ILE A 139 -1.25 23.50 -5.16
CA ILE A 139 -2.60 23.00 -5.43
C ILE A 139 -3.51 24.06 -6.05
N TYR A 140 -4.15 23.71 -7.17
CA TYR A 140 -5.08 24.56 -7.90
C TYR A 140 -6.41 23.87 -8.02
N ARG A 141 -7.50 24.64 -8.11
CA ARG A 141 -8.81 24.05 -8.36
C ARG A 141 -8.95 24.03 -9.88
N LYS A 142 -9.45 22.93 -10.48
CA LYS A 142 -9.59 22.85 -11.94
C LYS A 142 -10.62 23.90 -12.38
N LYS A 143 -10.17 24.85 -13.23
CA LYS A 143 -10.90 26.03 -13.71
C LYS A 143 -11.66 25.77 -15.02
N SER A 144 -11.08 24.96 -15.94
CA SER A 144 -11.72 24.66 -17.23
C SER A 144 -12.98 23.81 -17.07
N THR A 145 -13.88 23.86 -18.07
CA THR A 145 -15.14 23.11 -18.09
C THR A 145 -15.08 21.94 -19.11
N ASP A 146 -13.89 21.35 -19.27
CA ASP A 146 -13.72 20.22 -20.17
C ASP A 146 -13.00 19.04 -19.50
N GLU A 147 -12.68 17.98 -20.26
CA GLU A 147 -11.95 16.80 -19.80
C GLU A 147 -10.61 17.24 -19.23
N PRO A 148 -10.13 16.68 -18.12
CA PRO A 148 -8.83 17.13 -17.57
C PRO A 148 -7.67 16.89 -18.54
N SER A 149 -6.70 17.81 -18.58
CA SER A 149 -5.50 17.77 -19.42
C SER A 149 -4.36 18.55 -18.77
N GLU A 150 -3.15 18.41 -19.36
CA GLU A 150 -1.91 19.08 -18.96
C GLU A 150 -2.15 20.59 -18.82
N LYS A 151 -2.94 21.18 -19.76
CA LYS A 151 -3.35 22.58 -19.82
C LYS A 151 -3.91 23.11 -18.50
N ASP A 152 -4.61 22.27 -17.71
CA ASP A 152 -5.14 22.67 -16.40
C ASP A 152 -4.04 23.02 -15.40
N ALA A 153 -2.81 22.54 -15.63
CA ALA A 153 -1.68 22.84 -14.76
C ALA A 153 -1.00 24.17 -15.16
N LEU A 154 -1.33 24.74 -16.35
CA LEU A 154 -0.70 25.96 -16.86
C LEU A 154 -1.44 27.21 -16.36
N GLN A 155 -1.54 27.37 -15.06
CA GLN A 155 -2.24 28.45 -14.40
C GLN A 155 -1.24 29.33 -13.68
N PRO A 156 -1.44 30.68 -13.63
CA PRO A 156 -0.49 31.50 -12.86
C PRO A 156 -0.60 31.19 -11.37
N GLY A 157 0.51 31.27 -10.65
CA GLY A 157 0.59 31.02 -9.21
C GLY A 157 -0.44 31.79 -8.39
N ARG A 158 -0.93 32.89 -8.94
CA ARG A 158 -1.97 33.74 -8.34
C ARG A 158 -3.26 32.92 -8.05
N ASN A 159 -3.52 31.86 -8.84
CA ASN A 159 -4.68 30.97 -8.73
C ASN A 159 -4.56 29.88 -7.67
N LEU A 160 -3.39 29.79 -6.97
CA LEU A 160 -3.17 28.76 -5.95
C LEU A 160 -4.19 28.81 -4.83
N VAL A 161 -4.68 27.63 -4.45
CA VAL A 161 -5.64 27.40 -3.36
C VAL A 161 -4.80 27.09 -2.09
N ALA A 162 -3.70 26.35 -2.27
CA ALA A 162 -2.80 25.98 -1.18
C ALA A 162 -1.48 25.60 -1.77
N ALA A 163 -0.41 25.81 -0.99
CA ALA A 163 0.95 25.53 -1.42
C ALA A 163 1.81 25.45 -0.20
N GLY A 164 2.95 24.81 -0.35
CA GLY A 164 3.90 24.69 0.73
C GLY A 164 4.97 23.67 0.46
N TYR A 165 5.59 23.24 1.56
CA TYR A 165 6.69 22.28 1.49
C TYR A 165 6.85 21.49 2.79
N ALA A 166 7.49 20.35 2.66
CA ALA A 166 7.91 19.53 3.78
C ALA A 166 9.43 19.62 3.75
N LEU A 167 10.03 19.96 4.89
CA LEU A 167 11.48 20.05 5.03
C LEU A 167 11.95 18.86 5.89
N TYR A 168 12.77 17.98 5.29
CA TYR A 168 13.31 16.81 6.00
C TYR A 168 14.68 17.23 6.55
N GLY A 169 14.68 17.84 7.72
CA GLY A 169 15.92 18.30 8.33
C GLY A 169 16.17 17.66 9.65
N SER A 170 16.73 18.43 10.60
CA SER A 170 17.01 17.90 11.94
C SER A 170 15.69 17.52 12.62
N ALA A 171 14.57 18.10 12.13
CA ALA A 171 13.18 17.76 12.48
C ALA A 171 12.43 17.80 11.13
N THR A 172 11.26 17.17 11.07
CA THR A 172 10.45 17.23 9.85
C THR A 172 9.38 18.28 10.02
N MET A 173 9.35 19.24 9.11
CA MET A 173 8.37 20.31 9.19
C MET A 173 7.54 20.40 7.94
N LEU A 174 6.26 20.68 8.09
CA LEU A 174 5.41 20.95 6.96
C LEU A 174 4.93 22.39 7.08
N VAL A 175 5.30 23.22 6.08
CA VAL A 175 4.89 24.62 6.01
C VAL A 175 3.74 24.67 5.00
N LEU A 176 2.56 25.14 5.44
CA LEU A 176 1.36 25.22 4.65
C LEU A 176 0.84 26.67 4.52
N ALA A 177 0.75 27.15 3.27
CA ALA A 177 0.18 28.48 2.99
C ALA A 177 -1.17 28.28 2.32
N MET A 178 -2.12 29.10 2.72
CA MET A 178 -3.48 29.17 2.18
C MET A 178 -3.88 30.63 2.20
N ASP A 179 -5.09 30.98 1.69
CA ASP A 179 -5.55 32.37 1.67
C ASP A 179 -5.45 33.09 3.01
N CYS A 180 -5.68 32.37 4.10
CA CYS A 180 -5.65 32.89 5.48
C CYS A 180 -4.22 33.18 6.01
N GLY A 181 -3.19 32.61 5.41
CA GLY A 181 -1.83 32.80 5.89
C GLY A 181 -0.99 31.55 5.86
N VAL A 182 0.16 31.60 6.57
CA VAL A 182 1.15 30.51 6.63
C VAL A 182 1.18 29.91 8.03
N ASN A 183 1.12 28.58 8.11
CA ASN A 183 1.18 27.84 9.38
C ASN A 183 2.19 26.72 9.29
N CYS A 184 2.98 26.50 10.37
CA CYS A 184 4.02 25.47 10.40
C CYS A 184 3.63 24.32 11.33
N PHE A 185 3.85 23.09 10.85
CA PHE A 185 3.50 21.85 11.55
C PHE A 185 4.72 20.98 11.65
N MET A 186 5.03 20.53 12.85
CA MET A 186 6.19 19.66 13.04
C MET A 186 5.72 18.22 13.18
N LEU A 187 6.43 17.30 12.54
CA LEU A 187 6.11 15.91 12.63
C LEU A 187 6.50 15.40 14.01
N ASP A 188 5.55 14.81 14.75
CA ASP A 188 5.82 14.23 16.05
C ASP A 188 6.15 12.78 15.75
N PRO A 189 7.43 12.36 15.92
CA PRO A 189 7.80 10.98 15.56
C PRO A 189 7.08 9.93 16.38
N ALA A 190 6.74 10.24 17.66
CA ALA A 190 6.06 9.30 18.57
C ALA A 190 4.65 8.93 18.11
N ILE A 191 3.91 9.86 17.47
CA ILE A 191 2.53 9.54 17.08
C ILE A 191 2.27 9.65 15.57
N GLY A 192 3.29 9.99 14.78
CA GLY A 192 3.17 10.13 13.34
C GLY A 192 2.10 11.11 12.92
N GLU A 193 2.11 12.32 13.53
CA GLU A 193 1.17 13.39 13.22
C GLU A 193 1.92 14.70 13.12
N PHE A 194 1.42 15.60 12.25
CA PHE A 194 1.95 16.95 12.09
C PHE A 194 1.21 17.82 13.09
N ILE A 195 1.95 18.42 14.04
CA ILE A 195 1.41 19.26 15.11
C ILE A 195 1.68 20.73 14.79
N LEU A 196 0.65 21.59 14.97
CA LEU A 196 0.77 23.02 14.76
C LEU A 196 1.74 23.61 15.80
N VAL A 197 2.84 24.20 15.34
CA VAL A 197 3.86 24.80 16.21
C VAL A 197 3.97 26.32 16.00
N ASP A 198 3.63 26.82 14.79
CA ASP A 198 3.74 28.25 14.48
C ASP A 198 2.53 28.73 13.70
N LYS A 199 1.71 29.60 14.33
CA LYS A 199 0.49 30.15 13.74
C LYS A 199 0.77 31.48 13.02
N ASP A 200 0.09 31.69 11.87
CA ASP A 200 0.11 32.92 11.06
C ASP A 200 1.50 33.60 11.03
N VAL A 201 2.48 32.86 10.49
CA VAL A 201 3.90 33.17 10.34
C VAL A 201 4.09 34.39 9.43
N LYS A 202 4.87 35.35 9.90
CA LYS A 202 5.19 36.58 9.15
C LYS A 202 6.69 36.75 9.08
N ILE A 203 7.19 37.00 7.86
CA ILE A 203 8.62 37.24 7.66
C ILE A 203 8.99 38.63 8.21
N LYS A 204 10.22 38.79 8.72
CA LYS A 204 10.75 40.08 9.17
C LYS A 204 10.72 41.04 7.94
N LYS A 205 10.47 42.35 8.18
CA LYS A 205 10.43 43.38 7.13
C LYS A 205 11.81 43.48 6.41
N LYS A 206 12.92 43.35 7.17
CA LYS A 206 14.28 43.38 6.64
C LYS A 206 15.14 42.41 7.43
N GLY A 207 15.89 41.58 6.72
CA GLY A 207 16.79 40.59 7.31
C GLY A 207 18.25 41.01 7.25
N LYS A 208 19.16 40.10 7.60
CA LYS A 208 20.59 40.42 7.63
C LYS A 208 21.43 39.28 7.02
N ILE A 209 20.80 38.50 6.13
CA ILE A 209 21.42 37.38 5.44
C ILE A 209 21.01 37.41 3.96
N TYR A 210 21.98 37.16 3.05
CA TYR A 210 21.74 37.04 1.64
C TYR A 210 22.14 35.61 1.25
N SER A 211 21.40 35.04 0.28
CA SER A 211 21.60 33.67 -0.09
C SER A 211 21.58 33.44 -1.58
N LEU A 212 22.74 33.04 -2.15
CA LEU A 212 22.87 32.67 -3.55
C LEU A 212 24.19 31.93 -3.75
N ASN A 213 24.34 31.18 -4.86
CA ASN A 213 25.58 30.49 -5.18
C ASN A 213 26.54 31.53 -5.79
N GLU A 214 27.48 32.05 -4.97
CA GLU A 214 28.44 33.06 -5.44
C GLU A 214 29.51 32.47 -6.36
N GLY A 215 29.52 31.14 -6.47
CA GLY A 215 30.43 30.42 -7.34
C GLY A 215 30.17 30.74 -8.81
N TYR A 216 28.94 31.20 -9.14
CA TYR A 216 28.55 31.57 -10.50
C TYR A 216 28.74 33.06 -10.80
N ALA A 217 29.50 33.79 -9.96
CA ALA A 217 29.76 35.23 -10.10
C ALA A 217 30.14 35.67 -11.51
N ARG A 218 30.90 34.83 -12.25
CA ARG A 218 31.33 35.16 -13.62
C ARG A 218 30.15 35.38 -14.57
N ASP A 219 29.04 34.69 -14.34
CA ASP A 219 27.86 34.76 -15.19
C ASP A 219 26.82 35.75 -14.69
N PHE A 220 27.03 36.38 -13.53
CA PHE A 220 26.04 37.30 -12.95
C PHE A 220 25.71 38.48 -13.82
N ASP A 221 24.46 38.91 -13.76
CA ASP A 221 24.06 40.15 -14.41
C ASP A 221 24.61 41.29 -13.50
N PRO A 222 24.93 42.49 -14.04
CA PRO A 222 25.48 43.56 -13.19
C PRO A 222 24.64 43.92 -11.97
N ALA A 223 23.29 43.92 -12.07
CA ALA A 223 22.42 44.26 -10.95
C ALA A 223 22.63 43.27 -9.78
N VAL A 224 22.87 41.99 -10.07
CA VAL A 224 23.13 41.02 -9.02
C VAL A 224 24.49 41.31 -8.37
N THR A 225 25.53 41.54 -9.21
CA THR A 225 26.88 41.90 -8.78
C THR A 225 26.88 43.14 -7.86
N GLU A 226 26.19 44.21 -8.29
CA GLU A 226 26.14 45.45 -7.53
C GLU A 226 25.42 45.25 -6.24
N TYR A 227 24.25 44.56 -6.29
CA TYR A 227 23.47 44.26 -5.10
C TYR A 227 24.29 43.54 -4.03
N ILE A 228 25.00 42.46 -4.42
CA ILE A 228 25.85 41.66 -3.54
C ILE A 228 26.98 42.52 -2.96
N GLN A 229 27.58 43.37 -3.80
CA GLN A 229 28.63 44.27 -3.34
C GLN A 229 28.15 45.21 -2.24
N ARG A 230 26.92 45.74 -2.34
CA ARG A 230 26.31 46.60 -1.31
C ARG A 230 26.10 45.84 0.02
N LYS A 231 25.83 44.52 -0.05
CA LYS A 231 25.63 43.68 1.14
C LYS A 231 26.94 43.45 1.88
N LYS A 232 28.09 43.35 1.15
CA LYS A 232 29.42 43.10 1.72
C LYS A 232 30.11 44.38 2.13
N PHE A 233 29.87 45.43 1.36
CA PHE A 233 30.46 46.75 1.56
C PHE A 233 29.33 47.79 1.66
N PRO A 234 28.59 47.84 2.79
CA PRO A 234 27.49 48.83 2.92
C PRO A 234 27.96 50.28 2.77
N PRO A 235 27.24 51.09 1.96
CA PRO A 235 27.67 52.49 1.78
C PRO A 235 27.46 53.34 3.03
N ASP A 236 26.38 53.06 3.77
CA ASP A 236 25.88 53.79 4.94
C ASP A 236 26.51 53.44 6.32
N ASN A 237 27.71 52.81 6.38
CA ASN A 237 28.35 52.48 7.67
C ASN A 237 27.61 51.35 8.47
N SER A 238 26.50 50.80 7.94
CA SER A 238 25.78 49.70 8.60
C SER A 238 26.62 48.40 8.52
N ALA A 239 26.27 47.39 9.32
CA ALA A 239 26.97 46.12 9.36
C ALA A 239 26.77 45.29 8.07
N PRO A 240 27.84 44.70 7.49
CA PRO A 240 27.66 43.84 6.30
C PRO A 240 26.75 42.65 6.63
N TYR A 241 25.97 42.18 5.66
CA TYR A 241 25.10 41.01 5.85
C TYR A 241 25.95 39.74 5.91
N GLY A 242 25.44 38.71 6.55
CA GLY A 242 26.04 37.39 6.55
C GLY A 242 25.57 36.65 5.30
N ALA A 243 26.32 35.64 4.90
CA ALA A 243 25.95 34.85 3.72
C ALA A 243 25.65 33.44 4.18
N ARG A 244 24.60 32.79 3.59
CA ARG A 244 24.24 31.39 3.82
C ARG A 244 23.75 30.81 2.49
N TYR A 245 24.18 29.63 2.13
CA TYR A 245 23.71 28.95 0.91
C TYR A 245 23.90 27.47 1.09
N VAL A 246 22.79 26.79 1.35
CA VAL A 246 22.77 25.35 1.62
C VAL A 246 22.84 24.61 0.28
N GLY A 247 22.25 25.17 -0.76
CA GLY A 247 22.21 24.52 -2.06
C GLY A 247 20.98 23.65 -2.24
N SER A 248 20.07 23.68 -1.23
CA SER A 248 18.78 22.99 -1.25
C SER A 248 17.74 24.09 -1.11
N MET A 249 16.94 24.29 -2.15
CA MET A 249 15.95 25.35 -2.18
C MET A 249 15.05 25.46 -0.95
N VAL A 250 14.51 24.32 -0.48
CA VAL A 250 13.59 24.25 0.67
C VAL A 250 14.30 24.75 1.94
N ALA A 251 15.55 24.33 2.16
CA ALA A 251 16.33 24.76 3.31
C ALA A 251 16.58 26.27 3.26
N ASP A 252 16.98 26.78 2.07
CA ASP A 252 17.32 28.20 1.90
C ASP A 252 16.09 29.09 2.04
N VAL A 253 14.95 28.65 1.46
CA VAL A 253 13.68 29.38 1.57
C VAL A 253 13.19 29.35 3.02
N HIS A 254 13.26 28.17 3.68
CA HIS A 254 12.80 28.07 5.05
C HIS A 254 13.59 28.97 5.99
N ARG A 255 14.93 28.98 5.87
CA ARG A 255 15.78 29.86 6.68
C ARG A 255 15.38 31.33 6.44
N THR A 256 15.08 31.71 5.19
CA THR A 256 14.67 33.07 4.81
C THR A 256 13.36 33.44 5.50
N LEU A 257 12.40 32.51 5.55
CA LEU A 257 11.12 32.73 6.21
C LEU A 257 11.29 32.91 7.73
N VAL A 258 12.09 32.05 8.35
CA VAL A 258 12.30 32.01 9.79
C VAL A 258 13.16 33.16 10.28
N TYR A 259 14.27 33.45 9.62
CA TYR A 259 15.17 34.48 10.10
C TYR A 259 15.18 35.78 9.30
N GLY A 260 14.47 35.82 8.18
CA GLY A 260 14.45 37.00 7.32
C GLY A 260 15.64 37.05 6.39
N GLY A 261 15.63 38.01 5.47
CA GLY A 261 16.69 38.18 4.48
C GLY A 261 16.22 37.96 3.07
N ILE A 262 17.17 37.55 2.19
CA ILE A 262 16.91 37.39 0.76
C ILE A 262 17.56 36.16 0.18
N PHE A 263 16.86 35.55 -0.77
CA PHE A 263 17.29 34.38 -1.53
C PHE A 263 17.18 34.73 -2.99
N LEU A 264 18.25 34.42 -3.76
CA LEU A 264 18.36 34.74 -5.19
C LEU A 264 18.79 33.55 -6.03
N TYR A 265 18.02 33.30 -7.10
CA TYR A 265 18.34 32.37 -8.18
C TYR A 265 17.92 33.16 -9.44
N PRO A 266 18.72 34.19 -9.79
CA PRO A 266 18.29 35.10 -10.86
C PRO A 266 18.67 34.73 -12.28
N ALA A 267 18.05 35.45 -13.23
CA ALA A 267 18.33 35.32 -14.65
C ALA A 267 19.69 35.97 -14.94
N ASN A 268 20.34 35.50 -16.01
CA ASN A 268 21.63 36.01 -16.53
C ASN A 268 21.66 35.77 -18.05
N LYS A 269 22.70 36.28 -18.75
CA LYS A 269 22.85 36.12 -20.20
C LYS A 269 22.74 34.65 -20.63
N LYS A 270 23.40 33.73 -19.90
CA LYS A 270 23.41 32.28 -20.17
C LYS A 270 22.04 31.61 -19.91
N SER A 271 21.36 31.97 -18.79
CA SER A 271 20.05 31.42 -18.40
C SER A 271 19.03 32.57 -18.34
N PRO A 272 18.53 33.04 -19.51
CA PRO A 272 17.62 34.20 -19.48
C PRO A 272 16.33 33.99 -18.71
N ASN A 273 15.93 32.74 -18.49
CA ASN A 273 14.73 32.42 -17.70
C ASN A 273 15.06 31.86 -16.32
N GLY A 274 16.31 31.95 -15.86
CA GLY A 274 16.71 31.40 -14.57
C GLY A 274 16.92 29.90 -14.66
N LYS A 275 17.05 29.22 -13.49
CA LYS A 275 17.29 27.78 -13.42
C LYS A 275 16.12 27.01 -12.79
N LEU A 276 15.55 27.54 -11.70
CA LEU A 276 14.44 26.92 -10.98
C LEU A 276 13.15 26.81 -11.82
N ARG A 277 12.35 25.77 -11.57
CA ARG A 277 11.13 25.49 -12.32
C ARG A 277 9.92 26.25 -11.74
N LEU A 278 9.18 26.92 -12.58
CA LEU A 278 8.04 27.74 -12.16
C LEU A 278 6.93 26.98 -11.42
N LEU A 279 6.39 25.93 -12.04
CA LEU A 279 5.23 25.23 -11.49
C LEU A 279 5.42 24.57 -10.14
N TYR A 280 6.54 23.88 -9.91
CA TYR A 280 6.64 23.10 -8.68
C TYR A 280 7.79 23.51 -7.76
N GLU A 281 8.50 24.61 -8.09
CA GLU A 281 9.54 25.13 -7.22
C GLU A 281 9.23 26.59 -6.90
N CYS A 282 9.20 27.46 -7.94
CA CYS A 282 8.99 28.90 -7.78
C CYS A 282 7.63 29.28 -7.24
N ASN A 283 6.55 28.98 -7.99
CA ASN A 283 5.19 29.33 -7.57
C ASN A 283 4.86 28.92 -6.13
N PRO A 284 5.07 27.66 -5.68
CA PRO A 284 4.74 27.32 -4.30
C PRO A 284 5.52 28.18 -3.30
N MET A 285 6.82 28.41 -3.55
CA MET A 285 7.67 29.21 -2.65
C MET A 285 7.26 30.67 -2.62
N ALA A 286 6.83 31.18 -3.79
CA ALA A 286 6.39 32.55 -3.93
C ALA A 286 5.10 32.78 -3.18
N TYR A 287 4.21 31.78 -3.20
CA TYR A 287 2.91 31.84 -2.52
C TYR A 287 3.11 31.84 -1.00
N VAL A 288 4.01 30.99 -0.50
CA VAL A 288 4.37 30.97 0.93
C VAL A 288 4.93 32.35 1.31
N MET A 289 5.89 32.86 0.51
CA MET A 289 6.49 34.17 0.74
C MET A 289 5.47 35.27 0.80
N GLU A 290 4.59 35.39 -0.21
CA GLU A 290 3.57 36.44 -0.21
C GLU A 290 2.60 36.33 0.94
N LYS A 291 2.18 35.10 1.29
CA LYS A 291 1.25 34.88 2.40
C LYS A 291 1.90 35.16 3.76
N ALA A 292 3.24 35.23 3.81
CA ALA A 292 4.00 35.56 5.03
C ALA A 292 4.35 37.08 5.11
N GLY A 293 3.85 37.86 4.15
CA GLY A 293 4.14 39.29 4.07
C GLY A 293 5.46 39.60 3.38
N GLY A 294 6.03 38.59 2.69
CA GLY A 294 7.27 38.77 1.93
C GLY A 294 7.02 39.01 0.47
N MET A 295 8.09 38.92 -0.34
CA MET A 295 8.04 39.19 -1.77
C MET A 295 8.69 38.10 -2.53
N ALA A 296 8.29 37.95 -3.81
CA ALA A 296 8.86 36.97 -4.73
C ALA A 296 8.73 37.48 -6.14
N THR A 297 9.86 37.91 -6.69
CA THR A 297 9.91 38.54 -8.02
C THR A 297 10.82 37.83 -9.00
N THR A 298 10.59 38.03 -10.30
CA THR A 298 11.43 37.55 -11.38
C THR A 298 12.40 38.68 -11.70
N GLY A 299 12.11 39.87 -11.17
CA GLY A 299 12.81 41.12 -11.43
C GLY A 299 11.86 42.03 -12.20
N LYS A 300 11.12 41.47 -13.19
CA LYS A 300 10.16 42.25 -13.99
C LYS A 300 8.74 42.23 -13.41
N GLU A 301 8.36 41.10 -12.80
CA GLU A 301 7.03 40.95 -12.20
C GLU A 301 7.06 39.94 -11.07
N ALA A 302 5.94 39.85 -10.38
CA ALA A 302 5.73 38.90 -9.32
C ALA A 302 5.75 37.52 -9.96
N VAL A 303 6.48 36.57 -9.35
CA VAL A 303 6.54 35.18 -9.81
C VAL A 303 5.08 34.63 -10.01
N LEU A 304 4.19 34.93 -9.04
CA LEU A 304 2.79 34.48 -9.05
C LEU A 304 1.97 35.00 -10.25
N ASP A 305 2.47 36.04 -10.96
CA ASP A 305 1.78 36.66 -12.10
C ASP A 305 2.18 36.09 -13.47
N VAL A 306 3.28 35.31 -13.54
CA VAL A 306 3.75 34.65 -14.77
C VAL A 306 2.69 33.64 -15.25
N ILE A 307 2.29 33.73 -16.52
CA ILE A 307 1.31 32.78 -17.09
C ILE A 307 2.13 31.68 -17.76
N PRO A 308 2.20 30.45 -17.22
CA PRO A 308 3.05 29.43 -17.85
C PRO A 308 2.55 28.97 -19.21
N THR A 309 3.44 28.47 -20.06
CA THR A 309 3.12 27.93 -21.39
C THR A 309 3.65 26.52 -21.53
N ASP A 310 4.59 26.11 -20.66
CA ASP A 310 5.12 24.74 -20.61
C ASP A 310 5.20 24.31 -19.13
N ILE A 311 4.88 23.05 -18.83
CA ILE A 311 4.86 22.56 -17.44
C ILE A 311 6.25 22.56 -16.78
N HIS A 312 7.32 22.44 -17.58
CA HIS A 312 8.70 22.43 -17.07
C HIS A 312 9.47 23.74 -17.33
N GLN A 313 8.76 24.85 -17.61
CA GLN A 313 9.44 26.12 -17.85
C GLN A 313 10.12 26.67 -16.63
N ARG A 314 11.25 27.34 -16.86
CA ARG A 314 12.03 27.94 -15.80
C ARG A 314 11.60 29.37 -15.54
N ALA A 315 11.94 29.87 -14.36
CA ALA A 315 11.67 31.25 -13.92
C ALA A 315 12.78 31.77 -13.03
N PRO A 316 13.18 33.04 -13.20
CA PRO A 316 14.17 33.61 -12.28
C PRO A 316 13.45 33.90 -10.98
N VAL A 317 14.15 33.86 -9.85
CA VAL A 317 13.45 34.13 -8.60
C VAL A 317 14.37 34.86 -7.62
N ILE A 318 13.80 35.88 -6.98
CA ILE A 318 14.41 36.72 -5.95
C ILE A 318 13.29 36.81 -4.93
N LEU A 319 13.52 36.30 -3.71
CA LEU A 319 12.47 36.30 -2.70
C LEU A 319 12.97 36.55 -1.28
N GLY A 320 12.04 36.88 -0.39
CA GLY A 320 12.33 37.09 1.03
C GLY A 320 11.67 38.31 1.61
N SER A 321 12.39 38.91 2.60
CA SER A 321 12.00 40.12 3.34
C SER A 321 11.71 41.24 2.36
N PRO A 322 10.53 41.88 2.51
CA PRO A 322 10.11 42.90 1.53
C PRO A 322 11.11 44.04 1.32
N ASP A 323 11.73 44.56 2.39
CA ASP A 323 12.70 45.64 2.27
C ASP A 323 13.95 45.19 1.52
N ASP A 324 14.41 43.94 1.76
CA ASP A 324 15.59 43.45 1.04
C ASP A 324 15.31 43.26 -0.45
N VAL A 325 14.13 42.70 -0.84
CA VAL A 325 13.76 42.46 -2.24
C VAL A 325 13.57 43.81 -2.94
N LEU A 326 12.95 44.80 -2.25
CA LEU A 326 12.78 46.14 -2.82
C LEU A 326 14.11 46.77 -3.10
N GLU A 327 15.08 46.58 -2.20
CA GLU A 327 16.43 47.12 -2.40
C GLU A 327 17.10 46.46 -3.64
N PHE A 328 16.86 45.16 -3.87
CA PHE A 328 17.37 44.50 -5.06
C PHE A 328 16.65 45.08 -6.28
N LEU A 329 15.34 45.29 -6.19
CA LEU A 329 14.59 45.82 -7.34
C LEU A 329 15.03 47.21 -7.73
N LYS A 330 15.41 48.06 -6.76
CA LYS A 330 15.90 49.43 -7.06
C LYS A 330 17.18 49.32 -7.93
N VAL A 331 18.05 48.36 -7.61
CA VAL A 331 19.27 48.16 -8.41
C VAL A 331 18.84 47.61 -9.78
N TYR A 332 17.97 46.58 -9.79
CA TYR A 332 17.50 45.96 -11.02
C TYR A 332 16.92 47.00 -12.02
N GLU A 333 16.11 47.94 -11.51
CA GLU A 333 15.46 48.99 -12.28
C GLU A 333 16.45 49.84 -13.05
N LYS A 334 17.61 50.12 -12.47
CA LYS A 334 18.62 50.96 -13.12
C LYS A 334 19.38 50.23 -14.25
N HIS A 335 19.08 48.96 -14.54
CA HIS A 335 19.78 48.17 -15.57
C HIS A 335 18.88 47.66 -16.72
N SER A 336 19.52 47.11 -17.77
CA SER A 336 18.86 46.57 -18.96
C SER A 336 19.62 45.38 -19.55
N PRO B 6 15.01 -10.45 4.87
CA PRO B 6 14.29 -9.82 5.98
C PRO B 6 15.18 -8.85 6.77
N PHE B 7 15.45 -9.15 8.06
CA PHE B 7 16.29 -8.34 8.95
C PHE B 7 17.67 -8.94 9.18
N ASP B 8 18.67 -8.07 9.36
CA ASP B 8 20.06 -8.48 9.56
C ASP B 8 20.29 -9.05 10.95
N THR B 9 20.90 -10.24 11.01
CA THR B 9 21.15 -10.94 12.25
C THR B 9 22.51 -10.62 12.88
N ASP B 10 23.48 -10.14 12.08
CA ASP B 10 24.81 -9.80 12.59
C ASP B 10 25.00 -8.28 12.52
N VAL B 11 24.27 -7.57 13.39
CA VAL B 11 24.22 -6.10 13.44
C VAL B 11 25.59 -5.49 13.84
N ASN B 12 26.19 -4.72 12.88
CA ASN B 12 27.49 -4.07 13.05
C ASN B 12 27.37 -2.68 13.68
N THR B 13 27.38 -2.64 15.01
CA THR B 13 27.20 -1.42 15.79
C THR B 13 28.51 -0.72 16.05
N LEU B 14 28.44 0.57 16.48
CA LEU B 14 29.60 1.37 16.86
C LEU B 14 30.34 0.64 18.00
N THR B 15 29.60 0.11 18.98
CA THR B 15 30.13 -0.65 20.14
C THR B 15 30.98 -1.83 19.68
N ARG B 16 30.44 -2.68 18.78
CA ARG B 16 31.17 -3.82 18.25
C ARG B 16 32.46 -3.41 17.61
N PHE B 17 32.40 -2.35 16.79
CA PHE B 17 33.53 -1.78 16.08
C PHE B 17 34.66 -1.33 17.03
N VAL B 18 34.31 -0.58 18.08
CA VAL B 18 35.28 -0.06 19.06
C VAL B 18 35.94 -1.23 19.82
N MET B 19 35.13 -2.21 20.29
CA MET B 19 35.59 -3.43 20.99
C MET B 19 36.58 -4.22 20.14
N GLU B 20 36.30 -4.36 18.83
CA GLU B 20 37.17 -5.05 17.89
C GLU B 20 38.53 -4.33 17.75
N GLU B 21 38.56 -2.98 17.88
CA GLU B 21 39.80 -2.21 17.84
C GLU B 21 40.54 -2.35 19.20
N GLY B 22 41.19 -3.50 19.39
CA GLY B 22 41.93 -3.83 20.61
C GLY B 22 41.42 -5.07 21.29
N GLY B 27 42.66 -2.25 25.10
CA GLY B 27 43.15 -2.61 26.43
C GLY B 27 42.07 -2.99 27.44
N THR B 28 41.95 -2.20 28.54
CA THR B 28 41.02 -2.32 29.68
C THR B 28 39.51 -2.36 29.32
N GLY B 29 39.12 -1.60 28.29
CA GLY B 29 37.73 -1.51 27.83
C GLY B 29 37.10 -0.15 28.09
N GLU B 30 37.88 0.81 28.68
CA GLU B 30 37.39 2.15 29.00
C GLU B 30 36.95 2.94 27.77
N LEU B 31 37.63 2.79 26.60
CA LEU B 31 37.22 3.57 25.41
C LEU B 31 35.84 3.20 24.93
N THR B 32 35.52 1.92 24.96
CA THR B 32 34.20 1.39 24.59
C THR B 32 33.11 1.94 25.53
N GLN B 33 33.38 1.93 26.86
CA GLN B 33 32.47 2.46 27.88
C GLN B 33 32.22 3.93 27.57
N LEU B 34 33.29 4.69 27.31
CA LEU B 34 33.23 6.12 27.02
C LEU B 34 32.36 6.39 25.77
N LEU B 35 32.65 5.71 24.66
CA LEU B 35 31.92 5.96 23.41
C LEU B 35 30.46 5.49 23.49
N ASN B 36 30.19 4.44 24.29
CA ASN B 36 28.84 3.93 24.52
C ASN B 36 28.00 4.99 25.29
N SER B 37 28.59 5.60 26.35
CA SER B 37 27.94 6.66 27.13
C SER B 37 27.64 7.87 26.26
N LEU B 38 28.61 8.24 25.41
CA LEU B 38 28.50 9.34 24.50
C LEU B 38 27.34 9.08 23.51
N CYS B 39 27.23 7.86 22.98
CA CYS B 39 26.13 7.49 22.08
C CYS B 39 24.77 7.66 22.74
N THR B 40 24.65 7.36 24.06
CA THR B 40 23.40 7.54 24.81
C THR B 40 23.02 9.03 24.79
N ALA B 41 23.99 9.90 25.10
CA ALA B 41 23.81 11.37 25.04
C ALA B 41 23.37 11.84 23.64
N VAL B 42 24.01 11.31 22.60
CA VAL B 42 23.73 11.67 21.21
C VAL B 42 22.30 11.32 20.82
N LYS B 43 21.85 10.13 21.18
CA LYS B 43 20.50 9.66 20.87
C LYS B 43 19.47 10.52 21.53
N ALA B 44 19.74 10.95 22.77
CA ALA B 44 18.83 11.79 23.53
C ALA B 44 18.79 13.21 22.93
N ILE B 45 19.96 13.72 22.51
CA ILE B 45 20.02 15.03 21.88
C ILE B 45 19.25 14.98 20.53
N SER B 46 19.49 13.94 19.71
CA SER B 46 18.82 13.75 18.43
C SER B 46 17.31 13.81 18.58
N SER B 47 16.78 13.12 19.58
CA SER B 47 15.35 13.04 19.89
C SER B 47 14.79 14.41 20.28
N ALA B 48 15.47 15.13 21.19
CA ALA B 48 15.08 16.47 21.60
C ALA B 48 15.07 17.45 20.38
N VAL B 49 16.07 17.33 19.48
CA VAL B 49 16.17 18.20 18.30
C VAL B 49 15.02 17.89 17.33
N ARG B 50 14.69 16.60 17.17
CA ARG B 50 13.61 16.16 16.30
C ARG B 50 12.22 16.63 16.76
N LYS B 51 12.09 16.95 18.05
CA LYS B 51 10.82 17.40 18.66
C LYS B 51 10.86 18.85 19.15
N ALA B 52 11.97 19.56 18.92
CA ALA B 52 12.27 20.92 19.37
C ALA B 52 11.08 21.88 19.42
N GLY B 53 10.32 21.97 18.34
CA GLY B 53 9.15 22.84 18.25
C GLY B 53 7.98 22.48 19.14
N ILE B 54 7.70 21.17 19.27
CA ILE B 54 6.59 20.64 20.09
C ILE B 54 6.91 20.81 21.60
N ALA B 55 8.22 20.66 21.98
CA ALA B 55 8.70 20.80 23.36
C ALA B 55 9.10 22.23 23.71
N LYS B 72 18.39 28.88 24.08
CA LYS B 72 19.55 28.47 24.87
C LYS B 72 19.25 27.21 25.70
N LYS B 73 17.95 26.85 25.80
CA LYS B 73 17.44 25.68 26.55
C LYS B 73 18.15 24.41 26.08
N LEU B 74 18.18 24.18 24.74
CA LEU B 74 18.78 23.00 24.14
C LEU B 74 20.27 22.88 24.36
N ASP B 75 21.01 24.03 24.37
CA ASP B 75 22.46 24.10 24.63
C ASP B 75 22.74 23.56 26.01
N VAL B 76 21.98 24.03 26.99
CA VAL B 76 22.11 23.66 28.41
C VAL B 76 21.79 22.18 28.61
N LEU B 77 20.65 21.72 28.05
CA LEU B 77 20.20 20.34 28.16
C LEU B 77 21.24 19.40 27.56
N SER B 78 21.72 19.71 26.36
CA SER B 78 22.71 18.91 25.66
C SER B 78 24.00 18.84 26.45
N ASN B 79 24.41 19.97 27.04
CA ASN B 79 25.64 20.04 27.82
C ASN B 79 25.51 19.16 29.05
N ASP B 80 24.38 19.27 29.75
CA ASP B 80 24.10 18.45 30.94
C ASP B 80 24.09 16.96 30.61
N LEU B 81 23.41 16.56 29.51
CA LEU B 81 23.37 15.19 29.05
C LEU B 81 24.76 14.67 28.81
N VAL B 82 25.59 15.37 27.99
CA VAL B 82 26.95 14.94 27.66
C VAL B 82 27.83 14.82 28.93
N MET B 83 27.79 15.82 29.83
CA MET B 83 28.56 15.80 31.08
C MET B 83 28.19 14.61 31.95
N ASN B 84 26.88 14.42 32.20
CA ASN B 84 26.39 13.34 33.05
C ASN B 84 26.74 11.97 32.51
N MET B 85 26.52 11.74 31.20
CA MET B 85 26.84 10.47 30.57
C MET B 85 28.34 10.17 30.63
N LEU B 86 29.20 11.19 30.35
CA LEU B 86 30.66 11.01 30.38
C LEU B 86 31.18 10.70 31.79
N LYS B 87 30.71 11.43 32.81
CA LYS B 87 31.09 11.15 34.21
C LYS B 87 30.69 9.72 34.62
N SER B 88 29.48 9.28 34.19
CA SER B 88 28.93 7.95 34.55
C SER B 88 29.60 6.79 33.79
N SER B 89 30.40 7.08 32.77
CA SER B 89 31.07 6.04 31.97
C SER B 89 32.18 5.35 32.76
N PHE B 90 32.72 5.99 33.82
CA PHE B 90 33.89 5.49 34.57
C PHE B 90 35.16 5.55 33.70
N ALA B 91 35.11 6.24 32.56
CA ALA B 91 36.22 6.30 31.63
C ALA B 91 36.97 7.64 31.59
N THR B 92 36.43 8.71 32.21
CA THR B 92 37.02 10.03 32.08
C THR B 92 37.51 10.67 33.37
N CYS B 93 38.45 11.63 33.27
CA CYS B 93 38.98 12.35 34.43
C CYS B 93 38.85 13.87 34.29
N VAL B 94 38.94 14.39 33.06
CA VAL B 94 38.88 15.83 32.77
C VAL B 94 37.93 16.05 31.59
N LEU B 95 36.96 16.96 31.79
CA LEU B 95 35.96 17.29 30.77
C LEU B 95 35.94 18.77 30.48
N VAL B 96 36.20 19.12 29.22
CA VAL B 96 36.20 20.50 28.78
C VAL B 96 35.06 20.64 27.81
N SER B 97 34.20 21.65 28.05
CA SER B 97 33.04 21.95 27.24
C SER B 97 33.07 23.39 26.81
N GLU B 98 32.49 23.64 25.61
CA GLU B 98 32.33 24.97 25.05
C GLU B 98 31.47 25.82 26.00
N GLU B 99 30.51 25.17 26.69
CA GLU B 99 29.54 25.79 27.59
C GLU B 99 30.02 26.08 29.01
N ASP B 100 31.24 25.64 29.38
CA ASP B 100 31.72 25.87 30.75
C ASP B 100 33.03 26.62 30.76
N LYS B 101 33.14 27.65 31.62
CA LYS B 101 34.35 28.46 31.72
C LYS B 101 35.58 27.62 32.08
N HIS B 102 35.47 26.73 33.06
CA HIS B 102 36.60 25.90 33.47
C HIS B 102 36.40 24.44 33.13
N ALA B 103 37.49 23.66 33.21
CA ALA B 103 37.41 22.22 33.01
C ALA B 103 36.68 21.61 34.22
N ILE B 104 35.94 20.54 33.96
CA ILE B 104 35.23 19.79 34.99
C ILE B 104 36.13 18.59 35.35
N ILE B 105 36.44 18.43 36.65
CA ILE B 105 37.23 17.30 37.13
C ILE B 105 36.26 16.23 37.68
N VAL B 106 36.40 15.02 37.16
CA VAL B 106 35.53 13.90 37.55
C VAL B 106 35.95 13.39 38.93
N GLU B 107 34.99 13.19 39.83
CA GLU B 107 35.26 12.71 41.19
C GLU B 107 36.02 11.36 41.16
N PRO B 108 36.97 11.13 42.08
CA PRO B 108 37.80 9.91 42.02
C PRO B 108 37.05 8.59 41.88
N GLU B 109 35.87 8.46 42.54
CA GLU B 109 35.01 7.29 42.47
C GLU B 109 34.63 6.94 40.99
N LYS B 110 34.27 7.94 40.18
CA LYS B 110 33.85 7.74 38.80
C LYS B 110 34.95 7.97 37.77
N ARG B 111 36.17 8.25 38.23
CA ARG B 111 37.21 8.62 37.30
C ARG B 111 37.78 7.47 36.46
N GLY B 112 38.29 7.86 35.29
CA GLY B 112 38.93 7.00 34.30
C GLY B 112 40.14 7.71 33.75
N LYS B 113 40.75 7.18 32.69
CA LYS B 113 42.02 7.72 32.17
C LYS B 113 41.90 8.75 31.00
N TYR B 114 40.70 9.00 30.48
CA TYR B 114 40.56 9.91 29.34
C TYR B 114 40.19 11.36 29.67
N VAL B 115 40.67 12.27 28.78
CA VAL B 115 40.39 13.71 28.77
C VAL B 115 39.50 13.94 27.57
N VAL B 116 38.31 14.54 27.78
CA VAL B 116 37.34 14.78 26.70
C VAL B 116 37.03 16.26 26.54
N CYS B 117 37.20 16.77 25.30
CA CYS B 117 36.89 18.15 24.89
C CYS B 117 35.67 18.00 24.00
N PHE B 118 34.61 18.75 24.28
CA PHE B 118 33.41 18.61 23.46
C PHE B 118 32.66 19.92 23.26
N ASP B 119 31.85 19.93 22.20
CA ASP B 119 30.99 21.01 21.78
C ASP B 119 29.63 20.34 21.71
N PRO B 120 28.76 20.54 22.75
CA PRO B 120 27.53 19.72 22.83
C PRO B 120 26.49 19.97 21.76
N LEU B 121 26.28 21.21 21.34
CA LEU B 121 25.28 21.49 20.30
C LEU B 121 25.74 22.63 19.40
N ASP B 122 26.80 22.36 18.65
CA ASP B 122 27.36 23.30 17.71
C ASP B 122 26.28 23.62 16.59
N GLY B 123 26.15 24.89 16.24
CA GLY B 123 25.18 25.38 15.28
C GLY B 123 23.81 25.72 15.85
N SER B 124 23.61 25.56 17.18
CA SER B 124 22.33 25.77 17.88
C SER B 124 21.71 27.17 17.77
N SER B 125 22.52 28.21 17.53
CA SER B 125 21.99 29.57 17.37
C SER B 125 21.00 29.64 16.20
N ASN B 126 21.15 28.73 15.20
CA ASN B 126 20.27 28.73 14.04
C ASN B 126 19.34 27.49 13.98
N ILE B 127 19.14 26.82 15.14
CA ILE B 127 18.30 25.62 15.28
C ILE B 127 16.88 25.77 14.65
N ASP B 128 16.22 26.93 14.83
CA ASP B 128 14.86 27.17 14.34
C ASP B 128 14.66 27.05 12.81
N CYS B 129 15.74 26.99 12.02
CA CYS B 129 15.56 26.87 10.57
C CYS B 129 15.78 25.44 10.08
N LEU B 130 15.93 24.51 11.03
CA LEU B 130 16.07 23.06 10.85
C LEU B 130 17.34 22.70 10.13
N VAL B 131 18.31 23.60 10.25
CA VAL B 131 19.67 23.47 9.79
C VAL B 131 20.26 22.30 10.59
N SER B 132 21.18 21.55 10.01
CA SER B 132 21.82 20.47 10.74
C SER B 132 22.65 21.08 11.89
N VAL B 133 22.54 20.52 13.08
CA VAL B 133 23.34 20.88 14.26
C VAL B 133 24.19 19.67 14.60
N GLY B 134 25.10 19.78 15.55
CA GLY B 134 25.94 18.64 15.87
C GLY B 134 26.67 18.70 17.19
N THR B 135 27.20 17.55 17.61
CA THR B 135 28.01 17.40 18.81
C THR B 135 29.39 17.03 18.32
N ILE B 136 30.41 17.78 18.72
CA ILE B 136 31.81 17.57 18.31
C ILE B 136 32.55 17.10 19.55
N PHE B 137 33.48 16.14 19.39
CA PHE B 137 34.23 15.63 20.53
C PHE B 137 35.67 15.23 20.15
N GLY B 138 36.56 15.38 21.13
CA GLY B 138 37.98 15.02 21.08
C GLY B 138 38.40 14.31 22.34
N ILE B 139 39.07 13.15 22.20
CA ILE B 139 39.49 12.28 23.32
C ILE B 139 41.00 12.10 23.36
N TYR B 140 41.60 12.39 24.53
CA TYR B 140 43.02 12.24 24.80
C TYR B 140 43.20 11.29 25.96
N ARG B 141 44.34 10.60 26.01
N ARG B 141 44.28 10.47 25.96
CA ARG B 141 44.69 9.80 27.15
CA ARG B 141 44.52 9.50 27.02
C ARG B 141 45.49 10.78 28.01
C ARG B 141 45.66 9.89 27.98
N LYS B 142 45.21 10.78 29.32
N LYS B 142 45.35 9.91 29.30
CA LYS B 142 45.95 11.64 30.25
CA LYS B 142 46.33 10.21 30.36
C LYS B 142 47.44 11.23 30.16
C LYS B 142 47.01 8.91 30.78
N LYS B 143 48.29 12.17 29.76
N LYS B 143 48.35 8.92 30.89
CA LYS B 143 49.72 11.94 29.53
CA LYS B 143 49.18 7.76 31.21
C LYS B 143 50.57 12.15 30.79
C LYS B 143 49.54 7.55 32.69
N SER B 144 50.17 13.10 31.65
N SER B 144 49.73 8.63 33.45
CA SER B 144 50.92 13.48 32.84
CA SER B 144 50.14 8.59 34.86
C SER B 144 50.95 12.41 33.94
C SER B 144 48.99 8.63 35.87
N THR B 145 51.96 12.53 34.83
N THR B 145 49.33 8.47 37.16
CA THR B 145 52.18 11.65 35.98
CA THR B 145 48.39 8.59 38.27
C THR B 145 51.60 12.26 37.29
C THR B 145 48.43 10.04 38.76
N ASP B 146 50.90 13.42 37.18
N ASP B 146 49.25 10.91 38.11
CA ASP B 146 50.29 14.14 38.31
CA ASP B 146 49.35 12.34 38.44
C ASP B 146 48.75 13.98 38.36
C ASP B 146 47.94 12.95 38.52
N GLU B 147 48.09 14.58 39.38
N GLU B 147 47.71 13.83 39.51
CA GLU B 147 46.63 14.55 39.59
CA GLU B 147 46.42 14.50 39.72
C GLU B 147 45.90 15.16 38.39
C GLU B 147 45.86 15.18 38.47
N PRO B 148 44.70 14.71 37.99
CA PRO B 148 44.04 15.38 36.83
C PRO B 148 43.68 16.85 37.08
N SER B 149 43.93 17.71 36.07
CA SER B 149 43.68 19.16 36.06
C SER B 149 43.37 19.65 34.66
N GLU B 150 42.93 20.92 34.55
CA GLU B 150 42.62 21.62 33.30
C GLU B 150 43.81 21.50 32.33
N LYS B 151 45.04 21.56 32.87
CA LYS B 151 46.32 21.43 32.12
C LYS B 151 46.39 20.19 31.23
N ASP B 152 45.73 19.08 31.64
CA ASP B 152 45.68 17.85 30.85
C ASP B 152 44.90 18.02 29.55
N ALA B 153 44.08 19.06 29.45
CA ALA B 153 43.35 19.34 28.21
C ALA B 153 44.17 20.23 27.26
N LEU B 154 45.28 20.81 27.75
CA LEU B 154 46.12 21.69 26.91
C LEU B 154 47.20 20.88 26.19
N GLN B 155 46.76 19.99 25.30
CA GLN B 155 47.59 19.06 24.53
C GLN B 155 47.35 19.37 23.05
N PRO B 156 48.38 19.28 22.18
CA PRO B 156 48.13 19.50 20.76
C PRO B 156 47.24 18.36 20.22
N GLY B 157 46.37 18.68 19.26
CA GLY B 157 45.49 17.74 18.60
C GLY B 157 46.18 16.51 18.06
N ARG B 158 47.49 16.58 17.84
CA ARG B 158 48.33 15.48 17.39
C ARG B 158 48.24 14.28 18.37
N ASN B 159 47.97 14.56 19.66
CA ASN B 159 47.88 13.55 20.73
C ASN B 159 46.54 12.84 20.81
N LEU B 160 45.55 13.24 19.96
CA LEU B 160 44.20 12.63 19.98
C LEU B 160 44.24 11.13 19.79
N VAL B 161 43.42 10.40 20.58
CA VAL B 161 43.24 8.97 20.54
C VAL B 161 41.99 8.72 19.65
N ALA B 162 41.02 9.62 19.72
CA ALA B 162 39.78 9.49 18.97
C ALA B 162 39.13 10.86 18.94
N ALA B 163 38.39 11.12 17.86
CA ALA B 163 37.72 12.38 17.69
C ALA B 163 36.65 12.17 16.64
N GLY B 164 35.69 13.07 16.63
CA GLY B 164 34.62 13.00 15.66
C GLY B 164 33.45 13.89 16.00
N TYR B 165 32.32 13.54 15.40
CA TYR B 165 31.11 14.32 15.57
C TYR B 165 29.86 13.52 15.30
N ALA B 166 28.75 14.02 15.84
CA ALA B 166 27.42 13.53 15.57
C ALA B 166 26.74 14.67 14.80
N LEU B 167 26.16 14.36 13.66
CA LEU B 167 25.45 15.32 12.84
C LEU B 167 23.93 15.01 12.94
N TYR B 168 23.16 15.96 13.46
CA TYR B 168 21.74 15.82 13.59
C TYR B 168 21.11 16.48 12.35
N GLY B 169 21.01 15.73 11.26
CA GLY B 169 20.46 16.23 10.01
C GLY B 169 19.23 15.49 9.57
N SER B 170 19.09 15.27 8.27
CA SER B 170 17.93 14.55 7.72
C SER B 170 17.99 13.10 8.20
N ALA B 171 19.17 12.66 8.66
CA ALA B 171 19.48 11.39 9.34
C ALA B 171 20.47 11.76 10.45
N THR B 172 20.63 10.90 11.46
CA THR B 172 21.63 11.13 12.50
C THR B 172 22.86 10.30 12.20
N MET B 173 23.99 10.94 12.09
CA MET B 173 25.23 10.24 11.77
C MET B 173 26.30 10.50 12.79
N LEU B 174 27.06 9.48 13.13
CA LEU B 174 28.22 9.63 13.98
C LEU B 174 29.44 9.29 13.15
N VAL B 175 30.35 10.27 13.00
CA VAL B 175 31.62 10.09 12.28
C VAL B 175 32.70 9.95 13.35
N LEU B 176 33.41 8.84 13.33
CA LEU B 176 34.45 8.51 14.30
C LEU B 176 35.80 8.27 13.63
N ALA B 177 36.80 9.08 14.06
CA ALA B 177 38.17 8.95 13.58
C ALA B 177 39.02 8.42 14.72
N MET B 178 39.88 7.48 14.39
CA MET B 178 40.85 6.85 15.30
C MET B 178 42.11 6.63 14.49
N ASP B 179 43.18 6.09 15.11
CA ASP B 179 44.46 5.82 14.45
C ASP B 179 44.27 5.04 13.12
N CYS B 180 43.35 4.08 13.09
CA CYS B 180 43.07 3.21 11.95
C CYS B 180 42.33 3.90 10.77
N GLY B 181 41.71 5.05 11.01
CA GLY B 181 40.98 5.76 9.98
C GLY B 181 39.66 6.32 10.45
N VAL B 182 38.81 6.65 9.46
CA VAL B 182 37.50 7.27 9.65
C VAL B 182 36.36 6.31 9.28
N ASN B 183 35.41 6.14 10.19
CA ASN B 183 34.25 5.28 9.93
C ASN B 183 32.96 6.03 10.26
N CYS B 184 31.91 5.87 9.44
CA CYS B 184 30.61 6.55 9.63
C CYS B 184 29.53 5.57 10.05
N PHE B 185 28.74 5.97 11.06
CA PHE B 185 27.68 5.18 11.65
C PHE B 185 26.38 5.94 11.59
N MET B 186 25.35 5.33 11.09
CA MET B 186 24.05 5.98 11.03
C MET B 186 23.15 5.46 12.16
N LEU B 187 22.43 6.37 12.79
CA LEU B 187 21.51 5.97 13.87
C LEU B 187 20.30 5.29 13.24
N ASP B 188 19.99 4.05 13.66
CA ASP B 188 18.82 3.34 13.18
C ASP B 188 17.72 3.70 14.18
N PRO B 189 16.70 4.49 13.77
CA PRO B 189 15.67 4.91 14.73
C PRO B 189 14.87 3.76 15.32
N ALA B 190 14.66 2.68 14.54
CA ALA B 190 13.89 1.51 14.96
C ALA B 190 14.53 0.76 16.14
N ILE B 191 15.88 0.71 16.22
CA ILE B 191 16.50 -0.06 17.32
C ILE B 191 17.41 0.80 18.22
N GLY B 192 17.53 2.09 17.95
CA GLY B 192 18.38 2.98 18.74
C GLY B 192 19.82 2.54 18.81
N GLU B 193 20.39 2.21 17.66
CA GLU B 193 21.80 1.81 17.55
C GLU B 193 22.45 2.52 16.36
N PHE B 194 23.77 2.81 16.48
CA PHE B 194 24.58 3.37 15.42
C PHE B 194 25.13 2.22 14.60
N ILE B 195 24.76 2.16 13.32
CA ILE B 195 25.16 1.06 12.42
C ILE B 195 26.25 1.56 11.47
N LEU B 196 27.31 0.74 11.28
CA LEU B 196 28.40 1.03 10.36
C LEU B 196 27.87 1.09 8.91
N VAL B 197 28.01 2.25 8.26
CA VAL B 197 27.53 2.43 6.88
C VAL B 197 28.66 2.76 5.91
N ASP B 198 29.76 3.37 6.41
CA ASP B 198 30.90 3.75 5.54
C ASP B 198 32.21 3.43 6.22
N LYS B 199 32.94 2.44 5.69
CA LYS B 199 34.22 1.96 6.22
C LYS B 199 35.40 2.73 5.61
N ASP B 200 36.43 3.05 6.45
CA ASP B 200 37.71 3.69 6.08
C ASP B 200 37.54 4.76 4.96
N VAL B 201 36.75 5.79 5.31
CA VAL B 201 36.39 6.92 4.48
C VAL B 201 37.62 7.76 4.10
N LYS B 202 37.74 8.05 2.79
CA LYS B 202 38.83 8.88 2.25
C LYS B 202 38.24 10.04 1.50
N ILE B 203 38.75 11.26 1.78
CA ILE B 203 38.30 12.48 1.09
C ILE B 203 38.89 12.45 -0.34
N LYS B 204 38.17 13.03 -1.32
CA LYS B 204 38.66 13.19 -2.71
C LYS B 204 39.94 14.06 -2.64
N LYS B 205 40.90 13.79 -3.54
CA LYS B 205 42.15 14.55 -3.63
C LYS B 205 41.91 16.04 -3.93
N LYS B 206 40.93 16.33 -4.80
CA LYS B 206 40.53 17.68 -5.17
C LYS B 206 39.02 17.73 -5.37
N GLY B 207 38.37 18.71 -4.76
CA GLY B 207 36.93 18.92 -4.84
C GLY B 207 36.56 20.07 -5.76
N LYS B 208 35.26 20.43 -5.82
CA LYS B 208 34.79 21.49 -6.72
C LYS B 208 33.82 22.43 -6.01
N ILE B 209 33.95 22.50 -4.67
CA ILE B 209 33.14 23.35 -3.81
C ILE B 209 34.05 24.08 -2.81
N TYR B 210 33.79 25.39 -2.60
CA TYR B 210 34.50 26.16 -1.58
C TYR B 210 33.44 26.61 -0.57
N SER B 211 33.84 26.68 0.71
CA SER B 211 32.90 27.01 1.74
C SER B 211 33.44 28.00 2.74
N LEU B 212 32.82 29.21 2.79
CA LEU B 212 33.15 30.23 3.78
C LEU B 212 32.05 31.28 3.77
N ASN B 213 31.94 32.09 4.85
CA ASN B 213 30.96 33.19 4.92
C ASN B 213 31.56 34.37 4.13
N GLU B 214 31.11 34.55 2.87
CA GLU B 214 31.59 35.63 2.00
C GLU B 214 31.03 36.98 2.43
N GLY B 215 30.09 36.98 3.38
CA GLY B 215 29.52 38.19 3.95
C GLY B 215 30.56 39.03 4.68
N TYR B 216 31.67 38.40 5.14
CA TYR B 216 32.75 39.08 5.84
C TYR B 216 33.89 39.53 4.89
N ALA B 217 33.65 39.53 3.56
CA ALA B 217 34.65 39.88 2.53
C ALA B 217 35.43 41.15 2.84
N ARG B 218 34.77 42.17 3.43
CA ARG B 218 35.37 43.45 3.79
C ARG B 218 36.59 43.25 4.73
N ASP B 219 36.52 42.27 5.63
CA ASP B 219 37.57 42.01 6.60
C ASP B 219 38.59 40.95 6.16
N PHE B 220 38.41 40.33 4.99
CA PHE B 220 39.32 39.27 4.54
C PHE B 220 40.77 39.70 4.40
N ASP B 221 41.67 38.75 4.64
CA ASP B 221 43.09 38.93 4.38
C ASP B 221 43.20 38.92 2.81
N PRO B 222 44.12 39.68 2.17
CA PRO B 222 44.23 39.63 0.70
C PRO B 222 44.42 38.22 0.12
N ALA B 223 45.14 37.30 0.83
CA ALA B 223 45.34 35.92 0.39
C ALA B 223 44.00 35.18 0.23
N VAL B 224 43.09 35.40 1.21
CA VAL B 224 41.77 34.79 1.18
C VAL B 224 40.98 35.32 -0.04
N THR B 225 40.97 36.64 -0.19
CA THR B 225 40.32 37.35 -1.31
C THR B 225 40.88 36.80 -2.67
N GLU B 226 42.21 36.66 -2.80
CA GLU B 226 42.78 36.16 -4.04
C GLU B 226 42.36 34.72 -4.27
N TYR B 227 42.44 33.87 -3.22
CA TYR B 227 42.05 32.46 -3.34
C TYR B 227 40.61 32.31 -3.84
N ILE B 228 39.67 33.05 -3.24
CA ILE B 228 38.26 32.99 -3.64
C ILE B 228 38.09 33.47 -5.08
N GLN B 229 38.79 34.55 -5.45
CA GLN B 229 38.74 35.09 -6.80
C GLN B 229 39.16 34.03 -7.83
N ARG B 230 40.19 33.23 -7.52
CA ARG B 230 40.64 32.12 -8.38
C ARG B 230 39.59 31.03 -8.52
N LYS B 231 38.76 30.81 -7.48
CA LYS B 231 37.70 29.79 -7.52
C LYS B 231 36.53 30.25 -8.41
N LYS B 232 36.23 31.57 -8.43
CA LYS B 232 35.13 32.11 -9.23
C LYS B 232 35.57 32.43 -10.64
N PHE B 233 36.82 32.87 -10.80
CA PHE B 233 37.39 33.24 -12.09
C PHE B 233 38.69 32.42 -12.30
N PRO B 234 38.59 31.11 -12.64
CA PRO B 234 39.80 30.30 -12.81
C PRO B 234 40.73 30.84 -13.90
N PRO B 235 42.04 30.93 -13.64
CA PRO B 235 42.95 31.47 -14.67
C PRO B 235 43.14 30.53 -15.86
N ASP B 236 43.11 29.21 -15.59
CA ASP B 236 43.35 28.11 -16.52
C ASP B 236 42.15 27.62 -17.39
N ASN B 237 41.07 28.43 -17.55
CA ASN B 237 39.91 28.04 -18.38
C ASN B 237 39.07 26.87 -17.76
N SER B 238 39.46 26.35 -16.56
CA SER B 238 38.70 25.29 -15.89
C SER B 238 37.37 25.86 -15.37
N ALA B 239 36.43 24.98 -15.00
CA ALA B 239 35.12 25.41 -14.52
C ALA B 239 35.18 26.05 -13.13
N PRO B 240 34.47 27.18 -12.92
CA PRO B 240 34.45 27.80 -11.57
C PRO B 240 33.88 26.82 -10.56
N TYR B 241 34.35 26.90 -9.30
CA TYR B 241 33.83 26.04 -8.23
C TYR B 241 32.44 26.55 -7.82
N GLY B 242 31.65 25.67 -7.22
CA GLY B 242 30.37 26.00 -6.64
C GLY B 242 30.64 26.43 -5.21
N ALA B 243 29.72 27.18 -4.63
CA ALA B 243 29.87 27.68 -3.27
C ALA B 243 28.76 27.09 -2.43
N ARG B 244 29.08 26.69 -1.17
CA ARG B 244 28.12 26.18 -0.18
C ARG B 244 28.55 26.67 1.19
N TYR B 245 27.63 27.17 1.99
CA TYR B 245 27.93 27.60 3.36
C TYR B 245 26.66 27.53 4.17
N VAL B 246 26.59 26.50 5.02
CA VAL B 246 25.44 26.21 5.86
C VAL B 246 25.46 27.12 7.07
N GLY B 247 26.65 27.42 7.57
CA GLY B 247 26.82 28.25 8.76
C GLY B 247 26.84 27.41 10.02
N SER B 248 26.86 26.11 9.86
CA SER B 248 26.93 25.10 10.91
C SER B 248 28.21 24.31 10.60
N MET B 249 29.22 24.43 11.46
CA MET B 249 30.51 23.79 11.23
C MET B 249 30.45 22.31 10.87
N VAL B 250 29.67 21.51 11.64
CA VAL B 250 29.54 20.07 11.43
C VAL B 250 28.97 19.75 10.04
N ALA B 251 27.94 20.49 9.62
CA ALA B 251 27.32 20.28 8.30
C ALA B 251 28.35 20.63 7.19
N ASP B 252 29.05 21.76 7.33
CA ASP B 252 30.01 22.22 6.32
C ASP B 252 31.24 21.27 6.24
N VAL B 253 31.73 20.77 7.39
CA VAL B 253 32.86 19.83 7.44
C VAL B 253 32.39 18.48 6.86
N HIS B 254 31.18 18.02 7.25
CA HIS B 254 30.69 16.73 6.75
C HIS B 254 30.54 16.72 5.24
N ARG B 255 29.94 17.79 4.67
CA ARG B 255 29.80 17.94 3.22
C ARG B 255 31.18 17.90 2.56
N THR B 256 32.20 18.52 3.20
CA THR B 256 33.59 18.56 2.67
C THR B 256 34.18 17.14 2.63
N LEU B 257 33.91 16.36 3.67
CA LEU B 257 34.40 14.99 3.75
C LEU B 257 33.74 14.10 2.68
N VAL B 258 32.43 14.20 2.54
CA VAL B 258 31.63 13.38 1.63
C VAL B 258 31.83 13.77 0.16
N TYR B 259 31.83 15.05 -0.17
CA TYR B 259 31.92 15.46 -1.57
C TYR B 259 33.25 16.08 -1.97
N GLY B 260 34.15 16.31 -1.02
CA GLY B 260 35.42 16.95 -1.33
C GLY B 260 35.31 18.47 -1.38
N GLY B 261 36.45 19.12 -1.48
CA GLY B 261 36.50 20.57 -1.55
C GLY B 261 37.22 21.19 -0.37
N ILE B 262 36.85 22.43 -0.06
CA ILE B 262 37.54 23.21 0.97
C ILE B 262 36.58 24.02 1.82
N PHE B 263 36.93 24.11 3.11
CA PHE B 263 36.20 24.86 4.13
C PHE B 263 37.20 25.79 4.77
N LEU B 264 36.81 27.07 4.92
CA LEU B 264 37.66 28.15 5.45
C LEU B 264 36.94 28.97 6.52
N TYR B 265 37.61 29.14 7.65
CA TYR B 265 37.26 30.07 8.73
C TYR B 265 38.60 30.68 9.12
N PRO B 266 39.13 31.57 8.24
CA PRO B 266 40.51 32.05 8.44
C PRO B 266 40.70 33.28 9.31
N ALA B 267 41.98 33.52 9.66
CA ALA B 267 42.44 34.68 10.41
C ALA B 267 42.40 35.91 9.49
N ASN B 268 42.26 37.08 10.10
CA ASN B 268 42.30 38.39 9.46
C ASN B 268 42.85 39.43 10.46
N LYS B 269 43.10 40.68 10.01
CA LYS B 269 43.60 41.73 10.91
C LYS B 269 42.78 41.88 12.19
N LYS B 270 41.44 41.86 12.07
CA LYS B 270 40.49 41.98 13.20
C LYS B 270 40.50 40.75 14.16
N SER B 271 40.56 39.52 13.60
CA SER B 271 40.59 38.26 14.37
C SER B 271 41.90 37.52 14.02
N PRO B 272 43.06 37.94 14.59
CA PRO B 272 44.33 37.29 14.21
C PRO B 272 44.42 35.81 14.52
N ASN B 273 43.55 35.33 15.46
CA ASN B 273 43.50 33.91 15.80
C ASN B 273 42.28 33.20 15.24
N GLY B 274 41.53 33.82 14.34
CA GLY B 274 40.32 33.22 13.79
C GLY B 274 39.15 33.34 14.74
N LYS B 275 38.05 32.60 14.48
CA LYS B 275 36.83 32.63 15.29
C LYS B 275 36.57 31.29 16.00
N LEU B 276 36.72 30.17 15.28
CA LEU B 276 36.48 28.83 15.82
C LEU B 276 37.42 28.45 16.99
N ARG B 277 36.94 27.64 17.92
CA ARG B 277 37.70 27.23 19.10
C ARG B 277 38.57 26.00 18.82
N LEU B 278 39.84 26.09 19.19
CA LEU B 278 40.81 25.02 18.94
C LEU B 278 40.46 23.66 19.57
N LEU B 279 40.22 23.61 20.88
CA LEU B 279 40.03 22.36 21.59
C LEU B 279 38.86 21.51 21.20
N TYR B 280 37.68 22.10 21.01
CA TYR B 280 36.50 21.28 20.77
C TYR B 280 35.80 21.54 19.46
N GLU B 281 36.39 22.38 18.59
CA GLU B 281 35.83 22.62 17.26
C GLU B 281 36.86 22.27 16.21
N CYS B 282 38.02 22.97 16.21
CA CYS B 282 39.11 22.80 15.23
C CYS B 282 39.83 21.46 15.32
N ASN B 283 40.48 21.16 16.47
CA ASN B 283 41.24 19.91 16.63
C ASN B 283 40.45 18.66 16.24
N PRO B 284 39.23 18.42 16.76
CA PRO B 284 38.51 17.19 16.35
C PRO B 284 38.28 17.14 14.85
N MET B 285 37.90 18.27 14.21
CA MET B 285 37.61 18.30 12.78
C MET B 285 38.88 18.08 11.96
N ALA B 286 40.01 18.59 12.48
CA ALA B 286 41.32 18.46 11.84
C ALA B 286 41.77 17.03 11.85
N TYR B 287 41.50 16.34 12.96
CA TYR B 287 41.87 14.92 13.15
C TYR B 287 41.06 14.03 12.20
N VAL B 288 39.76 14.27 12.06
CA VAL B 288 38.91 13.56 11.11
C VAL B 288 39.48 13.81 9.69
N MET B 289 39.74 15.09 9.34
CA MET B 289 40.31 15.44 8.06
C MET B 289 41.60 14.70 7.77
N GLU B 290 42.58 14.76 8.68
CA GLU B 290 43.86 14.09 8.46
C GLU B 290 43.74 12.58 8.34
N LYS B 291 42.89 11.97 9.18
CA LYS B 291 42.65 10.52 9.11
C LYS B 291 41.89 10.09 7.85
N ALA B 292 41.27 11.04 7.13
CA ALA B 292 40.58 10.77 5.88
C ALA B 292 41.47 11.05 4.65
N GLY B 293 42.72 11.42 4.89
CA GLY B 293 43.66 11.76 3.83
C GLY B 293 43.58 13.22 3.41
N GLY B 294 42.91 14.03 4.22
CA GLY B 294 42.77 15.47 3.97
C GLY B 294 43.77 16.31 4.73
N MET B 295 43.56 17.63 4.74
CA MET B 295 44.47 18.57 5.40
C MET B 295 43.69 19.52 6.25
N ALA B 296 44.36 20.09 7.26
CA ALA B 296 43.78 21.09 8.16
C ALA B 296 44.86 21.99 8.67
N THR B 297 44.87 23.24 8.17
CA THR B 297 45.91 24.22 8.48
C THR B 297 45.36 25.52 9.08
N THR B 298 46.24 26.26 9.77
CA THR B 298 45.94 27.60 10.30
C THR B 298 46.44 28.60 9.23
N GLY B 299 47.25 28.10 8.30
CA GLY B 299 47.92 28.85 7.26
C GLY B 299 49.41 28.76 7.54
N LYS B 300 49.82 28.87 8.84
CA LYS B 300 51.22 28.79 9.23
C LYS B 300 51.66 27.38 9.59
N GLU B 301 50.74 26.59 10.18
CA GLU B 301 51.02 25.21 10.57
C GLU B 301 49.75 24.38 10.61
N ALA B 302 49.93 23.07 10.79
CA ALA B 302 48.84 22.13 10.92
C ALA B 302 48.10 22.49 12.21
N VAL B 303 46.75 22.51 12.15
CA VAL B 303 45.91 22.79 13.32
C VAL B 303 46.33 21.82 14.48
N LEU B 304 46.57 20.55 14.13
CA LEU B 304 46.94 19.50 15.09
C LEU B 304 48.31 19.73 15.80
N ASP B 305 49.12 20.67 15.29
CA ASP B 305 50.44 21.00 15.83
C ASP B 305 50.46 22.21 16.81
N VAL B 306 49.36 22.99 16.86
CA VAL B 306 49.24 24.15 17.75
C VAL B 306 49.21 23.61 19.21
N ILE B 307 50.09 24.17 20.07
CA ILE B 307 50.14 23.81 21.49
C ILE B 307 49.25 24.84 22.19
N PRO B 308 48.03 24.47 22.65
CA PRO B 308 47.17 25.48 23.28
C PRO B 308 47.69 25.93 24.65
N THR B 309 47.32 27.15 25.06
CA THR B 309 47.68 27.72 26.38
C THR B 309 46.42 28.09 27.17
N ASP B 310 45.25 28.11 26.50
CA ASP B 310 43.97 28.36 27.14
C ASP B 310 42.94 27.42 26.55
N ILE B 311 42.04 26.87 27.40
CA ILE B 311 41.05 25.89 26.94
C ILE B 311 40.04 26.48 25.92
N HIS B 312 39.79 27.82 25.94
CA HIS B 312 38.87 28.48 25.02
C HIS B 312 39.56 29.31 23.93
N GLN B 313 40.86 29.04 23.67
CA GLN B 313 41.56 29.82 22.64
C GLN B 313 41.06 29.50 21.24
N ARG B 314 41.08 30.52 20.40
CA ARG B 314 40.64 30.41 19.01
C ARG B 314 41.78 30.00 18.09
N ALA B 315 41.44 29.48 16.91
CA ALA B 315 42.40 29.07 15.88
C ALA B 315 41.81 29.32 14.50
N PRO B 316 42.62 29.83 13.55
CA PRO B 316 42.12 29.94 12.16
C PRO B 316 42.09 28.53 11.58
N VAL B 317 41.19 28.25 10.66
CA VAL B 317 41.15 26.89 10.10
C VAL B 317 40.79 26.92 8.62
N ILE B 318 41.56 26.15 7.84
CA ILE B 318 41.39 25.92 6.40
C ILE B 318 41.55 24.42 6.29
N LEU B 319 40.51 23.73 5.84
CA LEU B 319 40.57 22.26 5.76
C LEU B 319 39.84 21.67 4.56
N GLY B 320 40.15 20.41 4.28
CA GLY B 320 39.51 19.70 3.19
C GLY B 320 40.45 18.91 2.34
N SER B 321 40.06 18.78 1.05
CA SER B 321 40.78 18.06 -0.02
C SER B 321 42.21 18.54 -0.05
N PRO B 322 43.18 17.62 -0.03
CA PRO B 322 44.60 18.03 0.04
C PRO B 322 45.05 18.97 -1.08
N ASP B 323 44.62 18.73 -2.33
CA ASP B 323 45.00 19.61 -3.44
C ASP B 323 44.40 21.01 -3.30
N ASP B 324 43.19 21.10 -2.77
CA ASP B 324 42.55 22.40 -2.57
C ASP B 324 43.22 23.21 -1.45
N VAL B 325 43.59 22.55 -0.35
CA VAL B 325 44.26 23.23 0.78
C VAL B 325 45.66 23.63 0.32
N LEU B 326 46.36 22.78 -0.44
CA LEU B 326 47.70 23.12 -0.94
C LEU B 326 47.62 24.33 -1.84
N GLU B 327 46.56 24.42 -2.67
CA GLU B 327 46.38 25.59 -3.55
C GLU B 327 46.20 26.86 -2.70
N PHE B 328 45.43 26.76 -1.60
CA PHE B 328 45.25 27.89 -0.68
C PHE B 328 46.59 28.24 -0.08
N LEU B 329 47.36 27.25 0.34
CA LEU B 329 48.66 27.50 0.99
C LEU B 329 49.65 28.17 0.08
N LYS B 330 49.65 27.82 -1.23
CA LYS B 330 50.54 28.48 -2.22
C LYS B 330 50.16 29.96 -2.31
N VAL B 331 48.84 30.28 -2.27
CA VAL B 331 48.39 31.67 -2.30
C VAL B 331 48.81 32.33 -0.96
N TYR B 332 48.61 31.64 0.19
CA TYR B 332 48.96 32.15 1.53
C TYR B 332 50.46 32.54 1.61
N GLU B 333 51.34 31.66 1.08
CA GLU B 333 52.80 31.86 1.06
C GLU B 333 53.20 33.10 0.28
N LYS B 334 52.58 33.31 -0.91
CA LYS B 334 52.90 34.47 -1.72
C LYS B 334 52.49 35.79 -1.01
N HIS B 335 51.58 35.77 -0.02
CA HIS B 335 51.24 36.97 0.80
C HIS B 335 51.91 36.86 2.23
N SER B 336 53.09 36.23 2.32
CA SER B 336 53.88 36.08 3.55
C SER B 336 55.29 36.59 3.26
N ALA B 337 55.98 37.09 4.30
CA ALA B 337 57.31 37.71 4.23
C ALA B 337 58.39 36.90 3.51
N PRO C 6 12.32 20.06 29.91
CA PRO C 6 11.41 19.04 30.44
C PRO C 6 11.94 17.61 30.26
N PHE C 7 13.19 17.48 29.76
CA PHE C 7 13.90 16.20 29.51
C PHE C 7 14.92 15.90 30.62
N ASP C 8 15.07 14.61 30.98
CA ASP C 8 16.00 14.20 32.03
C ASP C 8 17.43 14.19 31.51
N THR C 9 18.33 14.87 32.26
CA THR C 9 19.73 14.99 31.88
C THR C 9 20.62 13.89 32.45
N ASP C 10 20.19 13.23 33.55
CA ASP C 10 20.95 12.15 34.18
C ASP C 10 20.24 10.81 33.96
N VAL C 11 20.25 10.34 32.70
CA VAL C 11 19.58 9.14 32.20
C VAL C 11 20.07 7.87 32.93
N ASN C 12 19.19 7.20 33.73
CA ASN C 12 19.52 5.97 34.47
C ASN C 12 19.27 4.71 33.63
N THR C 13 20.26 4.31 32.87
CA THR C 13 20.19 3.20 31.95
C THR C 13 20.57 1.89 32.61
N LEU C 14 20.24 0.76 31.95
CA LEU C 14 20.61 -0.57 32.39
C LEU C 14 22.15 -0.66 32.49
N THR C 15 22.85 -0.10 31.49
CA THR C 15 24.32 -0.04 31.42
C THR C 15 24.92 0.64 32.67
N ARG C 16 24.43 1.83 33.03
CA ARG C 16 24.89 2.56 34.20
C ARG C 16 24.73 1.74 35.46
N PHE C 17 23.55 1.11 35.59
CA PHE C 17 23.20 0.26 36.72
C PHE C 17 24.18 -0.91 36.89
N VAL C 18 24.46 -1.63 35.80
CA VAL C 18 25.36 -2.81 35.81
C VAL C 18 26.78 -2.38 36.18
N MET C 19 27.30 -1.27 35.57
CA MET C 19 28.61 -0.69 35.85
C MET C 19 28.77 -0.31 37.33
N GLU C 20 27.72 0.28 37.92
CA GLU C 20 27.71 0.66 39.34
C GLU C 20 27.79 -0.60 40.25
N GLU C 21 27.26 -1.76 39.79
CA GLU C 21 27.35 -3.02 40.55
C GLU C 21 28.77 -3.60 40.35
N GLY C 22 29.74 -3.03 41.06
CA GLY C 22 31.15 -3.41 41.00
C GLY C 22 32.07 -2.27 40.59
N THR C 28 36.54 -6.58 35.75
CA THR C 28 37.03 -6.41 34.37
C THR C 28 36.07 -5.57 33.49
N GLY C 29 34.76 -5.77 33.65
CA GLY C 29 33.74 -5.07 32.88
C GLY C 29 33.00 -5.96 31.89
N GLU C 30 33.33 -7.29 31.88
CA GLU C 30 32.72 -8.24 30.96
C GLU C 30 31.21 -8.37 31.14
N LEU C 31 30.67 -8.29 32.37
CA LEU C 31 29.20 -8.44 32.55
C LEU C 31 28.44 -7.33 31.88
N THR C 32 28.95 -6.09 32.00
CA THR C 32 28.39 -4.91 31.34
C THR C 32 28.37 -5.08 29.80
N GLN C 33 29.48 -5.56 29.21
CA GLN C 33 29.62 -5.79 27.77
C GLN C 33 28.59 -6.82 27.33
N LEU C 34 28.47 -7.89 28.14
CA LEU C 34 27.53 -8.98 27.89
C LEU C 34 26.08 -8.45 27.87
N LEU C 35 25.69 -7.75 28.94
CA LEU C 35 24.30 -7.26 29.03
C LEU C 35 23.99 -6.16 28.00
N ASN C 36 25.02 -5.38 27.60
CA ASN C 36 24.88 -4.34 26.59
C ASN C 36 24.59 -4.99 25.20
N SER C 37 25.34 -6.04 24.85
CA SER C 37 25.16 -6.80 23.61
C SER C 37 23.76 -7.44 23.60
N LEU C 38 23.34 -7.99 24.74
CA LEU C 38 22.04 -8.62 24.88
C LEU C 38 20.94 -7.58 24.64
N CYS C 39 21.09 -6.38 25.22
CA CYS C 39 20.13 -5.28 25.00
C CYS C 39 19.99 -4.91 23.53
N THR C 40 21.08 -4.97 22.75
CA THR C 40 21.04 -4.69 21.30
C THR C 40 20.13 -5.72 20.63
N ALA C 41 20.32 -7.02 20.93
CA ALA C 41 19.47 -8.10 20.40
C ALA C 41 17.99 -7.88 20.79
N VAL C 42 17.75 -7.53 22.06
CA VAL C 42 16.40 -7.32 22.57
C VAL C 42 15.67 -6.21 21.81
N LYS C 43 16.35 -5.08 21.58
CA LYS C 43 15.77 -3.93 20.88
C LYS C 43 15.43 -4.30 19.45
N ALA C 44 16.28 -5.10 18.80
CA ALA C 44 16.05 -5.56 17.44
C ALA C 44 14.89 -6.55 17.38
N ILE C 45 14.80 -7.45 18.38
CA ILE C 45 13.69 -8.40 18.45
C ILE C 45 12.37 -7.62 18.69
N SER C 46 12.37 -6.68 19.64
CA SER C 46 11.20 -5.85 19.95
C SER C 46 10.63 -5.17 18.70
N SER C 47 11.52 -4.60 17.89
CA SER C 47 11.20 -3.89 16.65
C SER C 47 10.58 -4.86 15.63
N ALA C 48 11.21 -6.01 15.42
CA ALA C 48 10.70 -7.03 14.50
C ALA C 48 9.27 -7.50 14.95
N VAL C 49 9.07 -7.67 16.26
CA VAL C 49 7.78 -8.13 16.79
C VAL C 49 6.72 -7.05 16.58
N ARG C 50 7.08 -5.79 16.79
CA ARG C 50 6.18 -4.66 16.59
C ARG C 50 5.73 -4.48 15.14
N LYS C 51 6.51 -4.99 14.19
CA LYS C 51 6.24 -4.87 12.75
C LYS C 51 5.93 -6.21 12.07
N ALA C 52 5.85 -7.31 12.86
CA ALA C 52 5.67 -8.70 12.43
C ALA C 52 4.74 -8.91 11.24
N GLY C 53 3.56 -8.31 11.28
CA GLY C 53 2.56 -8.41 10.21
C GLY C 53 2.93 -7.75 8.89
N ILE C 54 3.56 -6.57 8.97
CA ILE C 54 3.98 -5.79 7.80
C ILE C 54 5.19 -6.47 7.09
N ALA C 55 6.09 -7.10 7.89
CA ALA C 55 7.29 -7.82 7.42
C ALA C 55 7.01 -9.29 7.11
N LYS C 72 7.91 -18.91 13.95
CA LYS C 72 8.34 -19.34 12.62
C LYS C 72 9.75 -18.82 12.33
N LYS C 73 9.88 -17.96 11.29
CA LYS C 73 11.10 -17.28 10.87
C LYS C 73 11.61 -16.36 11.98
N LEU C 74 10.71 -15.82 12.83
CA LEU C 74 11.07 -14.96 13.94
C LEU C 74 11.92 -15.68 14.99
N ASP C 75 11.67 -16.99 15.23
CA ASP C 75 12.42 -17.84 16.17
C ASP C 75 13.88 -17.90 15.72
N VAL C 76 14.08 -18.17 14.43
CA VAL C 76 15.39 -18.29 13.78
C VAL C 76 16.15 -16.96 13.83
N LEU C 77 15.49 -15.86 13.42
CA LEU C 77 16.05 -14.52 13.41
C LEU C 77 16.49 -14.12 14.81
N SER C 78 15.61 -14.31 15.79
CA SER C 78 15.87 -13.95 17.18
C SER C 78 17.05 -14.74 17.71
N ASN C 79 17.13 -16.05 17.37
CA ASN C 79 18.20 -16.91 17.82
C ASN C 79 19.52 -16.45 17.25
N ASP C 80 19.54 -16.18 15.95
CA ASP C 80 20.73 -15.66 15.25
C ASP C 80 21.21 -14.32 15.85
N LEU C 81 20.28 -13.37 16.08
CA LEU C 81 20.58 -12.09 16.69
C LEU C 81 21.22 -12.30 18.06
N VAL C 82 20.59 -13.07 18.96
CA VAL C 82 21.10 -13.29 20.32
C VAL C 82 22.51 -13.95 20.27
N MET C 83 22.70 -14.98 19.48
CA MET C 83 23.97 -15.70 19.33
C MET C 83 25.10 -14.79 18.84
N ASN C 84 24.83 -14.03 17.75
CA ASN C 84 25.81 -13.12 17.16
C ASN C 84 26.20 -12.01 18.11
N MET C 85 25.21 -11.40 18.79
CA MET C 85 25.47 -10.33 19.75
C MET C 85 26.29 -10.83 20.94
N LEU C 86 25.96 -12.02 21.48
CA LEU C 86 26.67 -12.61 22.61
C LEU C 86 28.11 -12.98 22.28
N LYS C 87 28.36 -13.60 21.11
CA LYS C 87 29.71 -13.94 20.65
C LYS C 87 30.56 -12.66 20.50
N SER C 88 29.95 -11.57 19.95
CA SER C 88 30.64 -10.30 19.69
C SER C 88 30.90 -9.47 20.97
N SER C 89 30.30 -9.83 22.10
CA SER C 89 30.49 -9.11 23.36
C SER C 89 31.90 -9.33 23.95
N PHE C 90 32.60 -10.42 23.53
CA PHE C 90 33.91 -10.83 24.08
C PHE C 90 33.78 -11.27 25.53
N ALA C 91 32.58 -11.67 25.98
CA ALA C 91 32.34 -11.98 27.39
C ALA C 91 31.83 -13.39 27.63
N THR C 92 31.58 -14.15 26.56
CA THR C 92 31.02 -15.48 26.72
C THR C 92 31.94 -16.56 26.18
N CYS C 93 31.79 -17.78 26.66
CA CYS C 93 32.61 -18.89 26.17
C CYS C 93 31.71 -20.06 25.77
N VAL C 94 30.53 -20.22 26.45
CA VAL C 94 29.57 -21.30 26.21
C VAL C 94 28.15 -20.73 26.11
N LEU C 95 27.48 -21.00 24.98
CA LEU C 95 26.12 -20.52 24.73
C LEU C 95 25.18 -21.67 24.48
N VAL C 96 24.10 -21.74 25.28
CA VAL C 96 23.10 -22.79 25.16
C VAL C 96 21.80 -22.07 24.83
N SER C 97 21.15 -22.53 23.75
CA SER C 97 19.88 -21.98 23.30
C SER C 97 18.84 -23.08 23.18
N GLU C 98 17.58 -22.70 23.36
CA GLU C 98 16.41 -23.59 23.20
C GLU C 98 16.38 -24.11 21.76
N GLU C 99 16.85 -23.29 20.80
CA GLU C 99 16.83 -23.55 19.36
C GLU C 99 17.99 -24.38 18.83
N ASP C 100 19.00 -24.69 19.66
CA ASP C 100 20.15 -25.48 19.18
C ASP C 100 20.33 -26.74 19.95
N LYS C 101 20.53 -27.88 19.23
CA LYS C 101 20.73 -29.19 19.86
C LYS C 101 21.90 -29.20 20.84
N HIS C 102 23.06 -28.66 20.42
CA HIS C 102 24.24 -28.63 21.27
C HIS C 102 24.61 -27.26 21.70
N ALA C 103 25.49 -27.18 22.71
CA ALA C 103 26.02 -25.89 23.16
C ALA C 103 26.96 -25.35 22.09
N ILE C 104 26.99 -24.03 21.95
CA ILE C 104 27.86 -23.33 21.03
C ILE C 104 29.08 -22.87 21.84
N ILE C 105 30.28 -23.23 21.36
CA ILE C 105 31.54 -22.82 21.99
C ILE C 105 32.10 -21.65 21.18
N VAL C 106 32.36 -20.57 21.90
CA VAL C 106 32.88 -19.32 21.36
C VAL C 106 34.37 -19.48 21.01
N GLU C 107 34.75 -19.10 19.76
CA GLU C 107 36.13 -19.17 19.29
C GLU C 107 37.06 -18.38 20.23
N PRO C 108 38.32 -18.86 20.45
CA PRO C 108 39.19 -18.22 21.47
C PRO C 108 39.37 -16.72 21.35
N GLU C 109 39.40 -16.18 20.11
CA GLU C 109 39.53 -14.76 19.82
C GLU C 109 38.40 -13.95 20.50
N LYS C 110 37.15 -14.44 20.43
CA LYS C 110 36.00 -13.74 21.00
C LYS C 110 35.57 -14.23 22.39
N ARG C 111 36.31 -15.18 23.00
CA ARG C 111 35.83 -15.75 24.26
C ARG C 111 36.08 -14.88 25.49
N GLY C 112 35.18 -15.08 26.47
CA GLY C 112 35.16 -14.44 27.77
C GLY C 112 34.81 -15.50 28.79
N LYS C 113 34.65 -15.09 30.06
CA LYS C 113 34.40 -16.01 31.17
C LYS C 113 32.93 -16.50 31.38
N TYR C 114 31.91 -15.91 30.74
CA TYR C 114 30.55 -16.32 31.05
C TYR C 114 29.93 -17.44 30.19
N VAL C 115 29.00 -18.18 30.83
CA VAL C 115 28.19 -19.24 30.25
C VAL C 115 26.76 -18.68 30.20
N VAL C 116 26.13 -18.65 29.03
CA VAL C 116 24.78 -18.08 28.85
C VAL C 116 23.81 -19.12 28.30
N CYS C 117 22.68 -19.32 29.00
CA CYS C 117 21.55 -20.18 28.63
C CYS C 117 20.44 -19.22 28.29
N PHE C 118 19.83 -19.37 27.11
CA PHE C 118 18.78 -18.44 26.71
C PHE C 118 17.67 -19.10 25.89
N ASP C 119 16.52 -18.44 25.90
CA ASP C 119 15.30 -18.80 25.20
C ASP C 119 15.00 -17.54 24.38
N PRO C 120 15.35 -17.54 23.06
CA PRO C 120 15.30 -16.29 22.29
C PRO C 120 13.92 -15.70 22.06
N LEU C 121 12.91 -16.52 21.80
CA LEU C 121 11.56 -15.99 21.57
C LEU C 121 10.49 -16.91 22.13
N ASP C 122 10.48 -17.01 23.46
CA ASP C 122 9.51 -17.83 24.18
C ASP C 122 8.08 -17.26 23.91
N GLY C 123 7.14 -18.15 23.66
CA GLY C 123 5.74 -17.80 23.37
C GLY C 123 5.45 -17.55 21.91
N SER C 124 6.48 -17.67 21.02
CA SER C 124 6.37 -17.38 19.57
C SER C 124 5.33 -18.17 18.77
N SER C 125 4.97 -19.38 19.22
CA SER C 125 3.97 -20.20 18.55
C SER C 125 2.61 -19.46 18.49
N ASN C 126 2.37 -18.53 19.45
CA ASN C 126 1.12 -17.79 19.49
C ASN C 126 1.28 -16.28 19.15
N ILE C 127 2.40 -15.91 18.50
CA ILE C 127 2.74 -14.54 18.11
C ILE C 127 1.60 -13.81 17.36
N ASP C 128 0.90 -14.49 16.44
CA ASP C 128 -0.17 -13.92 15.62
C ASP C 128 -1.37 -13.32 16.39
N CYS C 129 -1.49 -13.58 17.70
CA CYS C 129 -2.62 -13.01 18.45
C CYS C 129 -2.20 -11.81 19.29
N LEU C 130 -0.96 -11.35 19.08
CA LEU C 130 -0.33 -10.18 19.68
C LEU C 130 -0.16 -10.32 21.18
N VAL C 131 -0.12 -11.58 21.61
CA VAL C 131 0.18 -12.03 22.95
C VAL C 131 1.62 -11.58 23.24
N SER C 132 1.92 -11.26 24.49
CA SER C 132 3.28 -10.88 24.85
C SER C 132 4.20 -12.09 24.64
N VAL C 133 5.35 -11.90 24.02
CA VAL C 133 6.39 -12.92 23.83
C VAL C 133 7.60 -12.43 24.61
N GLY C 134 8.65 -13.24 24.70
CA GLY C 134 9.81 -12.80 25.47
C GLY C 134 11.10 -13.55 25.24
N THR C 135 12.21 -12.95 25.71
CA THR C 135 13.54 -13.55 25.65
C THR C 135 13.92 -13.81 27.11
N ILE C 136 14.28 -15.06 27.44
CA ILE C 136 14.67 -15.45 28.80
C ILE C 136 16.15 -15.74 28.76
N PHE C 137 16.88 -15.37 29.83
CA PHE C 137 18.32 -15.63 29.88
C PHE C 137 18.83 -15.93 31.30
N GLY C 138 19.86 -16.77 31.36
CA GLY C 138 20.60 -17.17 32.56
C GLY C 138 22.10 -17.10 32.33
N ILE C 139 22.82 -16.44 33.25
CA ILE C 139 24.28 -16.21 33.14
C ILE C 139 25.05 -16.81 34.32
N TYR C 140 26.04 -17.65 34.01
CA TYR C 140 26.93 -18.30 34.98
C TYR C 140 28.36 -17.90 34.70
N ARG C 141 29.19 -17.85 35.75
CA ARG C 141 30.62 -17.60 35.55
C ARG C 141 31.22 -18.99 35.40
N LYS C 142 32.16 -19.17 34.48
CA LYS C 142 32.76 -20.49 34.28
C LYS C 142 33.54 -20.90 35.54
N LYS C 143 33.11 -22.05 36.14
CA LYS C 143 33.59 -22.64 37.39
C LYS C 143 34.72 -23.63 37.19
N SER C 144 34.69 -24.40 36.09
CA SER C 144 35.70 -25.42 35.84
C SER C 144 37.05 -24.81 35.52
N THR C 145 38.12 -25.60 35.72
CA THR C 145 39.53 -25.24 35.53
C THR C 145 40.08 -25.83 34.19
N ASP C 146 39.20 -26.04 33.20
CA ASP C 146 39.58 -26.59 31.91
C ASP C 146 39.02 -25.82 30.71
N GLU C 147 39.19 -26.37 29.50
CA GLU C 147 38.71 -25.82 28.24
C GLU C 147 37.20 -25.68 28.30
N PRO C 148 36.58 -24.62 27.78
CA PRO C 148 35.10 -24.55 27.82
C PRO C 148 34.41 -25.68 27.03
N SER C 149 33.31 -26.21 27.58
CA SER C 149 32.48 -27.29 26.99
C SER C 149 31.03 -27.16 27.43
N GLU C 150 30.12 -27.97 26.81
CA GLU C 150 28.69 -28.08 27.13
C GLU C 150 28.50 -28.30 28.62
N LYS C 151 29.38 -29.10 29.25
CA LYS C 151 29.41 -29.43 30.68
C LYS C 151 29.38 -28.21 31.60
N ASP C 152 29.97 -27.08 31.17
CA ASP C 152 29.95 -25.83 31.91
C ASP C 152 28.56 -25.24 32.06
N ALA C 153 27.60 -25.67 31.19
CA ALA C 153 26.23 -25.19 31.29
C ALA C 153 25.40 -26.08 32.23
N LEU C 154 25.94 -27.25 32.63
CA LEU C 154 25.22 -28.18 33.52
C LEU C 154 25.53 -27.85 34.99
N GLN C 155 25.10 -26.66 35.42
CA GLN C 155 25.29 -26.11 36.75
C GLN C 155 23.91 -25.87 37.36
N PRO C 156 23.72 -26.09 38.68
CA PRO C 156 22.41 -25.78 39.26
C PRO C 156 22.15 -24.27 39.24
N GLY C 157 20.88 -23.87 39.07
CA GLY C 157 20.43 -22.48 39.04
C GLY C 157 20.94 -21.65 40.19
N ARG C 158 21.30 -22.30 41.31
CA ARG C 158 21.86 -21.69 42.51
C ARG C 158 23.17 -20.93 42.21
N ASN C 159 23.90 -21.34 41.16
CA ASN C 159 25.17 -20.75 40.72
C ASN C 159 25.04 -19.51 39.84
N LEU C 160 23.78 -19.12 39.48
CA LEU C 160 23.53 -17.97 38.62
C LEU C 160 24.12 -16.67 39.17
N VAL C 161 24.73 -15.89 38.28
CA VAL C 161 25.34 -14.60 38.54
C VAL C 161 24.28 -13.55 38.19
N ALA C 162 23.50 -13.80 37.14
CA ALA C 162 22.46 -12.91 36.67
C ALA C 162 21.50 -13.70 35.82
N ALA C 163 20.24 -13.26 35.81
CA ALA C 163 19.20 -13.93 35.07
C ALA C 163 18.06 -12.97 34.93
N GLY C 164 17.22 -13.22 33.95
CA GLY C 164 16.07 -12.37 33.74
C GLY C 164 15.41 -12.60 32.41
N TYR C 165 14.63 -11.58 32.00
CA TYR C 165 13.88 -11.69 30.76
C TYR C 165 13.53 -10.34 30.20
N ALA C 166 13.24 -10.34 28.90
CA ALA C 166 12.73 -9.20 28.19
C ALA C 166 11.30 -9.62 27.81
N LEU C 167 10.32 -8.79 28.14
CA LEU C 167 8.92 -9.02 27.82
C LEU C 167 8.52 -8.02 26.70
N TYR C 168 8.13 -8.56 25.54
CA TYR C 168 7.70 -7.76 24.41
C TYR C 168 6.19 -7.65 24.47
N GLY C 169 5.69 -6.70 25.26
CA GLY C 169 4.26 -6.52 25.43
C GLY C 169 3.77 -5.16 25.00
N SER C 170 2.83 -4.61 25.74
CA SER C 170 2.28 -3.27 25.40
C SER C 170 3.40 -2.23 25.54
N ALA C 171 4.44 -2.56 26.33
CA ALA C 171 5.71 -1.86 26.48
C ALA C 171 6.79 -2.95 26.46
N THR C 172 8.05 -2.58 26.24
CA THR C 172 9.15 -3.55 26.29
C THR C 172 9.85 -3.40 27.62
N MET C 173 9.90 -4.45 28.38
CA MET C 173 10.52 -4.41 29.70
C MET C 173 11.61 -5.42 29.83
N LEU C 174 12.70 -5.04 30.49
CA LEU C 174 13.75 -5.96 30.81
C LEU C 174 13.80 -6.08 32.33
N VAL C 175 13.58 -7.30 32.82
CA VAL C 175 13.63 -7.60 34.26
C VAL C 175 14.97 -8.30 34.50
N LEU C 176 15.80 -7.72 35.36
CA LEU C 176 17.14 -8.24 35.66
C LEU C 176 17.30 -8.54 37.14
N ALA C 177 17.65 -9.80 37.44
CA ALA C 177 17.92 -10.27 38.78
C ALA C 177 19.39 -10.55 38.90
N MET C 178 19.96 -10.13 40.02
CA MET C 178 21.37 -10.33 40.40
C MET C 178 21.39 -10.55 41.91
N ASP C 179 22.56 -10.83 42.50
CA ASP C 179 22.68 -11.09 43.94
C ASP C 179 22.00 -10.00 44.80
N CYS C 180 22.06 -8.73 44.35
CA CYS C 180 21.52 -7.58 45.06
C CYS C 180 19.99 -7.44 44.99
N GLY C 181 19.34 -8.15 44.06
CA GLY C 181 17.90 -8.09 43.91
C GLY C 181 17.44 -8.02 42.47
N VAL C 182 16.16 -7.65 42.28
CA VAL C 182 15.47 -7.55 40.99
C VAL C 182 15.17 -6.11 40.66
N ASN C 183 15.55 -5.66 39.44
CA ASN C 183 15.30 -4.31 38.95
C ASN C 183 14.66 -4.38 37.56
N CYS C 184 13.68 -3.49 37.30
CA CYS C 184 12.96 -3.47 36.02
C CYS C 184 13.32 -2.24 35.22
N PHE C 185 13.60 -2.46 33.93
CA PHE C 185 14.03 -1.45 32.98
C PHE C 185 13.04 -1.40 31.84
N MET C 186 12.52 -0.25 31.51
CA MET C 186 11.61 -0.14 30.37
C MET C 186 12.33 0.47 29.16
N LEU C 187 12.08 -0.10 27.98
CA LEU C 187 12.70 0.41 26.77
C LEU C 187 12.05 1.74 26.41
N ASP C 188 12.86 2.82 26.28
CA ASP C 188 12.35 4.13 25.87
C ASP C 188 12.46 4.13 24.35
N PRO C 189 11.32 4.08 23.61
CA PRO C 189 11.41 3.99 22.14
C PRO C 189 12.09 5.18 21.50
N ALA C 190 11.94 6.39 22.10
CA ALA C 190 12.53 7.62 21.58
C ALA C 190 14.06 7.61 21.55
N ILE C 191 14.72 6.95 22.52
CA ILE C 191 16.18 6.99 22.55
C ILE C 191 16.83 5.60 22.50
N GLY C 192 16.03 4.54 22.41
CA GLY C 192 16.55 3.18 22.35
C GLY C 192 17.43 2.81 23.53
N GLU C 193 16.97 3.11 24.72
CA GLU C 193 17.68 2.77 25.95
C GLU C 193 16.70 2.17 26.96
N PHE C 194 17.19 1.24 27.79
CA PHE C 194 16.44 0.65 28.88
C PHE C 194 16.62 1.55 30.09
N ILE C 195 15.51 2.11 30.59
CA ILE C 195 15.51 3.04 31.73
C ILE C 195 15.02 2.33 32.98
N LEU C 196 15.72 2.54 34.12
CA LEU C 196 15.33 2.01 35.41
C LEU C 196 13.97 2.61 35.85
N VAL C 197 12.95 1.75 36.02
CA VAL C 197 11.61 2.20 36.42
C VAL C 197 11.18 1.61 37.76
N ASP C 198 11.73 0.44 38.16
CA ASP C 198 11.36 -0.22 39.42
C ASP C 198 12.58 -0.80 40.10
N LYS C 199 12.96 -0.21 41.26
CA LYS C 199 14.14 -0.61 42.04
C LYS C 199 13.77 -1.67 43.09
N ASP C 200 14.66 -2.68 43.28
CA ASP C 200 14.57 -3.75 44.30
C ASP C 200 13.11 -4.26 44.52
N VAL C 201 12.56 -4.80 43.43
CA VAL C 201 11.21 -5.34 43.30
C VAL C 201 10.99 -6.56 44.25
N LYS C 202 9.87 -6.51 45.00
CA LYS C 202 9.50 -7.58 45.93
C LYS C 202 8.12 -8.07 45.62
N ILE C 203 7.95 -9.41 45.50
CA ILE C 203 6.64 -10.03 45.25
C ILE C 203 5.82 -9.93 46.54
N LYS C 204 4.49 -9.80 46.42
CA LYS C 204 3.56 -9.80 47.57
C LYS C 204 3.71 -11.17 48.29
N LYS C 205 3.60 -11.19 49.62
CA LYS C 205 3.64 -12.44 50.42
C LYS C 205 2.56 -13.45 50.00
N LYS C 206 1.35 -12.96 49.69
CA LYS C 206 0.23 -13.79 49.23
C LYS C 206 -0.56 -13.03 48.18
N GLY C 207 -0.86 -13.69 47.07
CA GLY C 207 -1.63 -13.13 45.97
C GLY C 207 -3.06 -13.65 45.92
N LYS C 208 -3.80 -13.31 44.87
CA LYS C 208 -5.21 -13.68 44.76
C LYS C 208 -5.53 -14.15 43.35
N ILE C 209 -4.51 -14.63 42.63
CA ILE C 209 -4.60 -15.16 41.27
C ILE C 209 -3.80 -16.46 41.17
N TYR C 210 -4.38 -17.47 40.49
CA TYR C 210 -3.70 -18.72 40.20
C TYR C 210 -3.61 -18.84 38.68
N SER C 211 -2.52 -19.43 38.20
CA SER C 211 -2.27 -19.49 36.77
C SER C 211 -1.75 -20.84 36.32
N LEU C 212 -2.56 -21.54 35.50
CA LEU C 212 -2.17 -22.80 34.85
C LEU C 212 -3.17 -23.10 33.72
N ASN C 213 -2.80 -24.02 32.80
CA ASN C 213 -3.69 -24.44 31.72
C ASN C 213 -4.67 -25.48 32.30
N GLU C 214 -5.89 -25.05 32.67
CA GLU C 214 -6.90 -25.94 33.23
C GLU C 214 -7.50 -26.87 32.17
N GLY C 215 -7.15 -26.65 30.89
CA GLY C 215 -7.57 -27.51 29.80
C GLY C 215 -7.01 -28.92 29.92
N TYR C 216 -5.87 -29.09 30.65
CA TYR C 216 -5.23 -30.37 30.85
C TYR C 216 -5.68 -31.07 32.14
N ALA C 217 -6.78 -30.61 32.77
CA ALA C 217 -7.32 -31.13 34.02
C ALA C 217 -7.39 -32.67 34.09
N ARG C 218 -7.70 -33.33 32.94
CA ARG C 218 -7.80 -34.79 32.83
C ARG C 218 -6.48 -35.47 33.25
N ASP C 219 -5.34 -34.85 32.94
CA ASP C 219 -4.03 -35.42 33.22
C ASP C 219 -3.42 -34.94 34.53
N PHE C 220 -4.11 -34.06 35.28
CA PHE C 220 -3.55 -33.51 36.52
C PHE C 220 -3.23 -34.54 37.57
N ASP C 221 -2.19 -34.29 38.35
CA ASP C 221 -1.90 -35.10 39.53
C ASP C 221 -3.03 -34.72 40.57
N PRO C 222 -3.53 -35.65 41.41
CA PRO C 222 -4.55 -35.28 42.41
C PRO C 222 -4.21 -34.06 43.29
N ALA C 223 -2.91 -33.86 43.71
CA ALA C 223 -2.53 -32.67 44.50
C ALA C 223 -2.85 -31.37 43.77
N VAL C 224 -2.58 -31.32 42.46
CA VAL C 224 -2.86 -30.14 41.63
C VAL C 224 -4.38 -29.90 41.58
N THR C 225 -5.14 -30.95 41.30
CA THR C 225 -6.62 -30.93 41.29
C THR C 225 -7.15 -30.40 42.65
N GLU C 226 -6.63 -30.93 43.77
CA GLU C 226 -7.10 -30.49 45.08
C GLU C 226 -6.75 -29.04 45.32
N TYR C 227 -5.49 -28.66 45.01
CA TYR C 227 -5.04 -27.27 45.18
C TYR C 227 -5.94 -26.27 44.43
N ILE C 228 -6.23 -26.55 43.15
CA ILE C 228 -7.07 -25.70 42.33
C ILE C 228 -8.51 -25.65 42.88
N GLN C 229 -9.03 -26.78 43.33
CA GLN C 229 -10.35 -26.83 43.96
C GLN C 229 -10.43 -25.92 45.19
N ARG C 230 -9.36 -25.86 46.02
CA ARG C 230 -9.29 -24.97 47.20
C ARG C 230 -9.30 -23.49 46.80
N LYS C 231 -8.75 -23.18 45.62
CA LYS C 231 -8.72 -21.80 45.12
C LYS C 231 -10.11 -21.32 44.67
N LYS C 232 -10.93 -22.25 44.10
CA LYS C 232 -12.26 -21.96 43.58
C LYS C 232 -13.31 -22.06 44.67
N PHE C 233 -13.11 -23.00 45.60
CA PHE C 233 -14.01 -23.28 46.70
C PHE C 233 -13.22 -23.20 48.03
N PRO C 234 -12.87 -21.98 48.51
CA PRO C 234 -12.08 -21.85 49.75
C PRO C 234 -12.75 -22.49 50.96
N PRO C 235 -12.00 -23.26 51.77
CA PRO C 235 -12.63 -23.90 52.95
C PRO C 235 -13.01 -22.91 54.05
N ASP C 236 -12.19 -21.86 54.21
CA ASP C 236 -12.28 -20.83 55.25
C ASP C 236 -13.23 -19.63 55.00
N ASN C 237 -14.20 -19.73 54.05
CA ASN C 237 -15.15 -18.65 53.75
C ASN C 237 -14.48 -17.41 53.07
N SER C 238 -13.15 -17.44 52.81
CA SER C 238 -12.46 -16.37 52.10
C SER C 238 -12.89 -16.32 50.62
N ALA C 239 -12.60 -15.22 49.93
CA ALA C 239 -12.99 -15.04 48.53
C ALA C 239 -12.19 -15.97 47.59
N PRO C 240 -12.88 -16.60 46.60
CA PRO C 240 -12.16 -17.44 45.63
C PRO C 240 -11.15 -16.64 44.85
N TYR C 241 -10.03 -17.26 44.45
CA TYR C 241 -8.99 -16.56 43.66
C TYR C 241 -9.50 -16.38 42.24
N GLY C 242 -8.96 -15.39 41.54
CA GLY C 242 -9.20 -15.17 40.11
C GLY C 242 -8.22 -16.05 39.36
N ALA C 243 -8.56 -16.38 38.12
CA ALA C 243 -7.70 -17.20 37.27
C ALA C 243 -7.21 -16.35 36.10
N ARG C 244 -5.92 -16.51 35.70
CA ARG C 244 -5.29 -15.86 34.54
C ARG C 244 -4.31 -16.84 33.91
N TYR C 245 -4.34 -16.98 32.58
CA TYR C 245 -3.39 -17.86 31.87
C TYR C 245 -3.24 -17.39 30.47
N VAL C 246 -2.12 -16.74 30.20
CA VAL C 246 -1.80 -16.15 28.90
C VAL C 246 -1.30 -17.24 27.96
N GLY C 247 -0.56 -18.20 28.50
CA GLY C 247 0.00 -19.28 27.69
C GLY C 247 1.38 -18.95 27.18
N SER C 248 1.93 -17.84 27.67
CA SER C 248 3.24 -17.32 27.33
C SER C 248 3.93 -17.20 28.69
N MET C 249 4.93 -18.05 28.95
CA MET C 249 5.59 -18.12 30.25
C MET C 249 6.03 -16.79 30.84
N VAL C 250 6.72 -15.93 30.02
CA VAL C 250 7.24 -14.62 30.43
C VAL C 250 6.08 -13.72 30.91
N ALA C 251 4.95 -13.72 30.16
CA ALA C 251 3.79 -12.91 30.51
C ALA C 251 3.20 -13.36 31.86
N ASP C 252 3.01 -14.69 32.02
CA ASP C 252 2.42 -15.29 33.22
C ASP C 252 3.35 -15.12 34.45
N VAL C 253 4.67 -15.27 34.28
CA VAL C 253 5.63 -15.05 35.36
C VAL C 253 5.65 -13.54 35.72
N HIS C 254 5.70 -12.66 34.70
CA HIS C 254 5.75 -11.22 34.97
C HIS C 254 4.53 -10.74 35.75
N ARG C 255 3.32 -11.18 35.35
CA ARG C 255 2.09 -10.85 36.06
C ARG C 255 2.19 -11.32 37.51
N THR C 256 2.72 -12.53 37.74
CA THR C 256 2.90 -13.12 39.08
C THR C 256 3.81 -12.23 39.94
N LEU C 257 4.90 -11.74 39.34
CA LEU C 257 5.85 -10.87 40.04
C LEU C 257 5.20 -9.53 40.43
N VAL C 258 4.51 -8.90 39.49
CA VAL C 258 3.89 -7.60 39.65
C VAL C 258 2.66 -7.63 40.56
N TYR C 259 1.76 -8.59 40.38
CA TYR C 259 0.52 -8.62 41.14
C TYR C 259 0.45 -9.67 42.22
N GLY C 260 1.41 -10.57 42.29
CA GLY C 260 1.39 -11.66 43.27
C GLY C 260 0.56 -12.84 42.81
N GLY C 261 0.62 -13.91 43.56
CA GLY C 261 -0.11 -15.12 43.25
C GLY C 261 0.77 -16.31 42.93
N ILE C 262 0.24 -17.25 42.12
CA ILE C 262 0.95 -18.49 41.82
C ILE C 262 0.81 -18.90 40.36
N PHE C 263 1.89 -19.48 39.83
CA PHE C 263 1.98 -19.99 38.47
C PHE C 263 2.44 -21.44 38.59
N LEU C 264 1.75 -22.34 37.86
CA LEU C 264 2.00 -23.79 37.87
C LEU C 264 2.13 -24.37 36.46
N TYR C 265 3.20 -25.13 36.26
CA TYR C 265 3.45 -26.00 35.10
C TYR C 265 4.01 -27.28 35.74
N PRO C 266 3.13 -28.04 36.41
CA PRO C 266 3.61 -29.17 37.22
C PRO C 266 3.77 -30.51 36.52
N ALA C 267 4.43 -31.43 37.23
CA ALA C 267 4.61 -32.81 36.79
C ALA C 267 3.28 -33.56 36.93
N ASN C 268 3.10 -34.58 36.09
CA ASN C 268 1.95 -35.49 36.11
C ASN C 268 2.41 -36.88 35.63
N LYS C 269 1.54 -37.90 35.69
CA LYS C 269 1.85 -39.26 35.26
C LYS C 269 2.46 -39.29 33.86
N LYS C 270 1.86 -38.55 32.90
CA LYS C 270 2.29 -38.45 31.50
C LYS C 270 3.65 -37.73 31.31
N SER C 271 3.88 -36.61 32.05
CA SER C 271 5.11 -35.80 31.99
C SER C 271 5.73 -35.78 33.39
N PRO C 272 6.42 -36.86 33.81
CA PRO C 272 6.96 -36.91 35.19
C PRO C 272 7.97 -35.82 35.52
N ASN C 273 8.59 -35.21 34.49
CA ASN C 273 9.55 -34.12 34.69
C ASN C 273 8.98 -32.77 34.29
N GLY C 274 7.69 -32.66 34.06
CA GLY C 274 7.08 -31.40 33.63
C GLY C 274 7.26 -31.18 32.15
N LYS C 275 6.98 -29.96 31.67
CA LYS C 275 7.08 -29.58 30.25
C LYS C 275 8.16 -28.54 30.01
N LEU C 276 8.22 -27.51 30.86
CA LEU C 276 9.20 -26.43 30.72
C LEU C 276 10.67 -26.90 30.88
N ARG C 277 11.58 -26.25 30.18
CA ARG C 277 13.00 -26.57 30.17
C ARG C 277 13.74 -25.91 31.33
N LEU C 278 14.51 -26.71 32.06
CA LEU C 278 15.24 -26.24 33.23
C LEU C 278 16.23 -25.09 32.97
N LEU C 279 17.15 -25.27 32.02
CA LEU C 279 18.24 -24.34 31.80
C LEU C 279 17.86 -22.94 31.39
N TYR C 280 16.94 -22.81 30.43
CA TYR C 280 16.68 -21.49 29.88
C TYR C 280 15.23 -21.00 30.05
N GLU C 281 14.37 -21.76 30.78
CA GLU C 281 13.01 -21.34 31.10
C GLU C 281 12.86 -21.31 32.62
N CYS C 282 12.99 -22.45 33.29
CA CYS C 282 12.78 -22.61 34.74
C CYS C 282 13.81 -21.87 35.60
N ASN C 283 15.11 -22.25 35.52
CA ASN C 283 16.15 -21.63 36.32
C ASN C 283 16.13 -20.10 36.28
N PRO C 284 16.12 -19.42 35.11
CA PRO C 284 16.12 -17.95 35.12
C PRO C 284 14.91 -17.40 35.88
N MET C 285 13.70 -17.99 35.65
CA MET C 285 12.48 -17.52 36.29
C MET C 285 12.48 -17.75 37.79
N ALA C 286 13.09 -18.86 38.21
CA ALA C 286 13.22 -19.23 39.61
C ALA C 286 14.12 -18.29 40.33
N TYR C 287 15.19 -17.85 39.66
CA TYR C 287 16.19 -16.92 40.21
C TYR C 287 15.57 -15.54 40.42
N VAL C 288 14.79 -15.06 39.42
CA VAL C 288 14.06 -13.80 39.53
C VAL C 288 13.09 -13.91 40.74
N MET C 289 12.32 -15.02 40.80
CA MET C 289 11.39 -15.25 41.88
C MET C 289 12.06 -15.21 43.23
N GLU C 290 13.14 -15.99 43.44
CA GLU C 290 13.83 -16.01 44.73
C GLU C 290 14.40 -14.66 45.12
N LYS C 291 15.00 -13.94 44.15
CA LYS C 291 15.56 -12.61 44.40
C LYS C 291 14.50 -11.56 44.68
N ALA C 292 13.22 -11.84 44.36
CA ALA C 292 12.10 -10.96 44.65
C ALA C 292 11.39 -11.32 45.97
N GLY C 293 11.91 -12.31 46.69
CA GLY C 293 11.33 -12.80 47.94
C GLY C 293 10.25 -13.85 47.71
N GLY C 294 10.18 -14.39 46.48
CA GLY C 294 9.22 -15.42 46.13
C GLY C 294 9.79 -16.83 46.24
N MET C 295 9.07 -17.82 45.69
CA MET C 295 9.50 -19.24 45.73
C MET C 295 9.36 -19.83 44.36
N ALA C 296 10.13 -20.89 44.10
CA ALA C 296 10.08 -21.66 42.85
C ALA C 296 10.48 -23.08 43.14
N THR C 297 9.49 -24.00 43.10
CA THR C 297 9.68 -25.40 43.46
C THR C 297 9.29 -26.35 42.34
N THR C 298 9.82 -27.57 42.41
CA THR C 298 9.46 -28.68 41.52
C THR C 298 8.34 -29.48 42.24
N GLY C 299 8.19 -29.21 43.53
CA GLY C 299 7.31 -29.92 44.44
C GLY C 299 8.19 -30.66 45.45
N LYS C 300 9.31 -31.26 44.97
CA LYS C 300 10.24 -32.01 45.82
C LYS C 300 11.38 -31.14 46.35
N GLU C 301 11.83 -30.17 45.53
CA GLU C 301 12.92 -29.27 45.89
C GLU C 301 12.82 -27.96 45.12
N ALA C 302 13.67 -27.02 45.52
CA ALA C 302 13.79 -25.73 44.86
C ALA C 302 14.30 -26.01 43.43
N VAL C 303 13.69 -25.33 42.43
CA VAL C 303 14.11 -25.46 41.03
C VAL C 303 15.64 -25.17 40.92
N LEU C 304 16.11 -24.13 41.62
CA LEU C 304 17.51 -23.72 41.63
C LEU C 304 18.49 -24.77 42.17
N ASP C 305 17.98 -25.78 42.88
CA ASP C 305 18.79 -26.86 43.48
C ASP C 305 18.96 -28.12 42.60
N VAL C 306 18.16 -28.24 41.52
CA VAL C 306 18.24 -29.37 40.57
C VAL C 306 19.60 -29.30 39.86
N ILE C 307 20.34 -30.42 39.88
CA ILE C 307 21.64 -30.50 39.19
C ILE C 307 21.35 -31.09 37.82
N PRO C 308 21.38 -30.31 36.73
CA PRO C 308 21.03 -30.89 35.42
C PRO C 308 22.07 -31.86 34.89
N THR C 309 21.66 -32.77 34.02
CA THR C 309 22.51 -33.78 33.38
C THR C 309 22.40 -33.69 31.86
N ASP C 310 21.40 -32.98 31.35
CA ASP C 310 21.23 -32.72 29.91
C ASP C 310 20.82 -31.27 29.74
N ILE C 311 21.33 -30.60 28.71
CA ILE C 311 21.04 -29.16 28.48
C ILE C 311 19.56 -28.89 28.13
N HIS C 312 18.83 -29.88 27.58
CA HIS C 312 17.41 -29.73 27.24
C HIS C 312 16.45 -30.47 28.18
N GLN C 313 16.93 -30.83 29.41
CA GLN C 313 16.07 -31.53 30.35
C GLN C 313 14.92 -30.67 30.86
N ARG C 314 13.79 -31.33 31.11
CA ARG C 314 12.60 -30.65 31.61
C ARG C 314 12.57 -30.65 33.13
N ALA C 315 11.78 -29.74 33.70
CA ALA C 315 11.58 -29.61 35.14
C ALA C 315 10.16 -29.15 35.45
N PRO C 316 9.52 -29.72 36.48
CA PRO C 316 8.19 -29.20 36.86
C PRO C 316 8.40 -27.87 37.57
N VAL C 317 7.46 -26.95 37.47
CA VAL C 317 7.67 -25.67 38.16
C VAL C 317 6.36 -25.13 38.72
N ILE C 318 6.43 -24.70 39.99
CA ILE C 318 5.36 -24.05 40.75
C ILE C 318 6.08 -22.85 41.37
N LEU C 319 5.63 -21.63 41.04
CA LEU C 319 6.32 -20.44 41.53
C LEU C 319 5.38 -19.28 41.87
N GLY C 320 5.91 -18.31 42.60
CA GLY C 320 5.18 -17.11 42.95
C GLY C 320 5.32 -16.70 44.39
N SER C 321 4.22 -16.08 44.91
CA SER C 321 4.07 -15.57 46.27
C SER C 321 4.38 -16.70 47.25
N PRO C 322 5.27 -16.44 48.24
CA PRO C 322 5.70 -17.51 49.14
C PRO C 322 4.56 -18.22 49.88
N ASP C 323 3.54 -17.49 50.36
CA ASP C 323 2.42 -18.10 51.05
C ASP C 323 1.59 -19.00 50.11
N ASP C 324 1.45 -18.60 48.85
CA ASP C 324 0.71 -19.41 47.88
C ASP C 324 1.43 -20.70 47.55
N VAL C 325 2.75 -20.63 47.35
CA VAL C 325 3.56 -21.82 47.01
C VAL C 325 3.61 -22.76 48.21
N LEU C 326 3.73 -22.21 49.43
CA LEU C 326 3.73 -23.02 50.64
C LEU C 326 2.40 -23.77 50.80
N GLU C 327 1.28 -23.11 50.47
CA GLU C 327 -0.07 -23.71 50.49
C GLU C 327 -0.10 -24.87 49.51
N PHE C 328 0.50 -24.71 48.29
CA PHE C 328 0.56 -25.78 47.30
C PHE C 328 1.40 -26.92 47.87
N LEU C 329 2.54 -26.60 48.47
CA LEU C 329 3.44 -27.64 49.00
C LEU C 329 2.81 -28.47 50.08
N LYS C 330 1.97 -27.86 50.95
CA LYS C 330 1.26 -28.60 52.01
C LYS C 330 0.32 -29.60 51.36
N VAL C 331 -0.34 -29.21 50.24
CA VAL C 331 -1.23 -30.12 49.50
C VAL C 331 -0.39 -31.23 48.85
N TYR C 332 0.76 -30.86 48.24
CA TYR C 332 1.67 -31.77 47.56
C TYR C 332 2.17 -32.86 48.53
N GLU C 333 2.57 -32.47 49.76
CA GLU C 333 3.07 -33.37 50.82
C GLU C 333 2.02 -34.40 51.22
N LYS C 334 0.78 -33.97 51.44
CA LYS C 334 -0.29 -34.88 51.82
C LYS C 334 -0.57 -35.93 50.69
N HIS C 335 -0.25 -35.62 49.41
CA HIS C 335 -0.34 -36.62 48.35
C HIS C 335 1.08 -37.23 48.05
N SER C 336 1.96 -37.32 49.06
CA SER C 336 3.30 -37.92 48.91
C SER C 336 3.51 -38.97 49.99
N ALA C 337 4.68 -39.68 49.95
CA ALA C 337 5.24 -40.71 50.84
C ALA C 337 4.77 -42.07 50.39
N PRO D 6 12.74 -3.04 -2.12
CA PRO D 6 12.98 -1.89 -1.25
C PRO D 6 11.76 -1.52 -0.39
N PHE D 7 11.19 -0.31 -0.62
CA PHE D 7 10.02 0.19 0.13
C PHE D 7 8.76 0.16 -0.74
N ASP D 8 7.57 -0.04 -0.11
CA ASP D 8 6.29 -0.06 -0.83
C ASP D 8 5.85 1.36 -1.19
N THR D 9 5.53 1.58 -2.47
CA THR D 9 5.14 2.88 -2.98
C THR D 9 3.63 3.11 -2.94
N ASP D 10 2.82 2.02 -2.91
CA ASP D 10 1.35 2.13 -2.88
C ASP D 10 0.83 1.69 -1.52
N VAL D 11 1.10 2.54 -0.49
CA VAL D 11 0.78 2.33 0.92
C VAL D 11 -0.75 2.17 1.14
N ASN D 12 -1.20 0.97 1.54
CA ASN D 12 -2.62 0.66 1.82
C ASN D 12 -3.00 0.95 3.28
N THR D 13 -3.41 2.20 3.53
CA THR D 13 -3.74 2.68 4.85
C THR D 13 -5.20 2.45 5.20
N LEU D 14 -5.53 2.57 6.51
CA LEU D 14 -6.90 2.48 6.98
C LEU D 14 -7.76 3.55 6.29
N THR D 15 -7.23 4.78 6.16
CA THR D 15 -7.88 5.92 5.51
C THR D 15 -8.27 5.58 4.07
N ARG D 16 -7.32 5.05 3.26
CA ARG D 16 -7.57 4.66 1.87
C ARG D 16 -8.68 3.65 1.78
N PHE D 17 -8.63 2.65 2.66
CA PHE D 17 -9.63 1.59 2.75
C PHE D 17 -11.05 2.12 3.02
N VAL D 18 -11.19 3.00 4.03
CA VAL D 18 -12.49 3.59 4.40
C VAL D 18 -13.05 4.43 3.23
N MET D 19 -12.19 5.29 2.62
CA MET D 19 -12.53 6.13 1.45
C MET D 19 -13.03 5.29 0.28
N GLU D 20 -12.37 4.15 0.00
CA GLU D 20 -12.76 3.25 -1.07
C GLU D 20 -14.15 2.65 -0.81
N GLU D 21 -14.53 2.43 0.48
CA GLU D 21 -15.85 1.91 0.84
C GLU D 21 -16.89 3.05 0.73
N GLY D 22 -17.27 3.37 -0.51
CA GLY D 22 -18.22 4.43 -0.82
C GLY D 22 -17.65 5.50 -1.72
N GLY D 27 -20.55 8.03 1.19
CA GLY D 27 -21.32 9.23 0.91
C GLY D 27 -20.56 10.55 1.03
N THR D 28 -20.93 11.39 2.05
CA THR D 28 -20.36 12.72 2.37
C THR D 28 -18.84 12.73 2.68
N GLY D 29 -18.37 11.69 3.37
CA GLY D 29 -16.98 11.56 3.77
C GLY D 29 -16.78 11.64 5.27
N GLU D 30 -17.91 11.81 6.05
CA GLU D 30 -17.87 11.92 7.51
C GLU D 30 -17.28 10.69 8.18
N LEU D 31 -17.56 9.48 7.67
CA LEU D 31 -17.03 8.26 8.33
C LEU D 31 -15.51 8.22 8.30
N THR D 32 -14.91 8.60 7.16
CA THR D 32 -13.45 8.69 6.99
C THR D 32 -12.84 9.68 7.98
N GLN D 33 -13.43 10.90 8.08
CA GLN D 33 -13.01 11.95 9.01
C GLN D 33 -13.04 11.37 10.44
N LEU D 34 -14.16 10.72 10.81
CA LEU D 34 -14.35 10.11 12.13
C LEU D 34 -13.25 9.06 12.43
N LEU D 35 -13.06 8.09 11.52
CA LEU D 35 -12.09 7.03 11.75
C LEU D 35 -10.63 7.55 11.74
N ASN D 36 -10.35 8.61 10.96
CA ASN D 36 -9.05 9.26 10.91
C ASN D 36 -8.73 9.90 12.27
N SER D 37 -9.67 10.65 12.85
CA SER D 37 -9.58 11.27 14.19
C SER D 37 -9.34 10.22 15.26
N LEU D 38 -10.08 9.10 15.17
CA LEU D 38 -9.97 7.99 16.09
C LEU D 38 -8.57 7.39 16.01
N CYS D 39 -8.04 7.18 14.80
CA CYS D 39 -6.66 6.69 14.61
C CYS D 39 -5.62 7.59 15.27
N THR D 40 -5.84 8.93 15.25
CA THR D 40 -4.91 9.87 15.91
C THR D 40 -4.90 9.59 17.40
N ALA D 41 -6.10 9.48 18.01
CA ALA D 41 -6.22 9.13 19.45
C ALA D 41 -5.52 7.79 19.77
N VAL D 42 -5.74 6.76 18.93
CA VAL D 42 -5.16 5.42 19.11
C VAL D 42 -3.64 5.48 19.12
N LYS D 43 -3.06 6.20 18.17
CA LYS D 43 -1.59 6.31 18.06
C LYS D 43 -0.99 6.98 19.28
N ALA D 44 -1.68 8.00 19.81
CA ALA D 44 -1.26 8.72 21.00
C ALA D 44 -1.40 7.82 22.24
N ILE D 45 -2.48 7.03 22.31
CA ILE D 45 -2.65 6.09 23.41
C ILE D 45 -1.55 5.03 23.37
N SER D 46 -1.30 4.46 22.18
CA SER D 46 -0.26 3.43 21.98
C SER D 46 1.09 3.89 22.51
N SER D 47 1.48 5.13 22.16
CA SER D 47 2.72 5.78 22.56
C SER D 47 2.81 5.94 24.07
N ALA D 48 1.75 6.47 24.71
CA ALA D 48 1.69 6.63 26.15
C ALA D 48 1.81 5.25 26.86
N VAL D 49 1.15 4.21 26.33
CA VAL D 49 1.19 2.86 26.91
C VAL D 49 2.61 2.30 26.82
N ARG D 50 3.27 2.52 25.68
CA ARG D 50 4.63 2.04 25.44
C ARG D 50 5.66 2.70 26.35
N LYS D 51 5.36 3.88 26.89
CA LYS D 51 6.27 4.62 27.76
C LYS D 51 5.76 4.75 29.20
N ALA D 52 4.60 4.15 29.52
CA ALA D 52 3.87 4.20 30.79
C ALA D 52 4.76 4.30 32.04
N GLY D 53 5.73 3.41 32.19
CA GLY D 53 6.61 3.41 33.35
C GLY D 53 7.59 4.57 33.47
N ILE D 54 8.12 5.03 32.33
CA ILE D 54 9.08 6.14 32.26
C ILE D 54 8.37 7.48 32.56
N ALA D 55 7.10 7.61 32.09
CA ALA D 55 6.25 8.79 32.26
C ALA D 55 5.40 8.80 33.53
N HIS D 56 4.29 8.00 33.57
CA HIS D 56 3.27 7.89 34.64
C HIS D 56 3.88 7.96 36.07
N LEU D 57 4.91 7.12 36.36
CA LEU D 57 5.63 7.01 37.63
C LEU D 57 4.74 6.54 38.77
N LYS D 72 -5.54 5.02 37.04
CA LYS D 72 -6.57 5.99 36.67
C LYS D 72 -6.02 7.02 35.67
N LYS D 73 -4.76 7.48 35.89
CA LYS D 73 -4.06 8.46 35.06
C LYS D 73 -4.22 8.17 33.54
N LEU D 74 -3.84 6.95 33.11
CA LEU D 74 -3.94 6.55 31.71
C LEU D 74 -5.37 6.41 31.22
N ASP D 75 -6.33 5.99 32.11
CA ASP D 75 -7.76 5.88 31.79
C ASP D 75 -8.30 7.26 31.41
N VAL D 76 -7.99 8.26 32.26
CA VAL D 76 -8.41 9.65 32.13
C VAL D 76 -7.84 10.24 30.85
N LEU D 77 -6.51 10.08 30.65
CA LEU D 77 -5.80 10.62 29.49
C LEU D 77 -6.39 10.05 28.19
N SER D 78 -6.57 8.74 28.16
CA SER D 78 -7.11 8.06 27.00
C SER D 78 -8.51 8.52 26.69
N ASN D 79 -9.34 8.71 27.73
CA ASN D 79 -10.71 9.15 27.58
C ASN D 79 -10.74 10.56 27.01
N ASP D 80 -9.90 11.44 27.56
CA ASP D 80 -9.79 12.82 27.09
C ASP D 80 -9.34 12.88 25.62
N LEU D 81 -8.30 12.11 25.25
CA LEU D 81 -7.80 12.01 23.88
C LEU D 81 -8.92 11.58 22.93
N VAL D 82 -9.62 10.47 23.23
CA VAL D 82 -10.70 9.95 22.37
C VAL D 82 -11.84 10.98 22.23
N MET D 83 -12.29 11.60 23.34
CA MET D 83 -13.36 12.59 23.32
C MET D 83 -12.98 13.80 22.44
N ASN D 84 -11.79 14.37 22.70
CA ASN D 84 -11.33 15.56 21.98
C ASN D 84 -11.18 15.32 20.49
N MET D 85 -10.57 14.19 20.11
CA MET D 85 -10.38 13.83 18.70
C MET D 85 -11.73 13.60 17.99
N LEU D 86 -12.67 12.91 18.64
CA LEU D 86 -14.00 12.65 18.08
C LEU D 86 -14.80 13.93 17.88
N LYS D 87 -14.81 14.84 18.88
CA LYS D 87 -15.51 16.12 18.77
C LYS D 87 -14.92 16.94 17.60
N SER D 88 -13.59 16.93 17.43
CA SER D 88 -12.88 17.69 16.41
C SER D 88 -13.05 17.13 14.99
N SER D 89 -13.54 15.89 14.85
CA SER D 89 -13.73 15.27 13.54
C SER D 89 -14.86 15.92 12.71
N PHE D 90 -15.81 16.63 13.38
CA PHE D 90 -17.01 17.22 12.73
C PHE D 90 -17.98 16.13 12.23
N ALA D 91 -17.79 14.89 12.70
CA ALA D 91 -18.55 13.73 12.26
C ALA D 91 -19.51 13.17 13.31
N THR D 92 -19.48 13.70 14.56
CA THR D 92 -20.25 13.13 15.66
C THR D 92 -21.21 14.09 16.34
N CYS D 93 -22.23 13.53 16.99
CA CYS D 93 -23.21 14.33 17.75
C CYS D 93 -23.38 13.85 19.19
N VAL D 94 -23.25 12.54 19.42
CA VAL D 94 -23.41 11.93 20.75
C VAL D 94 -22.25 10.99 21.03
N LEU D 95 -21.64 11.15 22.20
CA LEU D 95 -20.51 10.31 22.60
C LEU D 95 -20.77 9.68 23.92
N VAL D 96 -20.69 8.34 23.96
CA VAL D 96 -20.89 7.56 25.17
C VAL D 96 -19.57 6.89 25.45
N SER D 97 -19.08 7.05 26.69
CA SER D 97 -17.85 6.45 27.16
C SER D 97 -18.10 5.67 28.43
N GLU D 98 -17.29 4.63 28.64
CA GLU D 98 -17.30 3.80 29.85
C GLU D 98 -16.98 4.69 31.07
N GLU D 99 -16.12 5.71 30.86
CA GLU D 99 -15.61 6.63 31.87
C GLU D 99 -16.53 7.78 32.25
N ASP D 100 -17.64 7.98 31.52
CA ASP D 100 -18.55 9.11 31.83
C ASP D 100 -19.93 8.64 32.16
N LYS D 101 -20.49 9.12 33.28
CA LYS D 101 -21.83 8.73 33.73
C LYS D 101 -22.89 9.01 32.65
N HIS D 102 -22.88 10.20 32.03
CA HIS D 102 -23.84 10.55 30.98
C HIS D 102 -23.24 10.64 29.62
N ALA D 103 -24.09 10.66 28.60
CA ALA D 103 -23.61 10.86 27.24
C ALA D 103 -23.14 12.30 27.08
N ILE D 104 -22.11 12.51 26.25
CA ILE D 104 -21.58 13.83 25.92
C ILE D 104 -22.23 14.26 24.61
N ILE D 105 -22.83 15.45 24.60
CA ILE D 105 -23.45 16.02 23.40
C ILE D 105 -22.46 17.03 22.80
N VAL D 106 -22.11 16.82 21.54
CA VAL D 106 -21.16 17.63 20.81
C VAL D 106 -21.75 19.01 20.52
N GLU D 107 -20.97 20.08 20.78
CA GLU D 107 -21.39 21.47 20.54
C GLU D 107 -21.84 21.66 19.07
N PRO D 108 -22.89 22.47 18.82
CA PRO D 108 -23.45 22.55 17.46
C PRO D 108 -22.48 22.84 16.34
N GLU D 109 -21.45 23.67 16.61
CA GLU D 109 -20.40 24.04 15.69
C GLU D 109 -19.65 22.80 15.14
N LYS D 110 -19.32 21.86 16.02
CA LYS D 110 -18.58 20.65 15.67
C LYS D 110 -19.43 19.39 15.39
N ARG D 111 -20.76 19.52 15.40
CA ARG D 111 -21.71 18.40 15.23
C ARG D 111 -21.66 17.71 13.87
N GLY D 112 -21.80 16.38 13.88
CA GLY D 112 -21.88 15.51 12.71
C GLY D 112 -23.04 14.54 12.88
N LYS D 113 -23.15 13.53 12.00
CA LYS D 113 -24.31 12.63 12.06
C LYS D 113 -24.11 11.31 12.86
N TYR D 114 -22.89 11.01 13.33
CA TYR D 114 -22.67 9.76 14.03
C TYR D 114 -22.72 9.81 15.56
N VAL D 115 -23.11 8.66 16.13
CA VAL D 115 -23.18 8.36 17.56
C VAL D 115 -22.05 7.36 17.79
N VAL D 116 -21.19 7.64 18.79
CA VAL D 116 -20.03 6.77 19.08
C VAL D 116 -20.04 6.33 20.53
N CYS D 117 -19.98 5.00 20.76
CA CYS D 117 -19.88 4.32 22.05
C CYS D 117 -18.49 3.78 22.11
N PHE D 118 -17.75 4.09 23.18
CA PHE D 118 -16.37 3.63 23.25
C PHE D 118 -15.93 3.31 24.66
N ASP D 119 -14.90 2.46 24.73
CA ASP D 119 -14.23 2.00 25.92
C ASP D 119 -12.78 2.41 25.68
N PRO D 120 -12.32 3.53 26.29
CA PRO D 120 -11.02 4.10 25.89
C PRO D 120 -9.80 3.28 26.25
N LEU D 121 -9.79 2.62 27.41
CA LEU D 121 -8.63 1.80 27.77
C LEU D 121 -9.06 0.57 28.55
N ASP D 122 -9.75 -0.33 27.85
CA ASP D 122 -10.21 -1.58 28.40
C ASP D 122 -8.98 -2.43 28.81
N GLY D 123 -9.07 -3.06 29.98
CA GLY D 123 -8.02 -3.87 30.58
C GLY D 123 -7.01 -3.09 31.40
N SER D 124 -7.18 -1.75 31.53
CA SER D 124 -6.23 -0.84 32.23
C SER D 124 -5.98 -1.14 33.72
N SER D 125 -6.91 -1.82 34.41
CA SER D 125 -6.70 -2.18 35.82
C SER D 125 -5.46 -3.08 35.97
N ASN D 126 -5.08 -3.80 34.89
CA ASN D 126 -3.94 -4.70 34.93
C ASN D 126 -2.76 -4.21 34.05
N ILE D 127 -2.75 -2.91 33.68
CA ILE D 127 -1.74 -2.28 32.83
C ILE D 127 -0.29 -2.57 33.28
N ASP D 128 -0.01 -2.52 34.60
CA ASP D 128 1.33 -2.70 35.16
C ASP D 128 2.00 -4.06 34.85
N CYS D 129 1.27 -5.05 34.33
CA CYS D 129 1.90 -6.34 34.02
C CYS D 129 2.19 -6.50 32.54
N LEU D 130 2.00 -5.41 31.78
CA LEU D 130 2.26 -5.27 30.34
C LEU D 130 1.40 -6.18 29.49
N VAL D 131 0.25 -6.53 30.07
CA VAL D 131 -0.84 -7.25 29.44
C VAL D 131 -1.36 -6.33 28.30
N SER D 132 -1.85 -6.92 27.23
CA SER D 132 -2.40 -6.11 26.16
C SER D 132 -3.65 -5.36 26.67
N VAL D 133 -3.74 -4.07 26.38
CA VAL D 133 -4.90 -3.22 26.71
C VAL D 133 -5.52 -2.80 25.37
N GLY D 134 -6.66 -2.15 25.38
CA GLY D 134 -7.27 -1.77 24.12
C GLY D 134 -8.36 -0.73 24.18
N THR D 135 -8.70 -0.18 23.01
CA THR D 135 -9.76 0.80 22.85
C THR D 135 -10.83 0.09 22.03
N ILE D 136 -12.07 0.06 22.50
CA ILE D 136 -13.20 -0.57 21.81
C ILE D 136 -14.12 0.53 21.37
N PHE D 137 -14.72 0.41 20.17
CA PHE D 137 -15.62 1.44 19.65
C PHE D 137 -16.77 0.86 18.80
N GLY D 138 -17.91 1.52 18.86
CA GLY D 138 -19.13 1.24 18.12
C GLY D 138 -19.69 2.53 17.55
N ILE D 139 -19.99 2.52 16.23
CA ILE D 139 -20.49 3.70 15.50
C ILE D 139 -21.88 3.47 14.89
N TYR D 140 -22.80 4.37 15.20
CA TYR D 140 -24.18 4.35 14.70
C TYR D 140 -24.47 5.64 13.99
N ARG D 141 -25.44 5.61 13.06
N ARG D 141 -25.34 5.61 12.95
CA ARG D 141 -25.93 6.83 12.44
CA ARG D 141 -25.66 6.82 12.17
C ARG D 141 -27.11 7.25 13.30
C ARG D 141 -27.07 7.39 12.42
N LYS D 142 -27.22 8.54 13.63
N LYS D 142 -27.15 8.70 12.77
CA LYS D 142 -28.33 9.08 14.40
CA LYS D 142 -28.41 9.45 12.98
C LYS D 142 -29.61 8.80 13.59
C LYS D 142 -28.86 10.04 11.64
N LYS D 143 -30.51 7.99 14.15
N LYS D 143 -30.16 9.89 11.32
CA LYS D 143 -31.74 7.54 13.50
CA LYS D 143 -30.75 10.33 10.05
C LYS D 143 -32.92 8.50 13.70
C LYS D 143 -31.44 11.71 10.07
N SER D 144 -33.00 9.14 14.87
N SER D 144 -32.10 12.09 11.17
CA SER D 144 -34.11 10.01 15.25
CA SER D 144 -32.86 13.35 11.30
C SER D 144 -34.20 11.31 14.45
C SER D 144 -32.10 14.55 11.84
N THR D 145 -35.42 11.92 14.45
N THR D 145 -32.75 15.73 11.83
CA THR D 145 -35.76 13.18 13.79
CA THR D 145 -32.22 16.96 12.41
C THR D 145 -35.72 14.37 14.79
C THR D 145 -32.73 17.04 13.87
N ASP D 146 -35.28 14.11 16.06
N ASP D 146 -33.48 16.02 14.33
CA ASP D 146 -35.18 15.12 17.13
CA ASP D 146 -33.97 15.94 15.71
C ASP D 146 -33.73 15.58 17.41
C ASP D 146 -32.81 16.18 16.69
N GLU D 147 -33.54 16.55 18.33
N GLU D 147 -33.07 16.94 17.77
CA GLU D 147 -32.22 17.08 18.75
CA GLU D 147 -32.05 17.26 18.78
C GLU D 147 -31.36 15.95 19.29
C GLU D 147 -31.35 16.04 19.35
N PRO D 148 -30.02 15.95 19.16
CA PRO D 148 -29.26 14.82 19.73
C PRO D 148 -29.36 14.70 21.27
N SER D 149 -29.49 13.46 21.76
CA SER D 149 -29.58 13.11 23.20
C SER D 149 -29.00 11.72 23.46
N GLU D 150 -28.86 11.37 24.75
CA GLU D 150 -28.39 10.09 25.25
C GLU D 150 -29.16 8.93 24.59
N LYS D 151 -30.48 9.12 24.39
CA LYS D 151 -31.42 8.19 23.76
C LYS D 151 -30.96 7.68 22.39
N ASP D 152 -30.21 8.50 21.63
CA ASP D 152 -29.66 8.11 20.33
C ASP D 152 -28.63 7.00 20.47
N ALA D 153 -28.05 6.81 21.67
CA ALA D 153 -27.08 5.74 21.90
C ALA D 153 -27.76 4.44 22.30
N LEU D 154 -29.08 4.48 22.60
CA LEU D 154 -29.82 3.28 23.04
C LEU D 154 -30.42 2.56 21.81
N GLN D 155 -29.55 2.05 20.97
CA GLN D 155 -29.86 1.37 19.71
C GLN D 155 -29.32 -0.04 19.78
N PRO D 156 -30.01 -1.05 19.23
CA PRO D 156 -29.45 -2.41 19.25
C PRO D 156 -28.24 -2.48 18.33
N GLY D 157 -27.29 -3.33 18.69
CA GLY D 157 -26.07 -3.59 17.90
C GLY D 157 -26.36 -3.84 16.43
N ARG D 158 -27.51 -4.45 16.06
CA ARG D 158 -27.89 -4.65 14.66
C ARG D 158 -27.75 -3.39 13.80
N ASN D 159 -27.91 -2.20 14.42
CA ASN D 159 -27.86 -0.90 13.74
C ASN D 159 -26.47 -0.34 13.49
N LEU D 160 -25.40 -1.04 13.97
CA LEU D 160 -24.02 -0.57 13.79
C LEU D 160 -23.63 -0.37 12.32
N VAL D 161 -22.93 0.73 12.05
CA VAL D 161 -22.43 1.11 10.75
C VAL D 161 -20.96 0.61 10.70
N ALA D 162 -20.26 0.69 11.85
CA ALA D 162 -18.87 0.26 11.98
C ALA D 162 -18.58 0.05 13.43
N ALA D 163 -17.63 -0.86 13.71
CA ALA D 163 -17.25 -1.22 15.06
C ALA D 163 -15.93 -1.92 15.01
N GLY D 164 -15.25 -1.94 16.14
CA GLY D 164 -13.98 -2.62 16.24
C GLY D 164 -13.22 -2.25 17.49
N TYR D 165 -11.90 -2.46 17.40
CA TYR D 165 -11.00 -2.23 18.50
C TYR D 165 -9.57 -2.01 18.07
N ALA D 166 -8.82 -1.35 18.94
CA ALA D 166 -7.39 -1.18 18.82
C ALA D 166 -6.81 -2.02 19.95
N LEU D 167 -5.87 -2.90 19.63
CA LEU D 167 -5.19 -3.74 20.62
C LEU D 167 -3.75 -3.21 20.77
N TYR D 168 -3.41 -2.76 21.98
CA TYR D 168 -2.06 -2.27 22.27
C TYR D 168 -1.27 -3.45 22.88
N GLY D 169 -0.68 -4.25 22.03
CA GLY D 169 0.08 -5.41 22.49
C GLY D 169 1.52 -5.37 22.06
N SER D 170 2.08 -6.53 21.71
CA SER D 170 3.47 -6.61 21.23
C SER D 170 3.60 -5.84 19.92
N ALA D 171 2.47 -5.61 19.24
CA ALA D 171 2.28 -4.73 18.07
C ALA D 171 0.95 -4.01 18.30
N THR D 172 0.73 -2.88 17.63
CA THR D 172 -0.55 -2.19 17.72
C THR D 172 -1.41 -2.56 16.53
N MET D 173 -2.59 -3.08 16.78
CA MET D 173 -3.47 -3.49 15.71
C MET D 173 -4.82 -2.84 15.81
N LEU D 174 -5.39 -2.46 14.68
CA LEU D 174 -6.75 -1.95 14.65
C LEU D 174 -7.57 -2.92 13.83
N VAL D 175 -8.59 -3.51 14.45
CA VAL D 175 -9.50 -4.43 13.79
C VAL D 175 -10.78 -3.61 13.54
N LEU D 176 -11.18 -3.52 12.25
CA LEU D 176 -12.35 -2.76 11.82
C LEU D 176 -13.37 -3.65 11.09
N ALA D 177 -14.61 -3.67 11.64
CA ALA D 177 -15.72 -4.38 11.04
C ALA D 177 -16.70 -3.35 10.47
N MET D 178 -17.18 -3.64 9.26
CA MET D 178 -18.20 -2.86 8.56
C MET D 178 -19.08 -3.88 7.84
N ASP D 179 -20.13 -3.40 7.13
CA ASP D 179 -21.06 -4.29 6.41
C ASP D 179 -20.36 -5.29 5.49
N CYS D 180 -19.25 -4.88 4.88
CA CYS D 180 -18.48 -5.70 3.95
C CYS D 180 -17.64 -6.81 4.60
N GLY D 181 -17.38 -6.71 5.90
CA GLY D 181 -16.55 -7.67 6.60
C GLY D 181 -15.59 -7.05 7.58
N VAL D 182 -14.61 -7.85 8.01
CA VAL D 182 -13.58 -7.49 9.01
C VAL D 182 -12.22 -7.39 8.34
N ASN D 183 -11.51 -6.29 8.61
CA ASN D 183 -10.16 -6.06 8.10
C ASN D 183 -9.24 -5.65 9.24
N CYS D 184 -7.98 -6.17 9.26
CA CYS D 184 -7.00 -5.85 10.31
C CYS D 184 -5.89 -4.96 9.77
N PHE D 185 -5.53 -3.94 10.56
CA PHE D 185 -4.53 -2.92 10.21
C PHE D 185 -3.49 -2.86 11.29
N MET D 186 -2.23 -2.95 10.93
CA MET D 186 -1.17 -2.87 11.93
C MET D 186 -0.53 -1.50 11.89
N LEU D 187 -0.25 -0.93 13.06
CA LEU D 187 0.38 0.37 13.15
C LEU D 187 1.84 0.22 12.75
N ASP D 188 2.29 1.00 11.76
CA ASP D 188 3.69 1.00 11.35
C ASP D 188 4.34 2.10 12.17
N PRO D 189 5.21 1.74 13.17
CA PRO D 189 5.78 2.79 14.03
C PRO D 189 6.64 3.80 13.28
N ALA D 190 7.31 3.37 12.19
CA ALA D 190 8.18 4.26 11.38
C ALA D 190 7.44 5.40 10.69
N ILE D 191 6.17 5.18 10.27
CA ILE D 191 5.46 6.24 9.55
C ILE D 191 4.15 6.65 10.20
N GLY D 192 3.83 6.09 11.37
CA GLY D 192 2.61 6.43 12.11
C GLY D 192 1.35 6.29 11.27
N GLU D 193 1.20 5.16 10.60
CA GLU D 193 0.01 4.85 9.81
C GLU D 193 -0.41 3.39 10.02
N PHE D 194 -1.73 3.12 9.94
CA PHE D 194 -2.30 1.77 10.06
C PHE D 194 -2.30 1.16 8.67
N ILE D 195 -1.57 0.06 8.50
CA ILE D 195 -1.43 -0.64 7.20
C ILE D 195 -2.28 -1.91 7.19
N LEU D 196 -3.01 -2.13 6.08
CA LEU D 196 -3.84 -3.32 5.90
C LEU D 196 -2.95 -4.57 5.86
N VAL D 197 -3.15 -5.50 6.80
CA VAL D 197 -2.36 -6.74 6.89
C VAL D 197 -3.24 -7.99 6.69
N ASP D 198 -4.54 -7.89 7.00
CA ASP D 198 -5.45 -9.05 6.87
C ASP D 198 -6.78 -8.61 6.29
N LYS D 199 -7.09 -9.07 5.08
CA LYS D 199 -8.30 -8.75 4.33
C LYS D 199 -9.40 -9.77 4.58
N ASP D 200 -10.67 -9.29 4.72
CA ASP D 200 -11.91 -10.09 4.88
C ASP D 200 -11.68 -11.36 5.77
N VAL D 201 -11.30 -11.10 7.03
CA VAL D 201 -10.99 -12.04 8.07
C VAL D 201 -12.22 -12.90 8.44
N LYS D 202 -12.01 -14.23 8.47
CA LYS D 202 -13.06 -15.17 8.84
C LYS D 202 -12.55 -16.06 9.96
N ILE D 203 -13.37 -16.20 11.02
CA ILE D 203 -13.04 -17.07 12.16
C ILE D 203 -13.17 -18.54 11.72
N LYS D 204 -12.35 -19.44 12.31
CA LYS D 204 -12.42 -20.90 12.04
C LYS D 204 -13.85 -21.37 12.48
N LYS D 205 -14.41 -22.38 11.78
CA LYS D 205 -15.73 -22.93 12.10
C LYS D 205 -15.76 -23.52 13.54
N LYS D 206 -14.66 -24.16 13.98
CA LYS D 206 -14.50 -24.73 15.30
C LYS D 206 -13.07 -24.58 15.74
N GLY D 207 -12.88 -24.09 16.97
CA GLY D 207 -11.55 -23.88 17.57
C GLY D 207 -11.21 -24.94 18.60
N LYS D 208 -10.09 -24.76 19.31
CA LYS D 208 -9.61 -25.74 20.29
C LYS D 208 -9.16 -25.08 21.59
N ILE D 209 -9.70 -23.88 21.86
CA ILE D 209 -9.41 -23.09 23.05
C ILE D 209 -10.73 -22.55 23.62
N TYR D 210 -10.86 -22.58 24.95
CA TYR D 210 -11.99 -21.98 25.65
C TYR D 210 -11.41 -20.91 26.57
N SER D 211 -12.15 -19.83 26.73
CA SER D 211 -11.65 -18.70 27.49
C SER D 211 -12.69 -18.13 28.43
N LEU D 212 -12.42 -18.24 29.75
CA LEU D 212 -13.27 -17.66 30.80
C LEU D 212 -12.51 -17.68 32.11
N ASN D 213 -12.93 -16.85 33.09
CA ASN D 213 -12.33 -16.83 34.41
C ASN D 213 -12.92 -18.00 35.20
N GLU D 214 -12.17 -19.13 35.28
CA GLU D 214 -12.63 -20.31 36.00
C GLU D 214 -12.58 -20.13 37.52
N GLY D 215 -12.00 -19.02 37.96
CA GLY D 215 -11.92 -18.68 39.38
C GLY D 215 -13.29 -18.43 39.98
N TYR D 216 -14.29 -18.09 39.15
CA TYR D 216 -15.68 -17.86 39.55
C TYR D 216 -16.56 -19.12 39.44
N ALA D 217 -15.96 -20.31 39.29
CA ALA D 217 -16.66 -21.60 39.16
C ALA D 217 -17.77 -21.82 40.16
N ARG D 218 -17.58 -21.36 41.42
CA ARG D 218 -18.59 -21.50 42.50
C ARG D 218 -19.91 -20.83 42.12
N ASP D 219 -19.86 -19.73 41.38
CA ASP D 219 -21.07 -18.99 40.99
C ASP D 219 -21.62 -19.38 39.61
N PHE D 220 -20.96 -20.29 38.87
CA PHE D 220 -21.41 -20.68 37.53
C PHE D 220 -22.80 -21.28 37.50
N ASP D 221 -23.50 -21.03 36.40
CA ASP D 221 -24.79 -21.65 36.14
C ASP D 221 -24.43 -23.09 35.68
N PRO D 222 -25.28 -24.12 35.92
CA PRO D 222 -24.90 -25.48 35.50
C PRO D 222 -24.53 -25.63 34.02
N ALA D 223 -25.21 -24.91 33.10
CA ALA D 223 -24.90 -25.03 31.68
C ALA D 223 -23.45 -24.64 31.39
N VAL D 224 -22.92 -23.65 32.13
CA VAL D 224 -21.53 -23.24 31.98
C VAL D 224 -20.63 -24.37 32.51
N THR D 225 -20.92 -24.86 33.72
CA THR D 225 -20.19 -25.95 34.39
C THR D 225 -20.10 -27.22 33.51
N GLU D 226 -21.24 -27.61 32.94
CA GLU D 226 -21.31 -28.81 32.10
C GLU D 226 -20.56 -28.59 30.83
N TYR D 227 -20.68 -27.41 30.21
CA TYR D 227 -19.99 -27.11 28.97
C TYR D 227 -18.48 -27.19 29.16
N ILE D 228 -17.97 -26.60 30.25
CA ILE D 228 -16.53 -26.57 30.55
C ILE D 228 -16.03 -28.00 30.81
N GLN D 229 -16.82 -28.80 31.53
CA GLN D 229 -16.50 -30.20 31.79
C GLN D 229 -16.32 -30.99 30.49
N ARG D 230 -17.19 -30.77 29.48
CA ARG D 230 -17.08 -31.42 28.16
C ARG D 230 -15.78 -31.01 27.42
N LYS D 231 -15.29 -29.78 27.66
CA LYS D 231 -14.05 -29.28 27.04
C LYS D 231 -12.82 -29.96 27.64
N LYS D 232 -12.84 -30.25 28.96
CA LYS D 232 -11.72 -30.88 29.68
C LYS D 232 -11.78 -32.40 29.58
N PHE D 233 -12.98 -32.95 29.55
CA PHE D 233 -13.23 -34.38 29.50
C PHE D 233 -14.13 -34.68 28.30
N PRO D 234 -13.59 -34.65 27.06
CA PRO D 234 -14.44 -34.91 25.88
C PRO D 234 -15.08 -36.28 25.91
N PRO D 235 -16.40 -36.38 25.61
CA PRO D 235 -17.07 -37.70 25.64
C PRO D 235 -16.59 -38.64 24.54
N ASP D 236 -16.31 -38.06 23.36
CA ASP D 236 -15.96 -38.74 22.09
C ASP D 236 -14.47 -39.11 21.87
N ASN D 237 -13.63 -39.19 22.94
CA ASN D 237 -12.20 -39.57 22.79
C ASN D 237 -11.34 -38.48 22.08
N SER D 238 -11.95 -37.33 21.67
CA SER D 238 -11.19 -36.23 21.03
C SER D 238 -10.27 -35.55 22.07
N ALA D 239 -9.31 -34.75 21.61
CA ALA D 239 -8.36 -34.06 22.48
C ALA D 239 -9.04 -32.95 23.32
N PRO D 240 -8.73 -32.86 24.64
CA PRO D 240 -9.31 -31.77 25.45
C PRO D 240 -8.87 -30.41 24.90
N TYR D 241 -9.71 -29.37 25.03
CA TYR D 241 -9.36 -28.02 24.59
C TYR D 241 -8.33 -27.44 25.55
N GLY D 242 -7.56 -26.48 25.06
CA GLY D 242 -6.63 -25.71 25.86
C GLY D 242 -7.41 -24.55 26.45
N ALA D 243 -6.91 -24.01 27.55
CA ALA D 243 -7.55 -22.88 28.22
C ALA D 243 -6.64 -21.69 28.12
N ARG D 244 -7.21 -20.48 27.86
CA ARG D 244 -6.50 -19.20 27.83
C ARG D 244 -7.39 -18.14 28.40
N TYR D 245 -6.90 -17.31 29.30
CA TYR D 245 -7.68 -16.20 29.84
C TYR D 245 -6.74 -15.12 30.29
N VAL D 246 -6.66 -14.05 29.47
CA VAL D 246 -5.76 -12.94 29.69
C VAL D 246 -6.37 -12.02 30.75
N GLY D 247 -7.69 -11.91 30.75
CA GLY D 247 -8.36 -11.02 31.69
C GLY D 247 -8.60 -9.62 31.14
N SER D 248 -8.23 -9.39 29.87
CA SER D 248 -8.46 -8.13 29.14
C SER D 248 -9.25 -8.57 27.92
N MET D 249 -10.50 -8.14 27.86
CA MET D 249 -11.47 -8.49 26.83
C MET D 249 -10.95 -8.43 25.38
N VAL D 250 -10.26 -7.34 25.02
CA VAL D 250 -9.72 -7.13 23.66
C VAL D 250 -8.71 -8.23 23.30
N ALA D 251 -7.81 -8.57 24.23
CA ALA D 251 -6.82 -9.62 24.00
C ALA D 251 -7.51 -10.98 23.80
N ASP D 252 -8.50 -11.30 24.67
CA ASP D 252 -9.19 -12.58 24.66
C ASP D 252 -10.07 -12.71 23.39
N VAL D 253 -10.74 -11.60 22.98
CA VAL D 253 -11.56 -11.60 21.76
C VAL D 253 -10.65 -11.71 20.54
N HIS D 254 -9.54 -10.95 20.54
CA HIS D 254 -8.65 -10.99 19.38
C HIS D 254 -8.05 -12.38 19.17
N ARG D 255 -7.57 -13.02 20.25
CA ARG D 255 -7.06 -14.40 20.15
C ARG D 255 -8.17 -15.35 19.60
N THR D 256 -9.43 -15.17 20.03
CA THR D 256 -10.57 -15.98 19.57
C THR D 256 -10.79 -15.79 18.06
N LEU D 257 -10.67 -14.56 17.58
CA LEU D 257 -10.83 -14.27 16.15
C LEU D 257 -9.71 -14.92 15.32
N VAL D 258 -8.46 -14.78 15.78
CA VAL D 258 -7.26 -15.23 15.09
C VAL D 258 -7.11 -16.74 15.12
N TYR D 259 -7.32 -17.36 16.29
CA TYR D 259 -7.09 -18.79 16.39
C TYR D 259 -8.35 -19.65 16.49
N GLY D 260 -9.53 -19.02 16.62
CA GLY D 260 -10.76 -19.76 16.79
C GLY D 260 -10.99 -20.15 18.23
N GLY D 261 -12.18 -20.66 18.49
CA GLY D 261 -12.53 -21.07 19.84
C GLY D 261 -13.69 -20.29 20.39
N ILE D 262 -13.75 -20.25 21.73
CA ILE D 262 -14.87 -19.62 22.42
C ILE D 262 -14.42 -18.78 23.61
N PHE D 263 -15.12 -17.68 23.82
CA PHE D 263 -14.91 -16.74 24.93
C PHE D 263 -16.25 -16.61 25.63
N LEU D 264 -16.23 -16.70 26.98
CA LEU D 264 -17.42 -16.66 27.83
C LEU D 264 -17.30 -15.69 28.98
N TYR D 265 -18.29 -14.83 29.14
CA TYR D 265 -18.50 -13.97 30.30
C TYR D 265 -20.03 -14.06 30.52
N PRO D 266 -20.48 -15.22 31.05
CA PRO D 266 -21.92 -15.48 31.11
C PRO D 266 -22.66 -14.99 32.36
N ALA D 267 -24.00 -15.06 32.28
CA ALA D 267 -24.88 -14.74 33.38
C ALA D 267 -24.85 -15.89 34.39
N ASN D 268 -25.19 -15.57 35.65
CA ASN D 268 -25.32 -16.48 36.78
C ASN D 268 -26.35 -15.89 37.77
N LYS D 269 -26.66 -16.60 38.87
CA LYS D 269 -27.62 -16.16 39.89
C LYS D 269 -27.24 -14.78 40.45
N LYS D 270 -25.95 -14.55 40.76
CA LYS D 270 -25.44 -13.28 41.31
C LYS D 270 -25.48 -12.10 40.31
N SER D 271 -25.12 -12.36 39.03
CA SER D 271 -25.09 -11.34 37.97
C SER D 271 -26.00 -11.80 36.82
N PRO D 272 -27.33 -11.63 36.99
CA PRO D 272 -28.26 -12.14 35.97
C PRO D 272 -28.09 -11.52 34.60
N ASN D 273 -27.48 -10.32 34.55
CA ASN D 273 -27.22 -9.65 33.28
C ASN D 273 -25.74 -9.73 32.87
N GLY D 274 -24.94 -10.56 33.52
CA GLY D 274 -23.52 -10.67 33.21
C GLY D 274 -22.74 -9.53 33.84
N LYS D 275 -21.47 -9.35 33.42
CA LYS D 275 -20.58 -8.32 33.95
C LYS D 275 -20.20 -7.26 32.90
N LEU D 276 -19.88 -7.69 31.67
CA LEU D 276 -19.48 -6.81 30.57
C LEU D 276 -20.59 -5.82 30.15
N ARG D 277 -20.21 -4.62 29.67
CA ARG D 277 -21.13 -3.58 29.28
C ARG D 277 -21.59 -3.73 27.83
N LEU D 278 -22.90 -3.71 27.60
CA LEU D 278 -23.47 -3.91 26.26
C LEU D 278 -23.01 -2.90 25.20
N LEU D 279 -23.14 -1.63 25.49
CA LEU D 279 -22.89 -0.58 24.49
C LEU D 279 -21.46 -0.44 24.00
N TYR D 280 -20.45 -0.53 24.86
CA TYR D 280 -19.10 -0.26 24.39
C TYR D 280 -18.11 -1.41 24.59
N GLU D 281 -18.58 -2.59 25.05
CA GLU D 281 -17.74 -3.77 25.14
C GLU D 281 -18.40 -4.88 24.29
N CYS D 282 -19.62 -5.34 24.65
CA CYS D 282 -20.33 -6.44 24.00
C CYS D 282 -20.72 -6.18 22.53
N ASN D 283 -21.57 -5.17 22.27
CA ASN D 283 -22.01 -4.87 20.90
C ASN D 283 -20.87 -4.74 19.90
N PRO D 284 -19.81 -3.94 20.15
CA PRO D 284 -18.74 -3.85 19.15
C PRO D 284 -18.08 -5.20 18.88
N MET D 285 -17.82 -5.98 19.95
CA MET D 285 -17.19 -7.32 19.83
C MET D 285 -18.08 -8.31 19.11
N ALA D 286 -19.39 -8.23 19.35
CA ALA D 286 -20.39 -9.08 18.73
C ALA D 286 -20.47 -8.81 17.24
N TYR D 287 -20.36 -7.52 16.85
CA TYR D 287 -20.44 -7.09 15.46
C TYR D 287 -19.22 -7.59 14.70
N VAL D 288 -18.01 -7.48 15.29
CA VAL D 288 -16.79 -8.01 14.71
C VAL D 288 -16.97 -9.53 14.52
N MET D 289 -17.43 -10.24 15.58
CA MET D 289 -17.63 -11.68 15.54
C MET D 289 -18.58 -12.07 14.41
N GLU D 290 -19.78 -11.46 14.34
CA GLU D 290 -20.75 -11.80 13.30
C GLU D 290 -20.23 -11.51 11.90
N LYS D 291 -19.55 -10.38 11.71
CA LYS D 291 -18.97 -10.02 10.41
C LYS D 291 -17.81 -10.93 10.00
N ALA D 292 -17.22 -11.67 10.96
CA ALA D 292 -16.14 -12.63 10.71
C ALA D 292 -16.70 -14.09 10.51
N GLY D 293 -18.02 -14.24 10.48
CA GLY D 293 -18.65 -15.55 10.35
C GLY D 293 -18.79 -16.31 11.67
N GLY D 294 -18.54 -15.62 12.79
CA GLY D 294 -18.67 -16.17 14.14
C GLY D 294 -20.02 -15.85 14.76
N MET D 295 -20.17 -16.12 16.06
CA MET D 295 -21.41 -15.91 16.80
C MET D 295 -21.19 -15.15 18.06
N ALA D 296 -22.26 -14.50 18.57
CA ALA D 296 -22.21 -13.76 19.83
C ALA D 296 -23.58 -13.75 20.43
N THR D 297 -23.74 -14.51 21.51
CA THR D 297 -25.02 -14.72 22.18
C THR D 297 -25.01 -14.35 23.66
N THR D 298 -26.20 -14.04 24.19
CA THR D 298 -26.40 -13.82 25.62
C THR D 298 -26.81 -15.17 26.23
N GLY D 299 -27.16 -16.12 25.36
CA GLY D 299 -27.67 -17.45 25.69
C GLY D 299 -29.11 -17.50 25.19
N LYS D 300 -29.87 -16.40 25.39
CA LYS D 300 -31.27 -16.31 24.94
C LYS D 300 -31.41 -15.73 23.54
N GLU D 301 -30.57 -14.77 23.19
CA GLU D 301 -30.60 -14.12 21.89
C GLU D 301 -29.22 -13.60 21.50
N ALA D 302 -29.13 -13.15 20.27
CA ALA D 302 -27.93 -12.54 19.74
C ALA D 302 -27.71 -11.25 20.53
N VAL D 303 -26.47 -11.01 20.95
CA VAL D 303 -26.08 -9.77 21.64
C VAL D 303 -26.55 -8.53 20.80
N LEU D 304 -26.38 -8.60 19.47
CA LEU D 304 -26.77 -7.49 18.56
C LEU D 304 -28.29 -7.18 18.52
N ASP D 305 -29.13 -8.10 19.06
CA ASP D 305 -30.58 -7.97 19.08
C ASP D 305 -31.14 -7.34 20.38
N VAL D 306 -30.33 -7.26 21.46
CA VAL D 306 -30.72 -6.64 22.73
C VAL D 306 -31.01 -5.15 22.51
N ILE D 307 -32.19 -4.67 22.93
CA ILE D 307 -32.56 -3.26 22.82
C ILE D 307 -32.20 -2.65 24.18
N PRO D 308 -31.12 -1.85 24.27
CA PRO D 308 -30.73 -1.32 25.59
C PRO D 308 -31.69 -0.25 26.11
N THR D 309 -31.73 -0.06 27.43
CA THR D 309 -32.56 0.92 28.13
C THR D 309 -31.71 1.85 28.99
N ASP D 310 -30.46 1.48 29.23
CA ASP D 310 -29.51 2.31 29.97
C ASP D 310 -28.15 2.23 29.27
N ILE D 311 -27.42 3.36 29.19
CA ILE D 311 -26.13 3.39 28.48
C ILE D 311 -25.05 2.51 29.13
N HIS D 312 -25.15 2.25 30.46
CA HIS D 312 -24.19 1.42 31.18
C HIS D 312 -24.72 0.03 31.55
N GLN D 313 -25.79 -0.44 30.87
CA GLN D 313 -26.34 -1.75 31.19
C GLN D 313 -25.41 -2.91 30.80
N ARG D 314 -25.46 -3.96 31.60
CA ARG D 314 -24.64 -5.13 31.39
C ARG D 314 -25.34 -6.14 30.51
N ALA D 315 -24.55 -7.04 29.91
CA ALA D 315 -25.06 -8.12 29.07
C ALA D 315 -24.19 -9.36 29.22
N PRO D 316 -24.79 -10.57 29.28
CA PRO D 316 -23.97 -11.78 29.31
C PRO D 316 -23.44 -11.98 27.89
N VAL D 317 -22.27 -12.60 27.75
CA VAL D 317 -21.74 -12.78 26.40
C VAL D 317 -20.99 -14.11 26.28
N ILE D 318 -21.27 -14.82 25.19
CA ILE D 318 -20.64 -16.07 24.78
C ILE D 318 -20.40 -15.84 23.31
N LEU D 319 -19.13 -15.83 22.89
CA LEU D 319 -18.80 -15.55 21.49
C LEU D 319 -17.65 -16.36 20.93
N GLY D 320 -17.57 -16.37 19.61
CA GLY D 320 -16.51 -17.04 18.88
C GLY D 320 -16.95 -17.93 17.75
N SER D 321 -16.14 -19.02 17.52
CA SER D 321 -16.36 -20.01 16.46
C SER D 321 -17.79 -20.53 16.50
N PRO D 322 -18.45 -20.52 15.32
CA PRO D 322 -19.88 -20.88 15.31
C PRO D 322 -20.20 -22.27 15.87
N ASP D 323 -19.38 -23.28 15.56
CA ASP D 323 -19.60 -24.64 16.10
C ASP D 323 -19.44 -24.72 17.62
N ASP D 324 -18.49 -23.98 18.20
CA ASP D 324 -18.33 -23.99 19.67
C ASP D 324 -19.46 -23.25 20.36
N VAL D 325 -19.90 -22.11 19.83
CA VAL D 325 -21.01 -21.36 20.45
C VAL D 325 -22.29 -22.18 20.34
N LEU D 326 -22.51 -22.87 19.18
CA LEU D 326 -23.68 -23.74 19.01
C LEU D 326 -23.67 -24.86 20.01
N GLU D 327 -22.48 -25.42 20.27
CA GLU D 327 -22.33 -26.51 21.24
C GLU D 327 -22.67 -25.99 22.66
N PHE D 328 -22.28 -24.75 22.99
CA PHE D 328 -22.65 -24.17 24.27
C PHE D 328 -24.17 -23.98 24.30
N LEU D 329 -24.75 -23.47 23.21
CA LEU D 329 -26.20 -23.22 23.18
C LEU D 329 -27.02 -24.48 23.33
N LYS D 330 -26.55 -25.64 22.81
CA LYS D 330 -27.25 -26.92 22.96
C LYS D 330 -27.33 -27.29 24.46
N VAL D 331 -26.23 -27.04 25.18
CA VAL D 331 -26.21 -27.28 26.62
C VAL D 331 -27.14 -26.26 27.31
N TYR D 332 -27.01 -24.97 26.93
CA TYR D 332 -27.84 -23.90 27.50
C TYR D 332 -29.35 -24.20 27.39
N GLU D 333 -29.78 -24.67 26.20
CA GLU D 333 -31.19 -25.01 25.90
C GLU D 333 -31.77 -26.02 26.88
N LYS D 334 -30.98 -27.05 27.27
CA LYS D 334 -31.39 -28.08 28.22
C LYS D 334 -31.69 -27.53 29.62
N HIS D 335 -31.41 -26.25 29.91
CA HIS D 335 -31.63 -25.70 31.28
C HIS D 335 -32.65 -24.56 31.33
N SER D 336 -32.99 -24.11 32.56
CA SER D 336 -33.96 -23.03 32.79
C SER D 336 -33.61 -22.18 34.03
N PRO E 6 -49.12 -26.81 -33.15
CA PRO E 6 -48.31 -27.39 -32.06
C PRO E 6 -46.88 -27.69 -32.50
N PHE E 7 -46.49 -28.99 -32.59
CA PHE E 7 -45.17 -29.46 -33.02
C PHE E 7 -45.21 -30.00 -34.45
N ASP E 8 -44.12 -29.80 -35.21
CA ASP E 8 -44.03 -30.27 -36.61
C ASP E 8 -43.79 -31.76 -36.64
N THR E 9 -44.62 -32.48 -37.41
CA THR E 9 -44.58 -33.94 -37.49
C THR E 9 -43.67 -34.45 -38.60
N ASP E 10 -43.41 -33.65 -39.66
CA ASP E 10 -42.53 -34.08 -40.76
C ASP E 10 -41.26 -33.24 -40.73
N VAL E 11 -40.40 -33.54 -39.73
CA VAL E 11 -39.13 -32.88 -39.42
C VAL E 11 -38.15 -32.91 -40.62
N ASN E 12 -37.84 -31.73 -41.23
CA ASN E 12 -36.91 -31.60 -42.36
C ASN E 12 -35.45 -31.40 -41.89
N THR E 13 -34.76 -32.51 -41.64
CA THR E 13 -33.40 -32.52 -41.10
C THR E 13 -32.38 -32.50 -42.19
N LEU E 14 -31.10 -32.21 -41.80
CA LEU E 14 -29.96 -32.22 -42.70
C LEU E 14 -29.83 -33.62 -43.32
N THR E 15 -30.01 -34.66 -42.48
CA THR E 15 -29.94 -36.07 -42.88
C THR E 15 -30.93 -36.37 -44.01
N ARG E 16 -32.23 -36.01 -43.83
CA ARG E 16 -33.26 -36.24 -44.87
C ARG E 16 -32.88 -35.55 -46.17
N PHE E 17 -32.38 -34.30 -46.08
CA PHE E 17 -31.95 -33.50 -47.20
C PHE E 17 -30.81 -34.18 -48.01
N VAL E 18 -29.76 -34.64 -47.31
CA VAL E 18 -28.61 -35.31 -47.94
C VAL E 18 -29.07 -36.61 -48.62
N MET E 19 -29.88 -37.46 -47.91
CA MET E 19 -30.44 -38.71 -48.43
C MET E 19 -31.27 -38.48 -49.69
N GLU E 20 -32.08 -37.40 -49.74
CA GLU E 20 -32.88 -37.04 -50.90
C GLU E 20 -31.98 -36.70 -52.11
N GLU E 21 -30.77 -36.12 -51.87
CA GLU E 21 -29.82 -35.80 -52.93
C GLU E 21 -29.10 -37.09 -53.37
N GLY E 22 -29.80 -37.93 -54.13
CA GLY E 22 -29.30 -39.20 -54.62
C GLY E 22 -30.20 -40.36 -54.24
N THR E 28 -24.23 -45.40 -52.60
CA THR E 28 -23.95 -46.24 -51.45
C THR E 28 -24.55 -45.69 -50.14
N GLY E 29 -24.47 -44.36 -49.94
CA GLY E 29 -24.97 -43.70 -48.74
C GLY E 29 -23.87 -43.16 -47.83
N GLU E 30 -22.60 -43.26 -48.29
CA GLU E 30 -21.44 -42.79 -47.52
C GLU E 30 -21.48 -41.29 -47.23
N LEU E 31 -21.98 -40.45 -48.18
CA LEU E 31 -22.01 -38.99 -47.91
C LEU E 31 -22.90 -38.63 -46.72
N THR E 32 -24.05 -39.29 -46.63
CA THR E 32 -25.01 -39.14 -45.52
C THR E 32 -24.36 -39.52 -44.19
N GLN E 33 -23.69 -40.70 -44.14
CA GLN E 33 -22.97 -41.20 -42.97
C GLN E 33 -21.93 -40.18 -42.55
N LEU E 34 -21.15 -39.68 -43.52
CA LEU E 34 -20.11 -38.69 -43.27
C LEU E 34 -20.68 -37.38 -42.66
N LEU E 35 -21.72 -36.81 -43.29
CA LEU E 35 -22.28 -35.55 -42.81
C LEU E 35 -23.01 -35.72 -41.46
N ASN E 36 -23.57 -36.92 -41.19
CA ASN E 36 -24.22 -37.26 -39.92
C ASN E 36 -23.17 -37.25 -38.78
N SER E 37 -22.02 -37.90 -39.01
CA SER E 37 -20.93 -37.93 -38.04
C SER E 37 -20.43 -36.50 -37.76
N LEU E 38 -20.25 -35.72 -38.84
CA LEU E 38 -19.80 -34.36 -38.73
C LEU E 38 -20.77 -33.54 -37.88
N CYS E 39 -22.08 -33.70 -38.09
CA CYS E 39 -23.10 -33.03 -37.28
C CYS E 39 -22.98 -33.38 -35.79
N THR E 40 -22.60 -34.63 -35.46
CA THR E 40 -22.42 -35.03 -34.07
C THR E 40 -21.28 -34.20 -33.47
N ALA E 41 -20.14 -34.11 -34.18
CA ALA E 41 -18.99 -33.28 -33.76
C ALA E 41 -19.41 -31.79 -33.55
N VAL E 42 -20.17 -31.24 -34.52
CA VAL E 42 -20.63 -29.86 -34.47
C VAL E 42 -21.49 -29.59 -33.23
N LYS E 43 -22.44 -30.48 -32.93
CA LYS E 43 -23.33 -30.31 -31.78
C LYS E 43 -22.55 -30.32 -30.48
N ALA E 44 -21.53 -31.21 -30.39
CA ALA E 44 -20.67 -31.31 -29.22
C ALA E 44 -19.81 -30.06 -29.07
N ILE E 45 -19.27 -29.54 -30.20
CA ILE E 45 -18.47 -28.32 -30.18
C ILE E 45 -19.37 -27.13 -29.75
N SER E 46 -20.58 -27.03 -30.32
CA SER E 46 -21.55 -25.97 -29.99
C SER E 46 -21.80 -25.89 -28.49
N SER E 47 -22.05 -27.05 -27.88
CA SER E 47 -22.30 -27.21 -26.46
C SER E 47 -21.10 -26.75 -25.61
N ALA E 48 -19.90 -27.21 -25.97
CA ALA E 48 -18.67 -26.82 -25.27
C ALA E 48 -18.46 -25.28 -25.37
N VAL E 49 -18.75 -24.69 -26.55
CA VAL E 49 -18.58 -23.25 -26.74
C VAL E 49 -19.59 -22.47 -25.89
N ARG E 50 -20.83 -22.97 -25.82
CA ARG E 50 -21.91 -22.36 -25.04
C ARG E 50 -21.62 -22.34 -23.54
N LYS E 51 -20.78 -23.27 -23.07
CA LYS E 51 -20.43 -23.44 -21.65
C LYS E 51 -18.97 -23.11 -21.34
N ALA E 52 -18.20 -22.66 -22.35
CA ALA E 52 -16.75 -22.37 -22.30
C ALA E 52 -16.25 -21.77 -21.00
N GLY E 53 -16.92 -20.74 -20.48
CA GLY E 53 -16.51 -20.07 -19.24
C GLY E 53 -16.69 -20.87 -17.97
N ILE E 54 -17.76 -21.68 -17.89
CA ILE E 54 -18.09 -22.52 -16.74
C ILE E 54 -17.14 -23.74 -16.71
N ALA E 55 -16.80 -24.27 -17.91
CA ALA E 55 -15.90 -25.40 -18.17
C ALA E 55 -14.41 -25.00 -18.05
N HIS E 56 -13.52 -25.99 -17.76
CA HIS E 56 -12.07 -25.83 -17.56
C HIS E 56 -11.37 -24.96 -18.62
N LYS E 72 -6.78 -22.60 -25.69
CA LYS E 72 -6.10 -23.51 -26.62
C LYS E 72 -6.68 -24.92 -26.53
N LYS E 73 -7.22 -25.30 -25.35
CA LYS E 73 -7.76 -26.64 -25.19
C LYS E 73 -8.99 -26.88 -26.08
N LEU E 74 -9.85 -25.85 -26.27
CA LEU E 74 -11.02 -25.97 -27.15
C LEU E 74 -10.62 -26.37 -28.57
N ASP E 75 -9.47 -25.84 -29.06
CA ASP E 75 -8.87 -26.10 -30.37
C ASP E 75 -8.57 -27.60 -30.49
N VAL E 76 -7.93 -28.16 -29.46
CA VAL E 76 -7.52 -29.55 -29.34
C VAL E 76 -8.75 -30.48 -29.25
N LEU E 77 -9.69 -30.15 -28.34
CA LEU E 77 -10.91 -30.92 -28.12
C LEU E 77 -11.71 -31.00 -29.41
N SER E 78 -11.91 -29.87 -30.06
CA SER E 78 -12.67 -29.79 -31.31
C SER E 78 -12.02 -30.62 -32.39
N ASN E 79 -10.69 -30.56 -32.48
CA ASN E 79 -9.95 -31.32 -33.48
C ASN E 79 -10.11 -32.82 -33.25
N ASP E 80 -9.97 -33.23 -31.99
CA ASP E 80 -10.15 -34.65 -31.60
C ASP E 80 -11.56 -35.14 -31.92
N LEU E 81 -12.59 -34.36 -31.54
CA LEU E 81 -13.98 -34.66 -31.84
C LEU E 81 -14.18 -34.86 -33.34
N VAL E 82 -13.77 -33.88 -34.17
CA VAL E 82 -13.95 -33.95 -35.63
C VAL E 82 -13.23 -35.19 -36.20
N MET E 83 -11.97 -35.44 -35.81
CA MET E 83 -11.19 -36.58 -36.31
C MET E 83 -11.86 -37.90 -35.98
N ASN E 84 -12.23 -38.09 -34.71
CA ASN E 84 -12.85 -39.32 -34.22
C ASN E 84 -14.16 -39.61 -34.90
N MET E 85 -15.02 -38.59 -35.02
CA MET E 85 -16.32 -38.74 -35.67
C MET E 85 -16.17 -39.10 -37.15
N LEU E 86 -15.25 -38.44 -37.85
CA LEU E 86 -15.00 -38.69 -39.27
C LEU E 86 -14.46 -40.09 -39.54
N LYS E 87 -13.46 -40.54 -38.76
CA LYS E 87 -12.92 -41.92 -38.88
C LYS E 87 -14.04 -42.96 -38.64
N SER E 88 -14.91 -42.72 -37.62
CA SER E 88 -15.99 -43.64 -37.24
C SER E 88 -17.17 -43.68 -38.23
N SER E 89 -17.24 -42.73 -39.15
CA SER E 89 -18.30 -42.68 -40.16
C SER E 89 -18.19 -43.81 -41.21
N PHE E 90 -17.00 -44.44 -41.37
CA PHE E 90 -16.72 -45.45 -42.41
C PHE E 90 -16.75 -44.82 -43.80
N ALA E 91 -16.68 -43.47 -43.89
CA ALA E 91 -16.82 -42.78 -45.17
C ALA E 91 -15.56 -42.10 -45.70
N THR E 92 -14.53 -41.97 -44.84
CA THR E 92 -13.33 -41.26 -45.25
C THR E 92 -12.12 -42.14 -45.36
N CYS E 93 -11.09 -41.64 -46.03
CA CYS E 93 -9.81 -42.31 -46.18
C CYS E 93 -8.65 -41.39 -45.86
N VAL E 94 -8.79 -40.07 -46.14
CA VAL E 94 -7.75 -39.07 -45.89
C VAL E 94 -8.38 -37.86 -45.17
N LEU E 95 -7.75 -37.45 -44.05
CA LEU E 95 -8.22 -36.32 -43.25
C LEU E 95 -7.13 -35.32 -43.06
N VAL E 96 -7.38 -34.08 -43.47
CA VAL E 96 -6.45 -32.97 -43.35
C VAL E 96 -7.09 -31.97 -42.42
N SER E 97 -6.35 -31.60 -41.38
CA SER E 97 -6.78 -30.61 -40.40
C SER E 97 -5.79 -29.46 -40.32
N GLU E 98 -6.30 -28.28 -39.92
CA GLU E 98 -5.48 -27.09 -39.70
C GLU E 98 -4.53 -27.34 -38.51
N GLU E 99 -4.93 -28.24 -37.61
CA GLU E 99 -4.23 -28.53 -36.37
C GLU E 99 -3.17 -29.63 -36.45
N ASP E 100 -3.09 -30.35 -37.57
CA ASP E 100 -2.11 -31.44 -37.72
C ASP E 100 -1.18 -31.17 -38.86
N LYS E 101 0.15 -31.37 -38.62
CA LYS E 101 1.17 -31.13 -39.64
C LYS E 101 0.94 -31.98 -40.89
N HIS E 102 0.63 -33.27 -40.72
CA HIS E 102 0.42 -34.17 -41.86
C HIS E 102 -1.00 -34.61 -42.00
N ALA E 103 -1.33 -35.20 -43.16
CA ALA E 103 -2.65 -35.80 -43.38
C ALA E 103 -2.75 -37.08 -42.55
N ILE E 104 -3.94 -37.36 -42.04
CA ILE E 104 -4.24 -38.55 -41.27
C ILE E 104 -4.87 -39.55 -42.26
N ILE E 105 -4.30 -40.76 -42.31
CA ILE E 105 -4.80 -41.85 -43.17
C ILE E 105 -5.62 -42.79 -42.28
N VAL E 106 -6.88 -42.99 -42.68
CA VAL E 106 -7.85 -43.79 -41.94
C VAL E 106 -7.48 -45.28 -42.06
N GLU E 107 -7.49 -45.99 -40.92
CA GLU E 107 -7.16 -47.41 -40.87
C GLU E 107 -8.06 -48.21 -41.82
N PRO E 108 -7.54 -49.28 -42.50
CA PRO E 108 -8.35 -49.98 -43.52
C PRO E 108 -9.74 -50.41 -43.12
N GLU E 109 -9.90 -50.83 -41.86
CA GLU E 109 -11.15 -51.28 -41.26
C GLU E 109 -12.23 -50.18 -41.34
N LYS E 110 -11.86 -48.93 -41.07
CA LYS E 110 -12.81 -47.80 -41.06
C LYS E 110 -12.82 -46.96 -42.35
N ARG E 111 -12.11 -47.41 -43.39
CA ARG E 111 -11.89 -46.72 -44.67
C ARG E 111 -13.12 -46.60 -45.55
N GLY E 112 -13.29 -45.39 -46.09
CA GLY E 112 -14.33 -44.99 -47.02
C GLY E 112 -13.71 -44.28 -48.21
N LYS E 113 -14.53 -43.70 -49.10
CA LYS E 113 -14.03 -43.10 -50.34
C LYS E 113 -13.78 -41.57 -50.30
N TYR E 114 -14.13 -40.87 -49.23
CA TYR E 114 -13.96 -39.42 -49.20
C TYR E 114 -12.69 -38.90 -48.53
N VAL E 115 -12.25 -37.72 -49.00
CA VAL E 115 -11.12 -36.94 -48.50
C VAL E 115 -11.75 -35.69 -47.85
N VAL E 116 -11.43 -35.44 -46.58
CA VAL E 116 -11.98 -34.31 -45.83
C VAL E 116 -10.89 -33.38 -45.32
N CYS E 117 -10.99 -32.08 -45.69
CA CYS E 117 -10.14 -30.97 -45.23
C CYS E 117 -11.01 -30.17 -44.28
N PHE E 118 -10.50 -29.90 -43.08
CA PHE E 118 -11.33 -29.20 -42.11
C PHE E 118 -10.52 -28.27 -41.22
N ASP E 119 -11.24 -27.31 -40.61
CA ASP E 119 -10.71 -26.30 -39.71
C ASP E 119 -11.67 -26.40 -38.50
N PRO E 120 -11.22 -27.09 -37.43
CA PRO E 120 -12.15 -27.46 -36.34
C PRO E 120 -12.75 -26.30 -35.54
N LEU E 121 -11.96 -25.27 -35.23
CA LEU E 121 -12.50 -24.14 -34.48
C LEU E 121 -11.88 -22.84 -34.93
N ASP E 122 -12.24 -22.44 -36.17
CA ASP E 122 -11.76 -21.20 -36.74
C ASP E 122 -12.28 -20.02 -35.87
N GLY E 123 -11.41 -19.06 -35.62
CA GLY E 123 -11.73 -17.88 -34.81
C GLY E 123 -11.50 -18.07 -33.33
N SER E 124 -11.08 -19.28 -32.88
CA SER E 124 -10.88 -19.67 -31.44
C SER E 124 -9.93 -18.76 -30.62
N SER E 125 -8.99 -18.11 -31.30
CA SER E 125 -8.07 -17.21 -30.63
C SER E 125 -8.82 -16.11 -29.86
N ASN E 126 -9.98 -15.67 -30.40
CA ASN E 126 -10.79 -14.58 -29.82
C ASN E 126 -12.08 -15.08 -29.12
N ILE E 127 -12.14 -16.38 -28.76
CA ILE E 127 -13.28 -17.01 -28.10
C ILE E 127 -13.80 -16.24 -26.87
N ASP E 128 -12.90 -15.71 -26.01
CA ASP E 128 -13.24 -15.00 -24.78
C ASP E 128 -14.14 -13.74 -24.95
N CYS E 129 -14.33 -13.24 -26.17
CA CYS E 129 -15.18 -12.06 -26.34
C CYS E 129 -16.56 -12.43 -26.89
N LEU E 130 -16.85 -13.74 -26.93
CA LEU E 130 -18.10 -14.37 -27.33
C LEU E 130 -18.46 -14.14 -28.77
N VAL E 131 -17.43 -13.82 -29.55
CA VAL E 131 -17.43 -13.68 -30.99
C VAL E 131 -17.84 -15.05 -31.55
N SER E 132 -18.51 -15.04 -32.70
CA SER E 132 -18.88 -16.29 -33.34
C SER E 132 -17.61 -17.02 -33.79
N VAL E 133 -17.53 -18.31 -33.53
CA VAL E 133 -16.43 -19.18 -33.97
C VAL E 133 -17.06 -20.18 -34.96
N GLY E 134 -16.25 -21.04 -35.58
CA GLY E 134 -16.83 -21.99 -36.53
C GLY E 134 -15.98 -23.17 -36.92
N THR E 135 -16.62 -24.13 -37.57
CA THR E 135 -15.96 -25.31 -38.12
C THR E 135 -16.15 -25.20 -39.62
N ILE E 136 -15.06 -25.26 -40.40
CA ILE E 136 -15.10 -25.18 -41.86
C ILE E 136 -14.72 -26.56 -42.39
N PHE E 137 -15.37 -27.00 -43.47
CA PHE E 137 -15.07 -28.32 -44.02
C PHE E 137 -15.23 -28.36 -45.55
N GLY E 138 -14.38 -29.17 -46.18
CA GLY E 138 -14.33 -29.44 -47.61
C GLY E 138 -14.25 -30.94 -47.85
N ILE E 139 -15.13 -31.48 -48.72
CA ILE E 139 -15.19 -32.91 -49.02
C ILE E 139 -14.93 -33.21 -50.51
N TYR E 140 -13.98 -34.10 -50.77
CA TYR E 140 -13.61 -34.55 -52.12
C TYR E 140 -13.78 -36.06 -52.22
N ARG E 141 -14.08 -36.55 -53.42
CA ARG E 141 -14.14 -38.00 -53.64
C ARG E 141 -12.71 -38.38 -54.04
N LYS E 142 -12.18 -39.50 -53.54
CA LYS E 142 -10.80 -39.89 -53.89
C LYS E 142 -10.75 -40.22 -55.40
N LYS E 143 -9.91 -39.46 -56.13
CA LYS E 143 -9.74 -39.50 -57.59
C LYS E 143 -8.66 -40.48 -58.05
N SER E 144 -7.57 -40.61 -57.29
CA SER E 144 -6.47 -41.49 -57.66
C SER E 144 -6.85 -42.96 -57.63
N THR E 145 -6.09 -43.78 -58.38
CA THR E 145 -6.28 -45.21 -58.55
C THR E 145 -5.25 -46.01 -57.68
N ASP E 146 -4.78 -45.42 -56.58
CA ASP E 146 -3.80 -46.05 -55.70
C ASP E 146 -4.18 -46.01 -54.22
N GLU E 147 -3.24 -46.40 -53.32
CA GLU E 147 -3.40 -46.40 -51.87
C GLU E 147 -3.66 -44.98 -51.41
N PRO E 148 -4.56 -44.71 -50.45
CA PRO E 148 -4.77 -43.30 -50.03
C PRO E 148 -3.50 -42.66 -49.43
N SER E 149 -3.26 -41.38 -49.74
CA SER E 149 -2.13 -40.57 -49.27
C SER E 149 -2.50 -39.09 -49.18
N GLU E 150 -1.58 -38.27 -48.57
CA GLU E 150 -1.68 -36.81 -48.42
C GLU E 150 -2.01 -36.17 -49.78
N LYS E 151 -1.40 -36.70 -50.87
CA LYS E 151 -1.56 -36.28 -52.26
C LYS E 151 -3.02 -36.20 -52.71
N ASP E 152 -3.89 -37.06 -52.17
CA ASP E 152 -5.33 -37.06 -52.50
C ASP E 152 -6.02 -35.79 -52.00
N ALA E 153 -5.41 -35.08 -51.03
CA ALA E 153 -5.96 -33.82 -50.53
C ALA E 153 -5.49 -32.63 -51.38
N LEU E 154 -4.49 -32.84 -52.27
CA LEU E 154 -3.94 -31.75 -53.12
C LEU E 154 -4.74 -31.67 -54.44
N GLN E 155 -6.03 -31.34 -54.33
CA GLN E 155 -6.96 -31.26 -55.45
C GLN E 155 -7.48 -29.82 -55.51
N PRO E 156 -7.71 -29.23 -56.71
CA PRO E 156 -8.28 -27.89 -56.74
C PRO E 156 -9.71 -27.91 -56.22
N GLY E 157 -10.12 -26.84 -55.53
CA GLY E 157 -11.46 -26.66 -54.96
C GLY E 157 -12.59 -26.92 -55.94
N ARG E 158 -12.31 -26.77 -57.26
CA ARG E 158 -13.33 -27.04 -58.28
C ARG E 158 -13.82 -28.52 -58.25
N ASN E 159 -13.01 -29.47 -57.66
CA ASN E 159 -13.32 -30.90 -57.49
C ASN E 159 -14.22 -31.21 -56.28
N LEU E 160 -14.56 -30.19 -55.46
CA LEU E 160 -15.37 -30.39 -54.27
C LEU E 160 -16.73 -31.03 -54.57
N VAL E 161 -17.12 -31.99 -53.72
CA VAL E 161 -18.38 -32.72 -53.77
C VAL E 161 -19.35 -31.97 -52.83
N ALA E 162 -18.81 -31.47 -51.70
CA ALA E 162 -19.59 -30.76 -50.69
C ALA E 162 -18.64 -29.96 -49.84
N ALA E 163 -19.13 -28.85 -49.30
CA ALA E 163 -18.32 -27.95 -48.49
C ALA E 163 -19.25 -27.05 -47.72
N GLY E 164 -18.73 -26.46 -46.66
CA GLY E 164 -19.55 -25.56 -45.88
C GLY E 164 -18.94 -25.25 -44.54
N TYR E 165 -19.79 -24.81 -43.63
CA TYR E 165 -19.34 -24.44 -42.29
C TYR E 165 -20.45 -24.51 -41.28
N ALA E 166 -20.05 -24.61 -40.01
CA ALA E 166 -20.95 -24.51 -38.88
C ALA E 166 -20.53 -23.22 -38.21
N LEU E 167 -21.49 -22.35 -37.94
CA LEU E 167 -21.27 -21.07 -37.27
C LEU E 167 -21.86 -21.17 -35.86
N TYR E 168 -21.00 -21.04 -34.84
CA TYR E 168 -21.42 -21.09 -33.45
C TYR E 168 -21.63 -19.66 -33.00
N GLY E 169 -22.81 -19.13 -33.27
CA GLY E 169 -23.11 -17.75 -32.89
C GLY E 169 -24.28 -17.64 -31.92
N SER E 170 -25.10 -16.60 -32.09
CA SER E 170 -26.29 -16.38 -31.28
C SER E 170 -27.27 -17.55 -31.50
N ALA E 171 -27.11 -18.28 -32.60
CA ALA E 171 -27.77 -19.55 -32.95
C ALA E 171 -26.66 -20.41 -33.59
N THR E 172 -26.87 -21.73 -33.67
CA THR E 172 -25.92 -22.58 -34.36
C THR E 172 -26.45 -22.88 -35.74
N MET E 173 -25.67 -22.55 -36.75
CA MET E 173 -26.10 -22.78 -38.12
C MET E 173 -25.12 -23.62 -38.88
N LEU E 174 -25.60 -24.52 -39.71
CA LEU E 174 -24.77 -25.25 -40.62
C LEU E 174 -25.15 -24.85 -42.03
N VAL E 175 -24.18 -24.28 -42.77
CA VAL E 175 -24.36 -23.88 -44.16
C VAL E 175 -23.68 -24.97 -45.01
N LEU E 176 -24.46 -25.61 -45.89
CA LEU E 176 -24.00 -26.71 -46.73
C LEU E 176 -24.17 -26.38 -48.21
N ALA E 177 -23.04 -26.44 -48.95
CA ALA E 177 -23.02 -26.25 -50.38
C ALA E 177 -22.72 -27.57 -51.04
N MET E 178 -23.44 -27.85 -52.11
CA MET E 178 -23.29 -29.04 -52.96
C MET E 178 -23.57 -28.59 -54.39
N ASP E 179 -23.44 -29.48 -55.37
CA ASP E 179 -23.66 -29.15 -56.78
C ASP E 179 -24.99 -28.44 -57.04
N CYS E 180 -26.03 -28.81 -56.30
CA CYS E 180 -27.39 -28.27 -56.41
C CYS E 180 -27.58 -26.86 -55.82
N GLY E 181 -26.64 -26.39 -54.99
CA GLY E 181 -26.74 -25.07 -54.37
C GLY E 181 -26.37 -25.07 -52.91
N VAL E 182 -26.74 -23.99 -52.22
CA VAL E 182 -26.46 -23.72 -50.81
C VAL E 182 -27.74 -23.77 -49.99
N ASN E 183 -27.74 -24.54 -48.90
CA ASN E 183 -28.88 -24.67 -47.98
C ASN E 183 -28.41 -24.44 -46.53
N CYS E 184 -29.21 -23.72 -45.73
CA CYS E 184 -28.87 -23.39 -44.35
C CYS E 184 -29.76 -24.17 -43.39
N PHE E 185 -29.12 -24.79 -42.39
CA PHE E 185 -29.75 -25.64 -41.38
C PHE E 185 -29.46 -25.08 -39.99
N MET E 186 -30.49 -24.82 -39.21
CA MET E 186 -30.29 -24.30 -37.87
C MET E 186 -30.42 -25.43 -36.85
N LEU E 187 -29.53 -25.44 -35.87
CA LEU E 187 -29.57 -26.45 -34.82
C LEU E 187 -30.75 -26.17 -33.91
N ASP E 188 -31.65 -27.15 -33.73
CA ASP E 188 -32.78 -27.01 -32.82
C ASP E 188 -32.27 -27.54 -31.49
N PRO E 189 -32.06 -26.67 -30.47
CA PRO E 189 -31.49 -27.16 -29.21
C PRO E 189 -32.36 -28.18 -28.50
N ALA E 190 -33.70 -28.07 -28.65
CA ALA E 190 -34.66 -28.97 -27.99
C ALA E 190 -34.54 -30.43 -28.46
N ILE E 191 -34.19 -30.67 -29.74
CA ILE E 191 -34.13 -32.05 -30.22
C ILE E 191 -32.76 -32.45 -30.78
N GLY E 192 -31.78 -31.52 -30.75
CA GLY E 192 -30.44 -31.80 -31.26
C GLY E 192 -30.42 -32.26 -32.72
N GLU E 193 -31.14 -31.52 -33.57
CA GLU E 193 -31.18 -31.78 -35.01
C GLU E 193 -31.00 -30.48 -35.78
N PHE E 194 -30.37 -30.57 -36.97
CA PHE E 194 -30.21 -29.43 -37.88
C PHE E 194 -31.44 -29.41 -38.77
N ILE E 195 -32.22 -28.31 -38.71
CA ILE E 195 -33.46 -28.13 -39.46
C ILE E 195 -33.24 -27.17 -40.61
N LEU E 196 -33.76 -27.51 -41.79
CA LEU E 196 -33.69 -26.68 -42.99
C LEU E 196 -34.48 -25.38 -42.77
N VAL E 197 -33.81 -24.24 -42.86
CA VAL E 197 -34.44 -22.93 -42.65
C VAL E 197 -34.35 -22.04 -43.90
N ASP E 198 -33.32 -22.27 -44.76
CA ASP E 198 -33.13 -21.47 -45.98
C ASP E 198 -32.73 -22.35 -47.15
N LYS E 199 -33.64 -22.49 -48.13
CA LYS E 199 -33.43 -23.29 -49.34
C LYS E 199 -32.79 -22.45 -50.47
N ASP E 200 -31.86 -23.07 -51.24
CA ASP E 200 -31.19 -22.52 -52.43
C ASP E 200 -30.85 -21.01 -52.29
N VAL E 201 -30.03 -20.70 -51.29
CA VAL E 201 -29.57 -19.39 -50.90
C VAL E 201 -28.73 -18.72 -52.03
N LYS E 202 -29.08 -17.47 -52.36
CA LYS E 202 -28.38 -16.67 -53.36
C LYS E 202 -27.91 -15.37 -52.76
N ILE E 203 -26.65 -15.01 -53.01
CA ILE E 203 -26.08 -13.75 -52.52
C ILE E 203 -26.62 -12.61 -53.41
N LYS E 204 -26.77 -11.40 -52.85
CA LYS E 204 -27.18 -10.20 -53.59
C LYS E 204 -26.09 -9.94 -54.67
N LYS E 205 -26.50 -9.41 -55.85
CA LYS E 205 -25.59 -9.09 -56.96
C LYS E 205 -24.56 -8.03 -56.53
N LYS E 206 -24.99 -7.05 -55.70
CA LYS E 206 -24.12 -5.98 -55.18
C LYS E 206 -24.55 -5.66 -53.77
N GLY E 207 -23.60 -5.59 -52.85
CA GLY E 207 -23.85 -5.25 -51.45
C GLY E 207 -23.42 -3.83 -51.12
N LYS E 208 -23.45 -3.46 -49.85
CA LYS E 208 -23.11 -2.10 -49.40
C LYS E 208 -22.23 -2.12 -48.16
N ILE E 209 -21.49 -3.22 -47.98
CA ILE E 209 -20.57 -3.43 -46.88
C ILE E 209 -19.25 -4.01 -47.41
N TYR E 210 -18.11 -3.52 -46.88
CA TYR E 210 -16.78 -4.05 -47.20
C TYR E 210 -16.20 -4.55 -45.90
N SER E 211 -15.44 -5.63 -45.99
CA SER E 211 -14.89 -6.27 -44.81
C SER E 211 -13.44 -6.67 -44.95
N LEU E 212 -12.57 -6.03 -44.16
CA LEU E 212 -11.14 -6.38 -44.07
C LEU E 212 -10.55 -5.72 -42.84
N ASN E 213 -9.37 -6.20 -42.39
CA ASN E 213 -8.68 -5.59 -41.26
C ASN E 213 -7.94 -4.37 -41.77
N GLU E 214 -8.55 -3.15 -41.58
CA GLU E 214 -7.93 -1.90 -42.04
C GLU E 214 -6.73 -1.51 -41.19
N GLY E 215 -6.51 -2.22 -40.09
CA GLY E 215 -5.38 -2.00 -39.19
C GLY E 215 -4.06 -2.28 -39.89
N TYR E 216 -4.08 -3.12 -40.95
CA TYR E 216 -2.89 -3.48 -41.72
C TYR E 216 -2.68 -2.58 -42.96
N ALA E 217 -3.37 -1.42 -43.03
CA ALA E 217 -3.30 -0.46 -44.14
C ALA E 217 -1.89 -0.13 -44.60
N ARG E 218 -0.92 -0.06 -43.66
CA ARG E 218 0.48 0.24 -43.95
C ARG E 218 1.08 -0.80 -44.92
N ASP E 219 0.65 -2.06 -44.83
CA ASP E 219 1.19 -3.13 -45.66
C ASP E 219 0.38 -3.41 -46.92
N PHE E 220 -0.74 -2.71 -47.13
CA PHE E 220 -1.62 -2.97 -48.28
C PHE E 220 -0.96 -2.79 -49.62
N ASP E 221 -1.39 -3.61 -50.58
CA ASP E 221 -0.99 -3.40 -51.96
C ASP E 221 -1.85 -2.22 -52.50
N PRO E 222 -1.37 -1.48 -53.52
CA PRO E 222 -2.14 -0.33 -54.03
C PRO E 222 -3.58 -0.59 -54.47
N ALA E 223 -3.87 -1.72 -55.16
CA ALA E 223 -5.23 -2.02 -55.62
C ALA E 223 -6.24 -2.05 -54.45
N VAL E 224 -5.83 -2.64 -53.30
CA VAL E 224 -6.65 -2.74 -52.09
C VAL E 224 -6.84 -1.34 -51.54
N THR E 225 -5.74 -0.55 -51.42
CA THR E 225 -5.79 0.84 -50.97
C THR E 225 -6.80 1.68 -51.79
N GLU E 226 -6.69 1.59 -53.12
CA GLU E 226 -7.53 2.38 -54.03
C GLU E 226 -8.95 1.93 -53.95
N TYR E 227 -9.15 0.60 -53.96
CA TYR E 227 -10.49 0.01 -53.86
C TYR E 227 -11.22 0.48 -52.59
N ILE E 228 -10.53 0.41 -51.43
CA ILE E 228 -11.08 0.83 -50.14
C ILE E 228 -11.39 2.32 -50.16
N GLN E 229 -10.52 3.15 -50.75
CA GLN E 229 -10.76 4.59 -50.89
C GLN E 229 -12.05 4.88 -51.70
N ARG E 230 -12.30 4.12 -52.79
CA ARG E 230 -13.51 4.28 -53.61
C ARG E 230 -14.78 3.93 -52.80
N LYS E 231 -14.69 3.00 -51.84
CA LYS E 231 -15.83 2.61 -50.99
C LYS E 231 -16.18 3.72 -49.99
N LYS E 232 -15.16 4.47 -49.47
CA LYS E 232 -15.35 5.53 -48.47
C LYS E 232 -15.67 6.86 -49.14
N PHE E 233 -15.05 7.09 -50.30
CA PHE E 233 -15.19 8.31 -51.07
C PHE E 233 -15.68 7.95 -52.49
N PRO E 234 -16.96 7.56 -52.67
CA PRO E 234 -17.45 7.21 -54.02
C PRO E 234 -17.29 8.33 -55.04
N PRO E 235 -16.75 8.03 -56.25
CA PRO E 235 -16.58 9.09 -57.25
C PRO E 235 -17.91 9.57 -57.84
N ASP E 236 -18.88 8.64 -57.97
CA ASP E 236 -20.18 8.81 -58.61
C ASP E 236 -21.33 9.38 -57.74
N ASN E 237 -21.03 10.07 -56.60
CA ASN E 237 -22.10 10.66 -55.74
C ASN E 237 -22.97 9.59 -54.99
N SER E 238 -22.68 8.28 -55.17
CA SER E 238 -23.41 7.22 -54.46
C SER E 238 -23.02 7.23 -52.97
N ALA E 239 -23.82 6.56 -52.14
CA ALA E 239 -23.57 6.48 -50.71
C ALA E 239 -22.32 5.64 -50.36
N PRO E 240 -21.46 6.11 -49.43
CA PRO E 240 -20.29 5.31 -49.04
C PRO E 240 -20.73 3.98 -48.45
N TYR E 241 -19.94 2.91 -48.63
CA TYR E 241 -20.25 1.61 -48.02
C TYR E 241 -19.98 1.66 -46.52
N GLY E 242 -20.65 0.80 -45.78
CA GLY E 242 -20.42 0.59 -44.36
C GLY E 242 -19.29 -0.42 -44.23
N ALA E 243 -18.61 -0.41 -43.09
CA ALA E 243 -17.51 -1.34 -42.85
C ALA E 243 -17.91 -2.27 -41.70
N ARG E 244 -17.54 -3.56 -41.80
CA ARG E 244 -17.76 -4.59 -40.77
C ARG E 244 -16.56 -5.55 -40.81
N TYR E 245 -15.98 -5.87 -39.66
CA TYR E 245 -14.88 -6.84 -39.58
C TYR E 245 -14.88 -7.45 -38.20
N VAL E 246 -15.35 -8.69 -38.14
CA VAL E 246 -15.49 -9.44 -36.90
C VAL E 246 -14.14 -10.01 -36.50
N GLY E 247 -13.35 -10.39 -37.48
CA GLY E 247 -12.05 -10.99 -37.23
C GLY E 247 -12.10 -12.50 -37.11
N SER E 248 -13.28 -13.07 -37.35
CA SER E 248 -13.52 -14.52 -37.37
C SER E 248 -14.04 -14.78 -38.80
N MET E 249 -13.27 -15.49 -39.63
CA MET E 249 -13.60 -15.76 -41.03
C MET E 249 -15.02 -16.22 -41.31
N VAL E 250 -15.50 -17.23 -40.55
CA VAL E 250 -16.82 -17.84 -40.69
C VAL E 250 -17.90 -16.76 -40.51
N ALA E 251 -17.77 -15.91 -39.47
CA ALA E 251 -18.72 -14.83 -39.18
C ALA E 251 -18.75 -13.81 -40.34
N ASP E 252 -17.56 -13.38 -40.81
CA ASP E 252 -17.42 -12.38 -41.86
C ASP E 252 -17.94 -12.91 -43.22
N VAL E 253 -17.68 -14.20 -43.53
CA VAL E 253 -18.17 -14.83 -44.75
C VAL E 253 -19.70 -15.00 -44.65
N HIS E 254 -20.19 -15.47 -43.49
CA HIS E 254 -21.63 -15.67 -43.34
C HIS E 254 -22.41 -14.35 -43.52
N ARG E 255 -21.93 -13.26 -42.89
CA ARG E 255 -22.56 -11.94 -43.03
C ARG E 255 -22.57 -11.55 -44.51
N THR E 256 -21.46 -11.81 -45.24
CA THR E 256 -21.36 -11.49 -46.67
C THR E 256 -22.40 -12.25 -47.48
N LEU E 257 -22.60 -13.53 -47.16
CA LEU E 257 -23.60 -14.37 -47.83
C LEU E 257 -25.03 -13.84 -47.58
N VAL E 258 -25.36 -13.54 -46.33
CA VAL E 258 -26.69 -13.16 -45.89
C VAL E 258 -27.05 -11.74 -46.33
N TYR E 259 -26.11 -10.78 -46.17
CA TYR E 259 -26.42 -9.38 -46.47
C TYR E 259 -25.77 -8.82 -47.72
N GLY E 260 -24.86 -9.57 -48.35
CA GLY E 260 -24.17 -9.09 -49.53
C GLY E 260 -22.96 -8.25 -49.20
N GLY E 261 -22.17 -7.93 -50.21
CA GLY E 261 -20.96 -7.14 -50.04
C GLY E 261 -19.70 -7.89 -50.37
N ILE E 262 -18.58 -7.47 -49.76
CA ILE E 262 -17.26 -8.03 -50.08
C ILE E 262 -16.41 -8.25 -48.85
N PHE E 263 -15.64 -9.33 -48.87
CA PHE E 263 -14.70 -9.72 -47.84
C PHE E 263 -13.35 -9.89 -48.51
N LEU E 264 -12.30 -9.31 -47.88
CA LEU E 264 -10.93 -9.29 -48.40
C LEU E 264 -9.90 -9.70 -47.37
N TYR E 265 -9.08 -10.68 -47.75
CA TYR E 265 -7.87 -11.09 -47.04
C TYR E 265 -6.85 -11.25 -48.17
N PRO E 266 -6.39 -10.10 -48.72
CA PRO E 266 -5.55 -10.16 -49.92
C PRO E 266 -4.05 -10.30 -49.70
N ALA E 267 -3.35 -10.57 -50.82
CA ALA E 267 -1.90 -10.66 -50.86
C ALA E 267 -1.31 -9.24 -50.76
N ASN E 268 -0.08 -9.15 -50.23
CA ASN E 268 0.71 -7.92 -50.12
C ASN E 268 2.21 -8.28 -50.21
N LYS E 269 3.10 -7.26 -50.26
CA LYS E 269 4.55 -7.48 -50.36
C LYS E 269 5.07 -8.44 -49.29
N LYS E 270 4.61 -8.26 -48.03
CA LYS E 270 4.99 -9.10 -46.87
C LYS E 270 4.44 -10.55 -46.94
N SER E 271 3.17 -10.72 -47.37
CA SER E 271 2.50 -12.03 -47.50
C SER E 271 2.07 -12.21 -48.96
N PRO E 272 3.02 -12.58 -49.85
CA PRO E 272 2.66 -12.67 -51.28
C PRO E 272 1.58 -13.71 -51.61
N ASN E 273 1.38 -14.69 -50.71
CA ASN E 273 0.33 -15.70 -50.88
C ASN E 273 -0.86 -15.50 -49.96
N GLY E 274 -0.97 -14.36 -49.31
CA GLY E 274 -2.06 -14.10 -48.39
C GLY E 274 -1.79 -14.72 -47.02
N LYS E 275 -2.82 -14.80 -46.15
CA LYS E 275 -2.70 -15.35 -44.80
C LYS E 275 -3.53 -16.60 -44.62
N LEU E 276 -4.78 -16.57 -45.13
CA LEU E 276 -5.71 -17.70 -45.00
C LEU E 276 -5.22 -18.98 -45.73
N ARG E 277 -5.58 -20.14 -45.21
CA ARG E 277 -5.15 -21.44 -45.75
C ARG E 277 -6.10 -21.92 -46.85
N LEU E 278 -5.53 -22.32 -47.97
CA LEU E 278 -6.32 -22.74 -49.13
C LEU E 278 -7.26 -23.94 -48.89
N LEU E 279 -6.73 -25.05 -48.36
CA LEU E 279 -7.47 -26.28 -48.24
C LEU E 279 -8.67 -26.27 -47.33
N TYR E 280 -8.55 -25.67 -46.15
CA TYR E 280 -9.62 -25.79 -45.19
C TYR E 280 -10.22 -24.44 -44.76
N GLU E 281 -9.79 -23.35 -45.42
CA GLU E 281 -10.37 -22.04 -45.15
C GLU E 281 -10.94 -21.47 -46.46
N CYS E 282 -10.06 -21.21 -47.45
CA CYS E 282 -10.40 -20.61 -48.74
C CYS E 282 -11.30 -21.47 -49.62
N ASN E 283 -10.85 -22.66 -50.00
CA ASN E 283 -11.65 -23.51 -50.89
C ASN E 283 -13.09 -23.73 -50.41
N PRO E 284 -13.33 -24.15 -49.15
CA PRO E 284 -14.73 -24.36 -48.73
C PRO E 284 -15.57 -23.08 -48.84
N MET E 285 -15.01 -21.91 -48.43
CA MET E 285 -15.72 -20.64 -48.48
C MET E 285 -15.99 -20.20 -49.93
N ALA E 286 -15.04 -20.48 -50.83
CA ALA E 286 -15.14 -20.16 -52.23
C ALA E 286 -16.22 -20.96 -52.90
N TYR E 287 -16.35 -22.24 -52.51
CA TYR E 287 -17.35 -23.17 -53.05
C TYR E 287 -18.75 -22.73 -52.63
N VAL E 288 -18.92 -22.35 -51.35
CA VAL E 288 -20.19 -21.80 -50.85
C VAL E 288 -20.53 -20.54 -51.66
N MET E 289 -19.57 -19.63 -51.78
CA MET E 289 -19.75 -18.38 -52.52
C MET E 289 -20.18 -18.65 -53.97
N GLU E 290 -19.44 -19.49 -54.72
CA GLU E 290 -19.79 -19.77 -56.11
C GLU E 290 -21.15 -20.42 -56.26
N LYS E 291 -21.49 -21.36 -55.35
CA LYS E 291 -22.79 -22.05 -55.40
C LYS E 291 -23.95 -21.12 -55.00
N ALA E 292 -23.64 -19.95 -54.39
CA ALA E 292 -24.64 -18.94 -54.02
C ALA E 292 -24.76 -17.83 -55.08
N GLY E 293 -24.07 -17.99 -56.21
CA GLY E 293 -24.04 -16.98 -57.27
C GLY E 293 -23.03 -15.88 -57.03
N GLY E 294 -22.12 -16.07 -56.06
CA GLY E 294 -21.09 -15.10 -55.73
C GLY E 294 -19.77 -15.42 -56.41
N MET E 295 -18.69 -14.73 -55.97
CA MET E 295 -17.35 -14.89 -56.53
C MET E 295 -16.35 -15.07 -55.44
N ALA E 296 -15.23 -15.72 -55.76
CA ALA E 296 -14.11 -15.91 -54.85
C ALA E 296 -12.83 -15.98 -55.67
N THR E 297 -12.01 -14.93 -55.56
CA THR E 297 -10.80 -14.77 -56.36
C THR E 297 -9.55 -14.57 -55.51
N THR E 298 -8.39 -14.88 -56.09
CA THR E 298 -7.08 -14.62 -55.49
C THR E 298 -6.62 -13.25 -56.03
N GLY E 299 -7.31 -12.80 -57.07
CA GLY E 299 -7.00 -11.59 -57.83
C GLY E 299 -6.62 -12.04 -59.21
N LYS E 300 -5.77 -13.10 -59.32
CA LYS E 300 -5.35 -13.60 -60.64
C LYS E 300 -6.30 -14.67 -61.21
N GLU E 301 -6.89 -15.47 -60.34
CA GLU E 301 -7.78 -16.55 -60.73
C GLU E 301 -8.76 -16.89 -59.61
N ALA E 302 -9.72 -17.74 -59.97
CA ALA E 302 -10.71 -18.22 -59.05
C ALA E 302 -9.97 -19.07 -58.00
N VAL E 303 -10.30 -18.89 -56.72
CA VAL E 303 -9.71 -19.66 -55.62
C VAL E 303 -9.85 -21.19 -55.94
N LEU E 304 -11.04 -21.63 -56.40
CA LEU E 304 -11.35 -23.03 -56.76
C LEU E 304 -10.48 -23.60 -57.94
N ASP E 305 -9.72 -22.72 -58.66
CA ASP E 305 -8.85 -23.13 -59.77
C ASP E 305 -7.36 -23.35 -59.38
N VAL E 306 -6.95 -22.87 -58.18
CA VAL E 306 -5.58 -23.04 -57.67
C VAL E 306 -5.32 -24.53 -57.45
N ILE E 307 -4.22 -25.05 -58.01
CA ILE E 307 -3.84 -26.45 -57.80
C ILE E 307 -2.85 -26.41 -56.63
N PRO E 308 -3.22 -26.89 -55.42
CA PRO E 308 -2.28 -26.80 -54.30
C PRO E 308 -1.12 -27.79 -54.43
N THR E 309 0.03 -27.49 -53.81
CA THR E 309 1.23 -28.33 -53.79
C THR E 309 1.63 -28.68 -52.35
N ASP E 310 1.04 -28.00 -51.35
CA ASP E 310 1.25 -28.28 -49.93
C ASP E 310 -0.08 -28.17 -49.21
N ILE E 311 -0.36 -29.06 -48.26
CA ILE E 311 -1.64 -29.08 -47.54
C ILE E 311 -1.88 -27.81 -46.68
N HIS E 312 -0.82 -27.14 -46.23
CA HIS E 312 -0.93 -25.92 -45.42
C HIS E 312 -0.58 -24.63 -46.18
N GLN E 313 -0.63 -24.66 -47.53
CA GLN E 313 -0.31 -23.47 -48.31
C GLN E 313 -1.37 -22.39 -48.17
N ARG E 314 -0.91 -21.15 -48.21
CA ARG E 314 -1.78 -19.99 -48.08
C ARG E 314 -2.29 -19.54 -49.45
N ALA E 315 -3.38 -18.78 -49.45
CA ALA E 315 -4.00 -18.20 -50.64
C ALA E 315 -4.60 -16.83 -50.33
N PRO E 316 -4.44 -15.86 -51.23
CA PRO E 316 -5.11 -14.57 -51.04
C PRO E 316 -6.60 -14.80 -51.36
N VAL E 317 -7.51 -14.06 -50.72
CA VAL E 317 -8.91 -14.29 -51.02
C VAL E 317 -9.68 -12.96 -50.98
N ILE E 318 -10.51 -12.75 -52.00
CA ILE E 318 -11.42 -11.63 -52.16
C ILE E 318 -12.72 -12.35 -52.59
N LEU E 319 -13.78 -12.21 -51.80
CA LEU E 319 -15.03 -12.90 -52.10
C LEU E 319 -16.28 -12.11 -51.75
N GLY E 320 -17.40 -12.55 -52.31
CA GLY E 320 -18.70 -11.94 -52.03
C GLY E 320 -19.52 -11.72 -53.27
N SER E 321 -20.34 -10.64 -53.20
CA SER E 321 -21.26 -10.18 -54.23
C SER E 321 -20.50 -10.02 -55.54
N PRO E 322 -21.00 -10.61 -56.63
CA PRO E 322 -20.26 -10.60 -57.89
C PRO E 322 -19.89 -9.21 -58.40
N ASP E 323 -20.80 -8.23 -58.30
CA ASP E 323 -20.50 -6.86 -58.75
C ASP E 323 -19.41 -6.21 -57.92
N ASP E 324 -19.38 -6.48 -56.60
CA ASP E 324 -18.32 -5.89 -55.75
C ASP E 324 -16.97 -6.48 -56.05
N VAL E 325 -16.91 -7.80 -56.26
CA VAL E 325 -15.63 -8.49 -56.56
C VAL E 325 -15.13 -8.04 -57.92
N LEU E 326 -16.04 -7.89 -58.91
CA LEU E 326 -15.64 -7.45 -60.24
C LEU E 326 -15.05 -6.06 -60.19
N GLU E 327 -15.65 -5.18 -59.37
CA GLU E 327 -15.18 -3.80 -59.19
C GLU E 327 -13.77 -3.81 -58.56
N PHE E 328 -13.50 -4.73 -57.61
CA PHE E 328 -12.17 -4.83 -57.06
C PHE E 328 -11.19 -5.31 -58.15
N LEU E 329 -11.60 -6.28 -58.96
CA LEU E 329 -10.75 -6.85 -60.03
C LEU E 329 -10.39 -5.86 -61.11
N LYS E 330 -11.27 -4.89 -61.37
CA LYS E 330 -11.01 -3.81 -62.34
C LYS E 330 -9.84 -2.99 -61.82
N VAL E 331 -9.80 -2.75 -60.51
CA VAL E 331 -8.68 -2.04 -59.87
C VAL E 331 -7.40 -2.92 -59.94
N TYR E 332 -7.50 -4.21 -59.52
CA TYR E 332 -6.38 -5.16 -59.51
C TYR E 332 -5.73 -5.29 -60.89
N GLU E 333 -6.56 -5.41 -61.95
CA GLU E 333 -6.15 -5.53 -63.36
C GLU E 333 -5.17 -4.42 -63.75
N LYS E 334 -5.38 -3.19 -63.23
CA LYS E 334 -4.58 -2.00 -63.53
C LYS E 334 -3.21 -1.94 -62.81
N HIS E 335 -2.83 -2.96 -62.00
CA HIS E 335 -1.55 -2.99 -61.23
C HIS E 335 -0.69 -4.19 -61.54
N SER E 336 0.60 -4.15 -61.12
CA SER E 336 1.56 -5.23 -61.34
C SER E 336 2.26 -5.67 -60.06
N PRO F 6 -17.20 -34.67 -10.97
CA PRO F 6 -18.54 -34.46 -10.41
C PRO F 6 -19.14 -33.09 -10.77
N PHE F 7 -20.13 -32.63 -9.97
CA PHE F 7 -20.81 -31.35 -10.12
C PHE F 7 -20.63 -30.44 -8.90
N ASP F 8 -20.67 -29.11 -9.12
CA ASP F 8 -20.49 -28.12 -8.07
C ASP F 8 -21.70 -28.04 -7.15
N THR F 9 -21.46 -28.12 -5.84
CA THR F 9 -22.49 -28.11 -4.82
C THR F 9 -22.83 -26.70 -4.32
N ASP F 10 -21.89 -25.73 -4.43
CA ASP F 10 -22.12 -24.35 -3.99
C ASP F 10 -22.22 -23.41 -5.20
N VAL F 11 -23.33 -23.54 -5.95
CA VAL F 11 -23.56 -22.82 -7.19
C VAL F 11 -23.70 -21.28 -6.95
N ASN F 12 -22.73 -20.52 -7.51
CA ASN F 12 -22.64 -19.07 -7.40
C ASN F 12 -23.43 -18.34 -8.50
N THR F 13 -24.71 -18.10 -8.23
CA THR F 13 -25.63 -17.47 -9.17
C THR F 13 -25.61 -15.96 -9.08
N LEU F 14 -26.17 -15.29 -10.11
CA LEU F 14 -26.30 -13.83 -10.12
C LEU F 14 -27.15 -13.38 -8.92
N THR F 15 -28.23 -14.11 -8.64
CA THR F 15 -29.14 -13.87 -7.50
C THR F 15 -28.36 -13.87 -6.17
N ARG F 16 -27.56 -14.92 -5.91
CA ARG F 16 -26.76 -15.02 -4.69
C ARG F 16 -25.85 -13.84 -4.54
N PHE F 17 -25.18 -13.46 -5.64
CA PHE F 17 -24.26 -12.33 -5.71
C PHE F 17 -24.93 -11.01 -5.32
N VAL F 18 -26.09 -10.70 -5.93
CA VAL F 18 -26.83 -9.46 -5.67
C VAL F 18 -27.29 -9.41 -4.20
N MET F 19 -27.85 -10.53 -3.67
CA MET F 19 -28.29 -10.67 -2.27
C MET F 19 -27.16 -10.42 -1.29
N GLU F 20 -25.97 -10.96 -1.58
CA GLU F 20 -24.78 -10.77 -0.75
C GLU F 20 -24.36 -9.27 -0.71
N GLU F 21 -24.60 -8.51 -1.81
CA GLU F 21 -24.29 -7.10 -1.87
C GLU F 21 -25.32 -6.29 -1.06
N GLY F 22 -25.01 -6.13 0.23
CA GLY F 22 -25.84 -5.42 1.20
C GLY F 22 -27.13 -6.15 1.50
N GLY F 27 -30.69 -2.90 2.96
CA GLY F 27 -31.48 -3.13 1.76
C GLY F 27 -32.74 -3.98 1.91
N THR F 28 -33.88 -3.47 1.36
CA THR F 28 -35.22 -4.09 1.34
C THR F 28 -35.26 -5.44 0.56
N GLY F 29 -34.49 -5.54 -0.52
CA GLY F 29 -34.44 -6.72 -1.38
C GLY F 29 -34.99 -6.46 -2.77
N GLU F 30 -35.45 -5.20 -3.05
CA GLU F 30 -36.02 -4.83 -4.34
C GLU F 30 -35.05 -4.99 -5.51
N LEU F 31 -33.75 -4.70 -5.30
CA LEU F 31 -32.78 -4.81 -6.41
C LEU F 31 -32.64 -6.23 -6.88
N THR F 32 -32.60 -7.18 -5.95
CA THR F 32 -32.54 -8.63 -6.23
C THR F 32 -33.77 -9.07 -7.04
N GLN F 33 -34.98 -8.65 -6.60
CA GLN F 33 -36.26 -8.94 -7.28
C GLN F 33 -36.17 -8.43 -8.71
N LEU F 34 -35.73 -7.15 -8.87
CA LEU F 34 -35.59 -6.51 -10.17
C LEU F 34 -34.63 -7.30 -11.10
N LEU F 35 -33.43 -7.60 -10.62
CA LEU F 35 -32.44 -8.29 -11.45
C LEU F 35 -32.84 -9.73 -11.75
N ASN F 36 -33.58 -10.38 -10.83
CA ASN F 36 -34.10 -11.74 -11.01
C ASN F 36 -35.14 -11.75 -12.16
N SER F 37 -36.07 -10.78 -12.16
CA SER F 37 -37.09 -10.62 -13.21
C SER F 37 -36.42 -10.36 -14.57
N LEU F 38 -35.38 -9.51 -14.57
CA LEU F 38 -34.62 -9.18 -15.76
C LEU F 38 -33.94 -10.43 -16.31
N CYS F 39 -33.34 -11.25 -15.44
CA CYS F 39 -32.73 -12.53 -15.85
C CYS F 39 -33.73 -13.49 -16.52
N THR F 40 -35.00 -13.48 -16.06
CA THR F 40 -36.04 -14.31 -16.67
C THR F 40 -36.25 -13.87 -18.10
N ALA F 41 -36.38 -12.54 -18.32
CA ALA F 41 -36.54 -11.95 -19.66
C ALA F 41 -35.33 -12.31 -20.56
N VAL F 42 -34.11 -12.18 -20.03
CA VAL F 42 -32.88 -12.48 -20.76
C VAL F 42 -32.84 -13.92 -21.24
N LYS F 43 -33.18 -14.87 -20.36
CA LYS F 43 -33.15 -16.29 -20.70
C LYS F 43 -34.15 -16.60 -21.80
N ALA F 44 -35.32 -15.94 -21.77
CA ALA F 44 -36.36 -16.13 -22.77
C ALA F 44 -35.92 -15.51 -24.10
N ILE F 45 -35.27 -14.33 -24.05
CA ILE F 45 -34.75 -13.69 -25.26
C ILE F 45 -33.66 -14.58 -25.88
N SER F 46 -32.70 -15.08 -25.05
CA SER F 46 -31.62 -15.94 -25.50
C SER F 46 -32.16 -17.15 -26.28
N SER F 47 -33.19 -17.80 -25.72
CA SER F 47 -33.84 -18.96 -26.29
C SER F 47 -34.50 -18.64 -27.64
N ALA F 48 -35.26 -17.53 -27.70
CA ALA F 48 -35.89 -17.09 -28.95
C ALA F 48 -34.84 -16.80 -30.03
N VAL F 49 -33.70 -16.19 -29.66
CA VAL F 49 -32.63 -15.86 -30.59
C VAL F 49 -31.97 -17.15 -31.11
N ARG F 50 -31.77 -18.12 -30.23
CA ARG F 50 -31.18 -19.40 -30.57
C ARG F 50 -32.02 -20.24 -31.53
N LYS F 51 -33.34 -19.97 -31.57
CA LYS F 51 -34.30 -20.70 -32.39
C LYS F 51 -34.92 -19.83 -33.51
N ALA F 52 -34.49 -18.57 -33.63
CA ALA F 52 -35.01 -17.54 -34.53
C ALA F 52 -35.48 -18.06 -35.91
N GLY F 53 -34.63 -18.81 -36.60
CA GLY F 53 -34.92 -19.36 -37.92
C GLY F 53 -36.01 -20.42 -37.97
N ILE F 54 -36.08 -21.29 -36.94
CA ILE F 54 -37.05 -22.39 -36.83
C ILE F 54 -38.47 -21.82 -36.56
N ALA F 55 -38.59 -20.75 -35.74
CA ALA F 55 -39.86 -20.05 -35.51
C ALA F 55 -40.01 -19.02 -36.66
N HIS F 56 -41.12 -18.25 -36.75
CA HIS F 56 -41.27 -17.26 -37.84
C HIS F 56 -40.29 -16.08 -37.71
N LEU F 57 -40.04 -15.64 -36.46
CA LEU F 57 -39.19 -14.54 -35.97
C LEU F 57 -38.01 -14.18 -36.88
N LYS F 72 -39.04 -6.96 -37.42
CA LYS F 72 -39.08 -6.30 -36.10
C LYS F 72 -39.71 -7.22 -35.04
N LYS F 73 -40.17 -8.44 -35.46
CA LYS F 73 -40.82 -9.44 -34.61
C LYS F 73 -40.09 -9.62 -33.27
N LEU F 74 -38.78 -9.94 -33.34
CA LEU F 74 -37.95 -10.16 -32.17
C LEU F 74 -37.77 -8.93 -31.28
N ASP F 75 -37.70 -7.71 -31.89
CA ASP F 75 -37.58 -6.43 -31.17
C ASP F 75 -38.81 -6.25 -30.28
N VAL F 76 -39.98 -6.47 -30.86
CA VAL F 76 -41.29 -6.33 -30.21
C VAL F 76 -41.43 -7.33 -29.08
N LEU F 77 -41.14 -8.61 -29.37
CA LEU F 77 -41.22 -9.70 -28.40
C LEU F 77 -40.31 -9.44 -27.20
N SER F 78 -39.06 -9.07 -27.49
CA SER F 78 -38.06 -8.78 -26.46
C SER F 78 -38.50 -7.62 -25.60
N ASN F 79 -39.06 -6.56 -26.23
CA ASN F 79 -39.51 -5.37 -25.52
C ASN F 79 -40.65 -5.74 -24.59
N ASP F 80 -41.62 -6.51 -25.10
CA ASP F 80 -42.75 -6.98 -24.31
C ASP F 80 -42.30 -7.84 -23.10
N LEU F 81 -41.38 -8.80 -23.34
CA LEU F 81 -40.82 -9.64 -22.30
C LEU F 81 -40.18 -8.80 -21.20
N VAL F 82 -39.26 -7.88 -21.56
CA VAL F 82 -38.56 -7.02 -20.60
C VAL F 82 -39.56 -6.15 -19.80
N MET F 83 -40.52 -5.49 -20.48
CA MET F 83 -41.53 -4.64 -19.84
C MET F 83 -42.36 -5.41 -18.83
N ASN F 84 -42.91 -6.57 -19.25
CA ASN F 84 -43.77 -7.40 -18.42
C ASN F 84 -43.05 -7.93 -17.21
N MET F 85 -41.83 -8.43 -17.38
CA MET F 85 -41.03 -8.96 -16.27
C MET F 85 -40.68 -7.86 -15.26
N LEU F 86 -40.31 -6.65 -15.75
CA LEU F 86 -39.94 -5.53 -14.89
C LEU F 86 -41.13 -5.01 -14.07
N LYS F 87 -42.31 -4.86 -14.70
CA LYS F 87 -43.53 -4.44 -14.00
C LYS F 87 -43.88 -5.46 -12.91
N SER F 88 -43.74 -6.77 -13.21
CA SER F 88 -44.09 -7.87 -12.30
C SER F 88 -43.12 -8.05 -11.14
N SER F 89 -41.93 -7.42 -11.19
CA SER F 89 -40.90 -7.53 -10.14
C SER F 89 -41.32 -6.82 -8.85
N PHE F 90 -42.25 -5.84 -8.92
CA PHE F 90 -42.68 -5.01 -7.78
C PHE F 90 -41.56 -4.06 -7.33
N ALA F 91 -40.52 -3.88 -8.16
CA ALA F 91 -39.33 -3.07 -7.84
C ALA F 91 -39.23 -1.77 -8.66
N THR F 92 -40.08 -1.57 -9.69
CA THR F 92 -39.93 -0.44 -10.58
C THR F 92 -41.11 0.50 -10.62
N CYS F 93 -40.86 1.78 -10.98
CA CYS F 93 -41.91 2.79 -11.11
C CYS F 93 -41.95 3.45 -12.49
N VAL F 94 -40.79 3.60 -13.15
CA VAL F 94 -40.65 4.24 -14.45
C VAL F 94 -39.77 3.36 -15.34
N LEU F 95 -40.28 3.05 -16.55
CA LEU F 95 -39.55 2.23 -17.52
C LEU F 95 -39.40 2.98 -18.83
N VAL F 96 -38.15 3.16 -19.27
CA VAL F 96 -37.82 3.83 -20.52
C VAL F 96 -37.18 2.77 -21.41
N SER F 97 -37.72 2.63 -22.62
CA SER F 97 -37.23 1.68 -23.61
C SER F 97 -36.94 2.40 -24.91
N GLU F 98 -35.96 1.86 -25.66
CA GLU F 98 -35.57 2.34 -26.99
C GLU F 98 -36.78 2.23 -27.93
N GLU F 99 -37.64 1.21 -27.70
CA GLU F 99 -38.81 0.87 -28.51
C GLU F 99 -40.07 1.69 -28.22
N ASP F 100 -40.10 2.50 -27.15
CA ASP F 100 -41.30 3.27 -26.83
C ASP F 100 -41.05 4.76 -26.82
N LYS F 101 -41.93 5.54 -27.48
CA LYS F 101 -41.80 7.00 -27.57
C LYS F 101 -41.75 7.65 -26.18
N HIS F 102 -42.64 7.25 -25.28
CA HIS F 102 -42.69 7.80 -23.92
C HIS F 102 -42.31 6.80 -22.87
N ALA F 103 -42.04 7.29 -21.65
CA ALA F 103 -41.75 6.43 -20.53
C ALA F 103 -43.05 5.73 -20.11
N ILE F 104 -42.93 4.49 -19.64
CA ILE F 104 -44.03 3.68 -19.13
C ILE F 104 -44.05 3.84 -17.62
N ILE F 105 -45.21 4.21 -17.06
CA ILE F 105 -45.39 4.37 -15.63
C ILE F 105 -46.08 3.11 -15.09
N VAL F 106 -45.43 2.48 -14.11
CA VAL F 106 -45.91 1.25 -13.49
C VAL F 106 -47.13 1.56 -12.62
N GLU F 107 -48.19 0.74 -12.74
CA GLU F 107 -49.39 0.90 -11.93
C GLU F 107 -49.07 0.83 -10.41
N PRO F 108 -49.75 1.63 -9.57
CA PRO F 108 -49.40 1.69 -8.14
C PRO F 108 -49.30 0.36 -7.41
N GLU F 109 -50.16 -0.61 -7.76
CA GLU F 109 -50.18 -1.96 -7.19
C GLU F 109 -48.79 -2.64 -7.35
N LYS F 110 -48.20 -2.54 -8.54
CA LYS F 110 -46.93 -3.18 -8.86
C LYS F 110 -45.71 -2.27 -8.70
N ARG F 111 -45.91 -1.05 -8.19
CA ARG F 111 -44.88 -0.01 -8.06
C ARG F 111 -43.76 -0.35 -7.07
N GLY F 112 -42.53 0.05 -7.44
CA GLY F 112 -41.31 -0.07 -6.63
C GLY F 112 -40.52 1.22 -6.75
N LYS F 113 -39.31 1.25 -6.21
CA LYS F 113 -38.54 2.48 -6.17
C LYS F 113 -37.54 2.73 -7.34
N TYR F 114 -37.35 1.76 -8.26
CA TYR F 114 -36.37 1.93 -9.32
C TYR F 114 -36.91 2.44 -10.67
N VAL F 115 -36.02 3.19 -11.38
CA VAL F 115 -36.20 3.71 -12.73
C VAL F 115 -35.26 2.88 -13.62
N VAL F 116 -35.82 2.24 -14.67
CA VAL F 116 -35.04 1.37 -15.57
C VAL F 116 -35.10 1.88 -17.00
N CYS F 117 -33.90 2.10 -17.61
CA CYS F 117 -33.69 2.49 -19.01
C CYS F 117 -33.12 1.26 -19.65
N PHE F 118 -33.72 0.80 -20.76
CA PHE F 118 -33.22 -0.39 -21.39
C PHE F 118 -33.32 -0.36 -22.90
N ASP F 119 -32.50 -1.18 -23.53
CA ASP F 119 -32.41 -1.41 -24.95
C ASP F 119 -32.64 -2.92 -25.09
N PRO F 120 -33.86 -3.34 -25.45
CA PRO F 120 -34.18 -4.78 -25.36
C PRO F 120 -33.44 -5.70 -26.32
N LEU F 121 -33.18 -5.27 -27.56
CA LEU F 121 -32.47 -6.14 -28.50
C LEU F 121 -31.59 -5.33 -29.43
N ASP F 122 -30.56 -4.71 -28.83
CA ASP F 122 -29.58 -3.94 -29.54
C ASP F 122 -28.81 -4.86 -30.57
N GLY F 123 -28.62 -4.35 -31.78
CA GLY F 123 -27.99 -5.05 -32.90
C GLY F 123 -28.93 -5.93 -33.72
N SER F 124 -30.25 -5.93 -33.39
CA SER F 124 -31.27 -6.76 -34.06
C SER F 124 -31.44 -6.55 -35.58
N SER F 125 -31.09 -5.36 -36.11
CA SER F 125 -31.20 -5.10 -37.55
C SER F 125 -30.34 -6.09 -38.35
N ASN F 126 -29.27 -6.64 -37.72
CA ASN F 126 -28.39 -7.58 -38.38
C ASN F 126 -28.48 -9.01 -37.82
N ILE F 127 -29.60 -9.33 -37.10
CA ILE F 127 -29.84 -10.63 -36.47
C ILE F 127 -29.61 -11.83 -37.41
N ASP F 128 -30.07 -11.75 -38.67
CA ASP F 128 -29.99 -12.84 -39.64
C ASP F 128 -28.58 -13.34 -39.97
N CYS F 129 -27.51 -12.62 -39.59
CA CYS F 129 -26.15 -13.09 -39.88
C CYS F 129 -25.49 -13.74 -38.68
N LEU F 130 -26.28 -13.95 -37.61
CA LEU F 130 -25.92 -14.62 -36.36
C LEU F 130 -24.85 -13.88 -35.58
N VAL F 131 -24.79 -12.58 -35.85
CA VAL F 131 -23.99 -11.61 -35.15
C VAL F 131 -24.52 -11.59 -33.69
N SER F 132 -23.64 -11.34 -32.73
CA SER F 132 -24.09 -11.25 -31.35
C SER F 132 -25.04 -10.06 -31.19
N VAL F 133 -26.17 -10.26 -30.53
CA VAL F 133 -27.12 -9.18 -30.21
C VAL F 133 -27.13 -9.03 -28.67
N GLY F 134 -27.82 -8.06 -28.13
CA GLY F 134 -27.82 -7.90 -26.68
C GLY F 134 -28.89 -7.03 -26.09
N THR F 135 -29.07 -7.13 -24.78
CA THR F 135 -30.00 -6.32 -24.01
C THR F 135 -29.12 -5.42 -23.13
N ILE F 136 -29.32 -4.12 -23.19
CA ILE F 136 -28.57 -3.14 -22.37
C ILE F 136 -29.53 -2.57 -21.35
N PHE F 137 -29.05 -2.32 -20.13
CA PHE F 137 -29.93 -1.78 -19.09
C PHE F 137 -29.16 -0.86 -18.12
N GLY F 138 -29.89 0.14 -17.61
CA GLY F 138 -29.45 1.13 -16.63
C GLY F 138 -30.50 1.29 -15.55
N ILE F 139 -30.09 1.20 -14.28
CA ILE F 139 -31.01 1.28 -13.12
C ILE F 139 -30.66 2.45 -12.20
N TYR F 140 -31.66 3.27 -11.90
CA TYR F 140 -31.56 4.43 -11.01
C TYR F 140 -32.56 4.28 -9.89
N ARG F 141 -32.28 4.90 -8.75
N ARG F 141 -32.25 4.79 -8.68
CA ARG F 141 -33.25 5.00 -7.68
CA ARG F 141 -33.14 4.67 -7.52
C ARG F 141 -33.98 6.31 -7.94
C ARG F 141 -33.83 5.99 -7.10
N LYS F 142 -35.32 6.30 -7.81
N LYS F 142 -35.18 5.96 -7.01
CA LYS F 142 -36.12 7.50 -7.97
CA LYS F 142 -36.01 7.10 -6.57
C LYS F 142 -35.65 8.53 -6.92
C LYS F 142 -36.15 7.06 -5.05
N LYS F 143 -35.15 9.67 -7.38
N LYS F 143 -35.94 8.21 -4.38
CA LYS F 143 -34.57 10.72 -6.55
CA LYS F 143 -35.94 8.34 -2.91
C LYS F 143 -35.59 11.72 -6.05
C LYS F 143 -37.25 8.79 -2.27
N SER F 144 -36.59 12.04 -6.88
N SER F 144 -38.04 9.65 -2.95
CA SER F 144 -37.60 13.06 -6.58
CA SER F 144 -39.30 10.21 -2.43
C SER F 144 -38.55 12.72 -5.45
C SER F 144 -40.57 9.44 -2.82
N THR F 145 -39.19 13.75 -4.90
N THR F 145 -41.72 9.86 -2.24
CA THR F 145 -40.16 13.69 -3.79
CA THR F 145 -43.05 9.34 -2.56
C THR F 145 -41.62 13.74 -4.33
C THR F 145 -43.65 10.20 -3.68
N ASP F 146 -41.79 13.75 -5.67
N ASP F 146 -42.89 11.22 -4.16
CA ASP F 146 -43.09 13.79 -6.34
CA ASP F 146 -43.31 12.10 -5.25
C ASP F 146 -43.51 12.42 -6.95
C ASP F 146 -43.78 11.24 -6.44
N GLU F 147 -44.72 12.36 -7.57
N GLU F 147 -44.87 11.69 -7.10
CA GLU F 147 -45.28 11.16 -8.23
CA GLU F 147 -45.45 10.99 -8.26
C GLU F 147 -44.35 10.69 -9.34
C GLU F 147 -44.44 10.67 -9.37
N PRO F 148 -44.22 9.38 -9.66
CA PRO F 148 -43.31 9.01 -10.76
C PRO F 148 -43.72 9.56 -12.15
N SER F 149 -42.75 10.03 -12.93
CA SER F 149 -42.90 10.57 -14.29
C SER F 149 -41.64 10.31 -15.12
N GLU F 150 -41.74 10.59 -16.44
CA GLU F 150 -40.64 10.50 -17.41
C GLU F 150 -39.39 11.25 -16.91
N LYS F 151 -39.60 12.42 -16.25
CA LYS F 151 -38.57 13.28 -15.65
C LYS F 151 -37.61 12.54 -14.72
N ASP F 152 -38.09 11.48 -14.04
CA ASP F 152 -37.24 10.65 -13.18
C ASP F 152 -36.18 9.88 -13.96
N ALA F 153 -36.36 9.72 -15.28
CA ALA F 153 -35.38 9.03 -16.11
C ALA F 153 -34.32 10.02 -16.63
N LEU F 154 -34.55 11.34 -16.47
CA LEU F 154 -33.61 12.36 -16.96
C LEU F 154 -32.56 12.70 -15.90
N GLN F 155 -31.74 11.70 -15.56
CA GLN F 155 -30.71 11.76 -14.52
C GLN F 155 -29.38 11.47 -15.19
N PRO F 156 -28.27 12.13 -14.77
CA PRO F 156 -26.97 11.81 -15.38
C PRO F 156 -26.55 10.40 -14.98
N GLY F 157 -25.83 9.71 -15.89
CA GLY F 157 -25.32 8.36 -15.68
C GLY F 157 -24.58 8.17 -14.36
N ARG F 158 -24.03 9.27 -13.81
CA ARG F 158 -23.32 9.31 -12.53
C ARG F 158 -24.19 8.76 -11.39
N ASN F 159 -25.53 8.89 -11.51
CA ASN F 159 -26.51 8.45 -10.52
C ASN F 159 -26.88 6.98 -10.57
N LEU F 160 -26.34 6.23 -11.56
CA LEU F 160 -26.62 4.80 -11.71
C LEU F 160 -26.31 4.00 -10.46
N VAL F 161 -27.22 3.07 -10.11
CA VAL F 161 -27.12 2.16 -8.99
C VAL F 161 -26.55 0.85 -9.54
N ALA F 162 -26.94 0.51 -10.78
CA ALA F 162 -26.50 -0.70 -11.45
C ALA F 162 -26.76 -0.53 -12.94
N ALA F 163 -25.92 -1.18 -13.74
CA ALA F 163 -26.02 -1.11 -15.20
C ALA F 163 -25.27 -2.29 -15.76
N GLY F 164 -25.60 -2.63 -16.99
CA GLY F 164 -24.91 -3.69 -17.67
C GLY F 164 -25.60 -4.12 -18.95
N TYR F 165 -25.30 -5.36 -19.34
CA TYR F 165 -25.81 -5.92 -20.57
C TYR F 165 -25.80 -7.42 -20.57
N ALA F 166 -26.65 -8.00 -21.42
CA ALA F 166 -26.68 -9.41 -21.70
C ALA F 166 -26.20 -9.50 -23.17
N LEU F 167 -25.22 -10.35 -23.43
CA LEU F 167 -24.69 -10.58 -24.77
C LEU F 167 -25.15 -11.98 -25.23
N TYR F 168 -25.95 -12.04 -26.30
CA TYR F 168 -26.45 -13.28 -26.86
C TYR F 168 -25.47 -13.67 -27.99
N GLY F 169 -24.37 -14.32 -27.65
CA GLY F 169 -23.37 -14.71 -28.63
C GLY F 169 -23.19 -16.20 -28.71
N SER F 170 -21.95 -16.65 -28.92
CA SER F 170 -21.66 -18.10 -28.96
C SER F 170 -21.97 -18.73 -27.60
N ALA F 171 -22.05 -17.91 -26.55
CA ALA F 171 -22.49 -18.21 -25.15
C ALA F 171 -23.32 -16.98 -24.74
N THR F 172 -24.17 -17.16 -23.72
CA THR F 172 -24.95 -16.04 -23.20
C THR F 172 -24.29 -15.50 -21.95
N MET F 173 -23.93 -14.22 -21.96
CA MET F 173 -23.27 -13.65 -20.82
C MET F 173 -24.02 -12.44 -20.29
N LEU F 174 -24.07 -12.29 -18.99
CA LEU F 174 -24.60 -11.11 -18.36
C LEU F 174 -23.46 -10.40 -17.64
N VAL F 175 -23.17 -9.16 -18.05
CA VAL F 175 -22.15 -8.33 -17.43
C VAL F 175 -22.91 -7.32 -16.55
N LEU F 176 -22.61 -7.34 -15.23
CA LEU F 176 -23.26 -6.47 -14.26
C LEU F 176 -22.24 -5.57 -13.54
N ALA F 177 -22.46 -4.24 -13.62
CA ALA F 177 -21.67 -3.24 -12.93
C ALA F 177 -22.50 -2.64 -11.83
N MET F 178 -21.88 -2.48 -10.67
CA MET F 178 -22.44 -1.84 -9.47
C MET F 178 -21.31 -1.06 -8.82
N ASP F 179 -21.59 -0.35 -7.72
CA ASP F 179 -20.58 0.45 -7.01
C ASP F 179 -19.31 -0.31 -6.68
N CYS F 180 -19.43 -1.60 -6.36
CA CYS F 180 -18.31 -2.46 -6.01
C CYS F 180 -17.42 -2.90 -7.20
N GLY F 181 -17.91 -2.79 -8.42
CA GLY F 181 -17.18 -3.22 -9.60
C GLY F 181 -18.03 -3.94 -10.62
N VAL F 182 -17.37 -4.59 -11.56
CA VAL F 182 -17.95 -5.32 -12.69
C VAL F 182 -17.73 -6.81 -12.49
N ASN F 183 -18.81 -7.62 -12.66
CA ASN F 183 -18.77 -9.07 -12.56
C ASN F 183 -19.48 -9.68 -13.76
N CYS F 184 -18.94 -10.79 -14.33
CA CYS F 184 -19.52 -11.47 -15.49
C CYS F 184 -20.12 -12.81 -15.11
N PHE F 185 -21.32 -13.07 -15.62
CA PHE F 185 -22.10 -14.29 -15.35
C PHE F 185 -22.45 -14.97 -16.66
N MET F 186 -22.15 -16.24 -16.76
CA MET F 186 -22.48 -16.98 -17.97
C MET F 186 -23.75 -17.81 -17.73
N LEU F 187 -24.66 -17.78 -18.69
CA LEU F 187 -25.87 -18.60 -18.61
C LEU F 187 -25.46 -20.08 -18.78
N ASP F 188 -25.86 -20.92 -17.83
CA ASP F 188 -25.63 -22.36 -17.90
C ASP F 188 -26.90 -22.93 -18.54
N PRO F 189 -26.84 -23.43 -19.80
CA PRO F 189 -28.07 -23.90 -20.45
C PRO F 189 -28.72 -25.08 -19.74
N ALA F 190 -27.90 -25.94 -19.09
CA ALA F 190 -28.39 -27.14 -18.37
C ALA F 190 -29.28 -26.81 -17.18
N ILE F 191 -29.04 -25.68 -16.49
CA ILE F 191 -29.84 -25.38 -15.30
C ILE F 191 -30.54 -24.02 -15.37
N GLY F 192 -30.39 -23.28 -16.47
CA GLY F 192 -31.05 -21.99 -16.64
C GLY F 192 -30.72 -20.99 -15.54
N GLU F 193 -29.42 -20.89 -15.21
CA GLU F 193 -28.93 -19.96 -14.20
C GLU F 193 -27.70 -19.24 -14.73
N PHE F 194 -27.51 -17.97 -14.29
CA PHE F 194 -26.34 -17.17 -14.59
C PHE F 194 -25.30 -17.47 -13.51
N ILE F 195 -24.15 -18.03 -13.90
CA ILE F 195 -23.08 -18.43 -12.99
C ILE F 195 -21.94 -17.43 -13.06
N LEU F 196 -21.41 -17.02 -11.88
CA LEU F 196 -20.29 -16.09 -11.80
C LEU F 196 -19.03 -16.75 -12.41
N VAL F 197 -18.47 -16.14 -13.45
CA VAL F 197 -17.27 -16.67 -14.15
C VAL F 197 -16.09 -15.72 -14.06
N ASP F 198 -16.35 -14.40 -13.90
CA ASP F 198 -15.26 -13.41 -13.84
C ASP F 198 -15.56 -12.37 -12.76
N LYS F 199 -14.77 -12.39 -11.68
CA LYS F 199 -14.92 -11.50 -10.53
C LYS F 199 -14.09 -10.23 -10.70
N ASP F 200 -14.66 -9.07 -10.25
CA ASP F 200 -14.04 -7.73 -10.23
C ASP F 200 -13.09 -7.50 -11.45
N VAL F 201 -13.69 -7.59 -12.63
CA VAL F 201 -13.07 -7.44 -13.93
C VAL F 201 -12.47 -6.04 -14.11
N LYS F 202 -11.25 -6.01 -14.59
CA LYS F 202 -10.55 -4.75 -14.88
C LYS F 202 -10.08 -4.76 -16.31
N ILE F 203 -10.36 -3.68 -17.04
CA ILE F 203 -9.89 -3.52 -18.43
C ILE F 203 -8.37 -3.28 -18.42
N LYS F 204 -7.65 -3.74 -19.47
CA LYS F 204 -6.20 -3.48 -19.63
C LYS F 204 -6.00 -1.96 -19.71
N LYS F 205 -4.86 -1.45 -19.18
CA LYS F 205 -4.51 -0.03 -19.25
C LYS F 205 -4.42 0.49 -20.69
N LYS F 206 -3.89 -0.32 -21.60
CA LYS F 206 -3.76 0.01 -23.01
C LYS F 206 -3.94 -1.26 -23.83
N GLY F 207 -4.79 -1.19 -24.85
CA GLY F 207 -5.08 -2.30 -25.76
C GLY F 207 -4.38 -2.16 -27.10
N LYS F 208 -4.71 -3.03 -28.06
CA LYS F 208 -4.07 -3.04 -29.37
C LYS F 208 -5.08 -3.19 -30.50
N ILE F 209 -6.34 -2.82 -30.21
CA ILE F 209 -7.45 -2.87 -31.16
C ILE F 209 -8.24 -1.54 -31.10
N TYR F 210 -8.62 -1.02 -32.28
CA TYR F 210 -9.48 0.15 -32.36
C TYR F 210 -10.77 -0.30 -33.08
N SER F 211 -11.89 0.27 -32.68
CA SER F 211 -13.16 -0.13 -33.21
C SER F 211 -14.07 1.03 -33.56
N LEU F 212 -14.38 1.17 -34.86
CA LEU F 212 -15.34 2.17 -35.35
C LEU F 212 -15.70 1.83 -36.78
N ASN F 213 -16.82 2.39 -37.29
CA ASN F 213 -17.24 2.18 -38.70
C ASN F 213 -16.41 3.12 -39.56
N GLU F 214 -15.32 2.60 -40.18
CA GLU F 214 -14.45 3.41 -41.04
C GLU F 214 -15.11 3.74 -42.37
N GLY F 215 -16.28 3.14 -42.64
CA GLY F 215 -17.06 3.41 -43.84
C GLY F 215 -17.54 4.85 -43.89
N TYR F 216 -17.68 5.51 -42.72
CA TYR F 216 -18.11 6.90 -42.59
C TYR F 216 -16.93 7.90 -42.58
N ALA F 217 -15.72 7.47 -42.98
CA ALA F 217 -14.50 8.30 -43.01
C ALA F 217 -14.70 9.67 -43.63
N ARG F 218 -15.53 9.77 -44.69
CA ARG F 218 -15.83 11.03 -45.39
C ARG F 218 -16.40 12.09 -44.43
N ASP F 219 -17.21 11.68 -43.45
CA ASP F 219 -17.85 12.58 -42.52
C ASP F 219 -17.07 12.79 -41.20
N PHE F 220 -15.94 12.09 -41.01
CA PHE F 220 -15.17 12.19 -39.77
C PHE F 220 -14.69 13.58 -39.44
N ASP F 221 -14.64 13.88 -38.14
CA ASP F 221 -14.04 15.11 -37.64
C ASP F 221 -12.49 14.90 -37.85
N PRO F 222 -11.68 15.93 -38.21
CA PRO F 222 -10.23 15.73 -38.39
C PRO F 222 -9.52 15.05 -37.22
N ALA F 223 -9.94 15.33 -35.94
CA ALA F 223 -9.31 14.72 -34.77
C ALA F 223 -9.46 13.16 -34.82
N VAL F 224 -10.62 12.66 -35.25
CA VAL F 224 -10.87 11.22 -35.40
C VAL F 224 -9.99 10.66 -36.54
N THR F 225 -9.94 11.37 -37.67
CA THR F 225 -9.09 11.01 -38.81
C THR F 225 -7.60 10.92 -38.39
N GLU F 226 -7.10 11.91 -37.64
CA GLU F 226 -5.72 11.88 -37.21
C GLU F 226 -5.48 10.71 -36.27
N TYR F 227 -6.39 10.53 -35.28
CA TYR F 227 -6.27 9.44 -34.31
C TYR F 227 -6.16 8.08 -35.00
N ILE F 228 -7.05 7.81 -35.97
CA ILE F 228 -7.08 6.54 -36.71
C ILE F 228 -5.79 6.36 -37.52
N GLN F 229 -5.31 7.45 -38.16
CA GLN F 229 -4.05 7.43 -38.91
C GLN F 229 -2.87 7.04 -38.02
N ARG F 230 -2.82 7.54 -36.75
CA ARG F 230 -1.78 7.17 -35.78
C ARG F 230 -1.84 5.68 -35.40
N LYS F 231 -3.04 5.08 -35.40
CA LYS F 231 -3.21 3.65 -35.08
C LYS F 231 -2.70 2.76 -36.22
N LYS F 232 -2.85 3.20 -37.49
CA LYS F 232 -2.41 2.44 -38.67
C LYS F 232 -0.95 2.71 -39.00
N PHE F 233 -0.51 3.95 -38.77
CA PHE F 233 0.84 4.39 -39.05
C PHE F 233 1.45 4.98 -37.76
N PRO F 234 1.85 4.13 -36.77
CA PRO F 234 2.42 4.66 -35.51
C PRO F 234 3.65 5.51 -35.72
N PRO F 235 3.75 6.69 -35.06
CA PRO F 235 4.92 7.55 -35.27
C PRO F 235 6.20 6.97 -34.66
N ASP F 236 6.06 6.27 -33.51
CA ASP F 236 7.13 5.71 -32.69
C ASP F 236 7.68 4.31 -33.08
N ASN F 237 7.46 3.82 -34.32
CA ASN F 237 7.96 2.49 -34.76
C ASN F 237 7.23 1.29 -34.05
N SER F 238 6.24 1.56 -33.16
CA SER F 238 5.47 0.49 -32.51
C SER F 238 4.54 -0.21 -33.53
N ALA F 239 4.00 -1.39 -33.19
CA ALA F 239 3.17 -2.15 -34.10
C ALA F 239 1.80 -1.48 -34.33
N PRO F 240 1.31 -1.44 -35.59
CA PRO F 240 -0.03 -0.86 -35.85
C PRO F 240 -1.09 -1.65 -35.11
N TYR F 241 -2.17 -0.99 -34.68
CA TYR F 241 -3.29 -1.67 -33.99
C TYR F 241 -4.08 -2.46 -35.02
N GLY F 242 -4.78 -3.49 -34.55
CA GLY F 242 -5.71 -4.26 -35.35
C GLY F 242 -7.03 -3.55 -35.29
N ALA F 243 -7.88 -3.79 -36.28
CA ALA F 243 -9.20 -3.16 -36.35
C ALA F 243 -10.24 -4.23 -36.21
N ARG F 244 -11.34 -3.96 -35.46
CA ARG F 244 -12.48 -4.87 -35.30
C ARG F 244 -13.72 -4.01 -35.22
N TYR F 245 -14.78 -4.36 -35.95
CA TYR F 245 -16.05 -3.64 -35.87
C TYR F 245 -17.18 -4.57 -36.26
N VAL F 246 -17.90 -5.03 -35.24
CA VAL F 246 -18.98 -6.00 -35.39
C VAL F 246 -20.24 -5.27 -35.87
N GLY F 247 -20.39 -4.03 -35.44
CA GLY F 247 -21.56 -3.23 -35.80
C GLY F 247 -22.72 -3.46 -34.84
N SER F 248 -22.47 -4.17 -33.74
CA SER F 248 -23.41 -4.45 -32.67
C SER F 248 -22.70 -3.94 -31.42
N MET F 249 -23.20 -2.83 -30.86
CA MET F 249 -22.60 -2.13 -29.73
C MET F 249 -22.15 -3.03 -28.58
N VAL F 250 -23.02 -3.96 -28.15
CA VAL F 250 -22.75 -4.89 -27.03
C VAL F 250 -21.54 -5.77 -27.33
N ALA F 251 -21.45 -6.30 -28.57
CA ALA F 251 -20.33 -7.14 -28.99
C ALA F 251 -19.03 -6.33 -28.97
N ASP F 252 -19.06 -5.12 -29.57
CA ASP F 252 -17.88 -4.27 -29.68
C ASP F 252 -17.41 -3.76 -28.28
N VAL F 253 -18.35 -3.41 -27.38
CA VAL F 253 -18.02 -2.98 -26.02
C VAL F 253 -17.48 -4.19 -25.24
N HIS F 254 -18.12 -5.36 -25.38
CA HIS F 254 -17.67 -6.54 -24.64
C HIS F 254 -16.23 -6.94 -25.03
N ARG F 255 -15.94 -6.97 -26.34
CA ARG F 255 -14.58 -7.24 -26.82
C ARG F 255 -13.58 -6.24 -26.22
N THR F 256 -13.96 -4.95 -26.14
CA THR F 256 -13.09 -3.88 -25.59
C THR F 256 -12.80 -4.13 -24.12
N LEU F 257 -13.82 -4.58 -23.37
CA LEU F 257 -13.66 -4.90 -21.95
C LEU F 257 -12.71 -6.10 -21.74
N VAL F 258 -12.94 -7.18 -22.51
CA VAL F 258 -12.20 -8.43 -22.41
C VAL F 258 -10.76 -8.32 -22.92
N TYR F 259 -10.55 -7.70 -24.08
CA TYR F 259 -9.22 -7.64 -24.66
C TYR F 259 -8.54 -6.28 -24.59
N GLY F 260 -9.26 -5.25 -24.17
CA GLY F 260 -8.72 -3.91 -24.12
C GLY F 260 -8.82 -3.22 -25.47
N GLY F 261 -8.45 -1.95 -25.47
CA GLY F 261 -8.51 -1.15 -26.69
C GLY F 261 -9.51 -0.03 -26.60
N ILE F 262 -10.00 0.41 -27.76
CA ILE F 262 -10.88 1.58 -27.85
C ILE F 262 -12.03 1.36 -28.84
N PHE F 263 -13.19 1.88 -28.46
CA PHE F 263 -14.42 1.87 -29.26
C PHE F 263 -14.84 3.33 -29.42
N LEU F 264 -15.19 3.72 -30.66
CA LEU F 264 -15.57 5.09 -31.03
C LEU F 264 -16.84 5.14 -31.85
N TYR F 265 -17.77 5.99 -31.43
CA TYR F 265 -18.96 6.38 -32.15
C TYR F 265 -19.05 7.88 -31.91
N PRO F 266 -18.14 8.65 -32.57
CA PRO F 266 -18.01 10.08 -32.24
C PRO F 266 -18.92 11.05 -32.99
N ALA F 267 -18.93 12.29 -32.49
CA ALA F 267 -19.66 13.41 -33.09
C ALA F 267 -18.89 13.87 -34.34
N ASN F 268 -19.61 14.46 -35.28
CA ASN F 268 -19.09 15.06 -36.51
C ASN F 268 -20.00 16.24 -36.92
N LYS F 269 -19.63 17.00 -37.95
CA LYS F 269 -20.42 18.14 -38.40
C LYS F 269 -21.88 17.78 -38.69
N LYS F 270 -22.11 16.63 -39.36
CA LYS F 270 -23.44 16.13 -39.70
C LYS F 270 -24.27 15.66 -38.47
N SER F 271 -23.63 14.94 -37.51
CA SER F 271 -24.26 14.44 -36.27
C SER F 271 -23.53 15.06 -35.07
N PRO F 272 -23.83 16.34 -34.74
CA PRO F 272 -23.09 17.00 -33.65
C PRO F 272 -23.24 16.34 -32.28
N ASN F 273 -24.31 15.54 -32.10
CA ASN F 273 -24.53 14.80 -30.85
C ASN F 273 -24.24 13.32 -30.96
N GLY F 274 -23.61 12.87 -32.04
CA GLY F 274 -23.33 11.45 -32.24
C GLY F 274 -24.56 10.71 -32.73
N LYS F 275 -24.50 9.35 -32.70
CA LYS F 275 -25.59 8.49 -33.17
C LYS F 275 -26.23 7.67 -32.02
N LEU F 276 -25.39 7.10 -31.15
CA LEU F 276 -25.87 6.26 -30.03
C LEU F 276 -26.73 7.02 -29.01
N ARG F 277 -27.69 6.33 -28.37
CA ARG F 277 -28.62 6.93 -27.41
C ARG F 277 -28.04 6.98 -26.01
N LEU F 278 -28.08 8.16 -25.37
CA LEU F 278 -27.49 8.36 -24.03
C LEU F 278 -28.06 7.46 -22.92
N LEU F 279 -29.38 7.44 -22.75
CA LEU F 279 -30.04 6.76 -21.66
C LEU F 279 -29.89 5.27 -21.61
N TYR F 280 -30.06 4.58 -22.73
CA TYR F 280 -30.08 3.12 -22.67
C TYR F 280 -28.99 2.43 -23.52
N GLU F 281 -28.06 3.20 -24.11
CA GLU F 281 -26.94 2.60 -24.83
C GLU F 281 -25.64 3.14 -24.23
N CYS F 282 -25.40 4.48 -24.25
CA CYS F 282 -24.17 5.14 -23.76
C CYS F 282 -23.95 5.04 -22.27
N ASN F 283 -24.87 5.62 -21.44
CA ASN F 283 -24.73 5.62 -19.99
C ASN F 283 -24.46 4.23 -19.41
N PRO F 284 -25.25 3.17 -19.72
CA PRO F 284 -24.94 1.86 -19.14
C PRO F 284 -23.54 1.37 -19.51
N MET F 285 -23.13 1.54 -20.78
CA MET F 285 -21.79 1.11 -21.25
C MET F 285 -20.66 1.90 -20.60
N ALA F 286 -20.92 3.18 -20.36
CA ALA F 286 -19.97 4.09 -19.74
C ALA F 286 -19.75 3.72 -18.30
N TYR F 287 -20.83 3.30 -17.62
CA TYR F 287 -20.80 2.90 -16.21
C TYR F 287 -20.00 1.61 -16.04
N VAL F 288 -20.25 0.61 -16.91
CA VAL F 288 -19.48 -0.64 -16.94
C VAL F 288 -17.99 -0.27 -17.14
N MET F 289 -17.68 0.56 -18.15
CA MET F 289 -16.32 1.00 -18.46
C MET F 289 -15.64 1.62 -17.28
N GLU F 290 -16.28 2.64 -16.65
CA GLU F 290 -15.68 3.30 -15.49
C GLU F 290 -15.46 2.37 -14.32
N LYS F 291 -16.43 1.49 -14.04
CA LYS F 291 -16.31 0.52 -12.95
C LYS F 291 -15.27 -0.56 -13.21
N ALA F 292 -14.84 -0.72 -14.47
CA ALA F 292 -13.79 -1.68 -14.86
C ALA F 292 -12.38 -1.00 -14.93
N GLY F 293 -12.32 0.27 -14.55
CA GLY F 293 -11.07 1.05 -14.60
C GLY F 293 -10.81 1.67 -15.95
N GLY F 294 -11.83 1.71 -16.81
CA GLY F 294 -11.74 2.31 -18.13
C GLY F 294 -12.28 3.72 -18.18
N MET F 295 -12.46 4.25 -19.40
CA MET F 295 -12.93 5.62 -19.60
C MET F 295 -14.05 5.64 -20.61
N ALA F 296 -14.89 6.69 -20.56
CA ALA F 296 -15.98 6.89 -21.50
C ALA F 296 -16.26 8.37 -21.60
N THR F 297 -15.89 8.95 -22.73
CA THR F 297 -15.99 10.39 -22.98
C THR F 297 -16.83 10.72 -24.22
N THR F 298 -17.34 11.95 -24.26
CA THR F 298 -18.02 12.51 -25.43
C THR F 298 -16.93 13.26 -26.27
N GLY F 299 -15.79 13.51 -25.62
CA GLY F 299 -14.68 14.30 -26.15
C GLY F 299 -14.54 15.53 -25.27
N LYS F 300 -15.69 16.13 -24.88
CA LYS F 300 -15.73 17.32 -24.03
C LYS F 300 -15.88 17.00 -22.55
N GLU F 301 -16.63 15.94 -22.22
CA GLU F 301 -16.82 15.50 -20.85
C GLU F 301 -17.11 14.00 -20.77
N ALA F 302 -17.13 13.48 -19.54
CA ALA F 302 -17.46 12.11 -19.25
C ALA F 302 -18.91 11.91 -19.67
N VAL F 303 -19.20 10.78 -20.36
CA VAL F 303 -20.57 10.43 -20.78
C VAL F 303 -21.50 10.47 -19.53
N LEU F 304 -21.03 9.90 -18.42
CA LEU F 304 -21.79 9.84 -17.16
C LEU F 304 -22.16 11.20 -16.55
N ASP F 305 -21.50 12.29 -17.01
CA ASP F 305 -21.73 13.66 -16.52
C ASP F 305 -22.78 14.48 -17.31
N VAL F 306 -23.16 14.00 -18.51
CA VAL F 306 -24.17 14.65 -19.36
C VAL F 306 -25.53 14.61 -18.62
N ILE F 307 -26.19 15.77 -18.49
CA ILE F 307 -27.51 15.86 -17.87
C ILE F 307 -28.51 15.81 -19.03
N PRO F 308 -29.23 14.69 -19.22
CA PRO F 308 -30.15 14.63 -20.38
C PRO F 308 -31.37 15.51 -20.22
N THR F 309 -31.98 15.89 -21.35
CA THR F 309 -33.20 16.71 -21.39
C THR F 309 -34.34 16.01 -22.15
N ASP F 310 -34.03 14.92 -22.87
CA ASP F 310 -35.05 14.13 -23.57
C ASP F 310 -34.60 12.68 -23.47
N ILE F 311 -35.55 11.78 -23.25
CA ILE F 311 -35.25 10.36 -23.04
C ILE F 311 -34.57 9.67 -24.25
N HIS F 312 -34.76 10.19 -25.49
CA HIS F 312 -34.15 9.61 -26.69
C HIS F 312 -32.99 10.42 -27.26
N GLN F 313 -32.38 11.32 -26.45
CA GLN F 313 -31.28 12.14 -26.95
C GLN F 313 -30.02 11.31 -27.23
N ARG F 314 -29.28 11.74 -28.24
CA ARG F 314 -28.05 11.09 -28.65
C ARG F 314 -26.85 11.67 -27.93
N ALA F 315 -25.76 10.90 -27.89
CA ALA F 315 -24.50 11.32 -27.28
C ALA F 315 -23.33 10.73 -28.07
N PRO F 316 -22.24 11.51 -28.28
CA PRO F 316 -21.04 10.92 -28.91
C PRO F 316 -20.36 10.05 -27.87
N VAL F 317 -19.67 9.00 -28.27
CA VAL F 317 -19.01 8.15 -27.27
C VAL F 317 -17.68 7.61 -27.79
N ILE F 318 -16.66 7.69 -26.93
CA ILE F 318 -15.32 7.16 -27.11
C ILE F 318 -15.06 6.48 -25.78
N LEU F 319 -14.84 5.16 -25.81
CA LEU F 319 -14.63 4.41 -24.56
C LEU F 319 -13.62 3.29 -24.68
N GLY F 320 -13.15 2.82 -23.54
CA GLY F 320 -12.21 1.71 -23.48
C GLY F 320 -11.09 1.92 -22.51
N SER F 321 -9.92 1.30 -22.86
CA SER F 321 -8.66 1.32 -22.12
C SER F 321 -8.28 2.76 -21.83
N PRO F 322 -7.97 3.08 -20.56
CA PRO F 322 -7.71 4.48 -20.19
C PRO F 322 -6.59 5.15 -20.99
N ASP F 323 -5.48 4.45 -21.25
CA ASP F 323 -4.38 5.03 -22.05
C ASP F 323 -4.80 5.32 -23.49
N ASP F 324 -5.61 4.44 -24.09
CA ASP F 324 -6.08 4.65 -25.46
C ASP F 324 -7.04 5.83 -25.54
N VAL F 325 -7.97 5.98 -24.58
CA VAL F 325 -8.93 7.09 -24.57
C VAL F 325 -8.17 8.39 -24.31
N LEU F 326 -7.19 8.37 -23.39
CA LEU F 326 -6.39 9.58 -23.11
C LEU F 326 -5.64 10.00 -24.35
N GLU F 327 -5.11 9.03 -25.12
CA GLU F 327 -4.40 9.31 -26.37
C GLU F 327 -5.36 9.97 -27.40
N PHE F 328 -6.62 9.52 -27.45
CA PHE F 328 -7.61 10.13 -28.31
C PHE F 328 -7.87 11.55 -27.82
N LEU F 329 -8.02 11.73 -26.50
CA LEU F 329 -8.31 13.05 -25.94
C LEU F 329 -7.22 14.07 -26.20
N LYS F 330 -5.94 13.63 -26.17
CA LYS F 330 -4.81 14.52 -26.47
C LYS F 330 -4.93 15.01 -27.93
N VAL F 331 -5.31 14.11 -28.87
CA VAL F 331 -5.53 14.46 -30.28
C VAL F 331 -6.79 15.38 -30.38
N TYR F 332 -7.85 15.08 -29.61
CA TYR F 332 -9.09 15.88 -29.60
C TYR F 332 -8.80 17.34 -29.16
N GLU F 333 -8.02 17.53 -28.08
CA GLU F 333 -7.61 18.84 -27.53
C GLU F 333 -6.82 19.68 -28.59
N LYS F 334 -5.91 19.03 -29.33
CA LYS F 334 -5.07 19.59 -30.39
C LYS F 334 -5.97 20.18 -31.51
N HIS F 335 -7.13 19.52 -31.82
CA HIS F 335 -8.09 20.04 -32.79
C HIS F 335 -9.26 20.80 -32.09
N SER F 336 -8.97 21.48 -30.98
CA SER F 336 -9.98 22.31 -30.31
C SER F 336 -9.39 23.67 -29.98
N ALA F 337 -10.27 24.69 -29.85
CA ALA F 337 -9.85 26.06 -29.54
C ALA F 337 -9.28 26.15 -28.13
ZN ZN G . 13.46 20.61 -7.42
ZN ZN H . 25.20 49.04 -12.90
S SO4 I . 18.25 18.40 -6.98
O1 SO4 I . 19.22 18.25 -5.90
O2 SO4 I . 18.69 19.47 -7.86
O3 SO4 I . 18.13 17.13 -7.73
O4 SO4 I . 16.98 18.80 -6.44
S SO4 J . 18.33 21.28 -14.37
O1 SO4 J . 19.40 22.26 -14.20
O2 SO4 J . 18.13 21.07 -15.80
O3 SO4 J . 18.71 20.02 -13.73
O4 SO4 J . 17.10 21.76 -13.72
S SO4 K . 23.06 25.32 -7.43
O1 SO4 K . 23.07 24.84 -8.83
O2 SO4 K . 23.17 26.78 -7.37
O3 SO4 K . 24.19 24.76 -6.69
O4 SO4 K . 21.81 24.90 -6.79
S SO4 L . -13.24 21.33 -0.52
O1 SO4 L . -11.87 21.19 -0.09
O2 SO4 L . -13.41 22.67 -1.09
O3 SO4 L . -13.51 20.32 -1.55
O4 SO4 L . -14.10 21.17 0.65
ZN ZN M . 30.74 25.16 18.61
S SO4 N . 26.55 28.30 17.70
O1 SO4 N . 27.69 29.20 17.60
O2 SO4 N . 25.70 28.41 16.51
O3 SO4 N . 27.09 26.97 17.73
O4 SO4 N . 25.80 28.60 18.91
S SO4 O . 32.05 33.32 19.50
O1 SO4 O . 32.78 34.53 19.86
O2 SO4 O . 30.95 33.67 18.61
O3 SO4 O . 32.95 32.37 18.82
O4 SO4 O . 31.53 32.68 20.71
S SO4 P . 29.28 32.83 10.81
O1 SO4 P . 29.92 33.46 11.99
O2 SO4 P . 30.17 32.84 9.65
O3 SO4 P . 28.92 31.45 11.09
O4 SO4 P . 28.07 33.58 10.51
S SO4 Q . 41.13 0.90 26.69
O1 SO4 Q . 42.54 0.64 26.99
O2 SO4 Q . 41.02 1.87 25.62
O3 SO4 Q . 40.50 -0.34 26.21
O4 SO4 Q . 40.51 1.46 27.88
S SO4 R . 35.93 34.97 24.96
O1 SO4 R . 35.75 35.84 26.12
O2 SO4 R . 36.00 35.79 23.75
O3 SO4 R . 37.15 34.19 25.13
O4 SO4 R . 34.80 34.05 24.88
S SO4 S . 50.19 12.28 32.07
O1 SO4 S . 49.38 13.45 32.42
O2 SO4 S . 50.58 12.36 30.66
O3 SO4 S . 49.42 11.10 32.29
O4 SO4 S . 51.39 12.26 32.91
S SO4 T . 27.09 23.73 -8.25
O1 SO4 T . 27.19 24.69 -7.18
O2 SO4 T . 28.29 23.83 -9.09
O3 SO4 T . 26.96 22.36 -7.70
O4 SO4 T . 25.89 24.03 -9.06
CL CL U . 40.22 11.43 -5.73
ZN ZN V . 10.73 -21.28 25.68
S SO4 W . 6.75 -21.49 22.11
O1 SO4 W . 7.69 -20.66 22.83
O2 SO4 W . 7.26 -21.82 20.78
O3 SO4 W . 6.62 -22.70 22.88
O4 SO4 W . 5.46 -20.81 22.00
S SO4 X . 7.72 -29.20 23.78
O1 SO4 X . 6.63 -28.58 23.03
O2 SO4 X . 8.97 -28.48 23.53
O3 SO4 X . 7.86 -30.61 23.40
O4 SO4 X . 7.38 -29.12 25.19
S SO4 Y . 0.22 -24.83 27.19
O1 SO4 Y . 0.61 -23.44 27.29
O2 SO4 Y . 1.32 -25.66 26.65
O3 SO4 Y . -0.17 -25.31 28.51
O4 SO4 Y . -0.91 -24.94 26.26
S SO4 Z . 33.22 -8.52 35.59
O1 SO4 Z . 33.12 -7.11 36.04
O2 SO4 Z . 34.61 -8.98 35.70
O3 SO4 Z . 32.77 -8.69 34.22
O4 SO4 Z . 32.38 -9.33 36.45
S SO4 AA . 12.99 -33.55 23.20
O1 SO4 AA . 14.14 -32.79 22.72
O2 SO4 AA . 11.74 -32.94 22.73
O3 SO4 AA . 13.07 -34.93 22.72
O4 SO4 AA . 13.00 -33.56 24.67
ZN ZN BA . -13.99 -2.02 29.38
ZN ZN CA . -27.65 -29.90 33.38
S SO4 DA . -10.61 -2.66 33.35
O1 SO4 DA . -10.53 -1.34 33.97
O2 SO4 DA . -10.92 -2.63 31.91
O3 SO4 DA . -9.35 -3.37 33.55
O4 SO4 DA . -11.72 -3.37 34.00
S SO4 EA . -17.40 -3.30 36.83
O1 SO4 EA . -17.03 -1.89 36.67
O2 SO4 EA . -17.99 -3.77 35.57
O3 SO4 EA . -16.19 -4.10 37.12
O4 SO4 EA . -18.35 -3.46 37.94
S SO4 FA . -12.31 -10.72 35.62
O1 SO4 FA . -11.24 -10.80 36.63
O2 SO4 FA . -11.88 -9.98 34.44
O3 SO4 FA . -12.70 -12.06 35.16
O4 SO4 FA . -13.45 -10.03 36.26
S SO4 GA . -20.40 9.11 4.96
O1 SO4 GA . -20.30 10.27 5.84
O2 SO4 GA . -19.46 9.17 3.84
O3 SO4 GA . -20.12 7.91 5.73
O4 SO4 GA . -21.77 9.07 4.42
CL CL HA . -12.57 -23.79 9.42
ZN ZN IA . -8.79 -21.27 -39.39
ZN ZN JA . -2.91 2.46 -58.70
S SO4 KA . -7.82 -18.47 -35.06
O1 SO4 KA . -6.70 -17.96 -35.84
O2 SO4 KA . -8.56 -17.33 -34.53
O3 SO4 KA . -7.31 -19.29 -33.99
O4 SO4 KA . -8.70 -19.21 -35.97
S SO4 LA . -0.91 -18.08 -39.07
O1 SO4 LA . 0.50 -18.24 -39.47
O2 SO4 LA . -1.06 -16.85 -38.27
O3 SO4 LA . -1.33 -19.25 -38.29
O4 SO4 LA . -1.75 -18.00 -40.27
S SO4 MA . -6.44 -10.59 -38.47
O1 SO4 MA . -6.66 -9.67 -39.58
O2 SO4 MA . -5.27 -10.14 -37.65
O3 SO4 MA . -6.17 -11.94 -38.98
O4 SO4 MA . -7.63 -10.61 -37.64
S SO4 NA . -22.43 -41.90 -51.87
O1 SO4 NA . -22.49 -40.56 -51.34
O2 SO4 NA . -21.68 -41.93 -53.12
O3 SO4 NA . -21.72 -42.73 -50.92
O4 SO4 NA . -23.82 -42.38 -52.07
ZN ZN OA . -29.74 0.03 -29.21
S SO4 PA . -30.33 -2.03 -34.12
O1 SO4 PA . -29.78 -3.11 -34.94
O2 SO4 PA . -29.83 -0.77 -34.64
O3 SO4 PA . -29.82 -2.12 -32.76
O4 SO4 PA . -31.78 -2.05 -34.16
S SO4 QA . -30.88 5.56 -35.07
O1 SO4 QA . -30.35 6.66 -35.90
O2 SO4 QA . -30.20 5.52 -33.76
O3 SO4 QA . -30.67 4.30 -35.78
O4 SO4 QA . -32.31 5.78 -34.87
S SO4 RA . -23.41 1.57 -38.15
O1 SO4 RA . -22.15 2.30 -37.99
O2 SO4 RA . -23.66 1.26 -39.57
O3 SO4 RA . -23.30 0.33 -37.41
O4 SO4 RA . -24.52 2.40 -37.64
S SO4 SA . -32.51 -2.89 -2.06
O1 SO4 SA . -31.29 -2.35 -2.66
O2 SO4 SA . -33.06 -1.93 -1.10
O3 SO4 SA . -32.17 -4.16 -1.41
O4 SO4 SA . -33.52 -3.05 -3.09
S SO4 TA . -35.20 10.38 -33.89
O1 SO4 TA . -36.44 11.00 -34.39
O2 SO4 TA . -34.08 11.29 -34.14
O3 SO4 TA . -34.96 9.12 -34.62
O4 SO4 TA . -35.35 10.14 -32.46
CL CL UA . -2.62 -3.77 -17.73
#